data_5WU6
#
_entry.id   5WU6
#
_cell.length_a   142.530
_cell.length_b   142.530
_cell.length_c   282.690
_cell.angle_alpha   90.000
_cell.angle_beta   90.000
_cell.angle_gamma   90.000
#
_symmetry.space_group_name_H-M   'P 43 21 2'
#
loop_
_entity.id
_entity.type
_entity.pdbx_description
1 polymer 'Speckle targeted PIP5K1A-regulated poly(A) polymerase'
2 non-polymer 'MAGNESIUM ION'
#
_entity_poly.entity_id   1
_entity_poly.type   'polypeptide(L)'
_entity_poly.pdbx_seq_one_letter_code
;MGLRSVFVSGFPRDVDSAQLSEYFLAFGPVASVVMDKDKGVFAIVEMGDVGAREAVLSQSQHSLGGHRLRVRPREQKEFQ
SPASKSPKGAAPDSHQLAKALAEAADVGAQMIKLVGLRELSEAERQLRSLVVALMQEVFTEFFPGCVVHPFGSSINSFDV
HGCDLDLFLDLGDLEEPQPVPKLPPASPLLEDREEGDLGKASELAETPKEEKAEGAAMLELVGSILRGCVPGVYRVQTVP
SARRPVVKFAHRPSGLHGDVSLSNRLALHNSRFLSLASELDGRVRPLVYTLRAWAQGRGLSGSGPLLSNYALTLLVIYFL
QTRDPPVLPTVSQLTQKAGEGEQVEVDGWDCSFPRDASRLEPSINVEPLSSLLAQFFSAVSSWDLRGSLLSLREGQALPV
AGGLPSNLWEGLRLGPLNLQDPFDLSHNVAANVTSRVAGRLQNCCRAAANYARSLQYQRRSSRGRDWGLLPLLQPSSLEH
HHHHH
;
_entity_poly.pdbx_strand_id   A,B,C,D
#
loop_
_chem_comp.id
_chem_comp.type
_chem_comp.name
_chem_comp.formula
MG non-polymer 'MAGNESIUM ION' 'Mg 2'
#
# COMPACT_ATOMS: atom_id res chain seq x y z
N LEU A 3 -0.79 -58.08 14.60
CA LEU A 3 0.06 -58.59 13.55
C LEU A 3 1.31 -59.26 14.14
N ARG A 4 1.14 -60.48 14.62
CA ARG A 4 2.26 -61.23 15.20
C ARG A 4 2.88 -62.18 14.18
N SER A 5 2.39 -62.13 12.94
CA SER A 5 2.82 -63.07 11.91
C SER A 5 3.82 -62.43 10.95
N VAL A 6 4.76 -63.24 10.46
CA VAL A 6 5.77 -62.77 9.54
C VAL A 6 5.85 -63.61 8.26
N PHE A 7 6.13 -62.93 7.15
CA PHE A 7 6.35 -63.55 5.85
C PHE A 7 7.80 -64.02 5.76
N VAL A 8 7.99 -65.31 5.53
CA VAL A 8 9.34 -65.88 5.48
C VAL A 8 9.56 -66.69 4.19
N SER A 9 10.54 -66.30 3.40
CA SER A 9 10.82 -66.98 2.14
C SER A 9 12.32 -67.20 1.95
N GLY A 10 12.68 -68.08 1.03
CA GLY A 10 14.08 -68.27 0.67
C GLY A 10 14.75 -69.51 1.25
N PHE A 11 14.02 -70.29 2.03
CA PHE A 11 14.58 -71.51 2.60
C PHE A 11 14.70 -72.60 1.54
N PRO A 12 15.71 -73.47 1.67
CA PRO A 12 16.05 -74.46 0.64
C PRO A 12 14.92 -75.44 0.33
N ARG A 13 15.00 -76.06 -0.84
CA ARG A 13 14.04 -77.06 -1.28
C ARG A 13 14.00 -78.24 -0.29
N ASP A 14 12.80 -78.75 -0.05
CA ASP A 14 12.58 -79.88 0.85
C ASP A 14 13.10 -79.62 2.26
N VAL A 15 12.67 -78.51 2.86
CA VAL A 15 12.95 -78.24 4.27
C VAL A 15 11.64 -78.29 5.06
N ASP A 16 11.70 -78.81 6.28
CA ASP A 16 10.52 -78.99 7.11
C ASP A 16 10.05 -77.68 7.71
N SER A 17 8.74 -77.56 7.94
CA SER A 17 8.19 -76.41 8.63
C SER A 17 8.54 -76.47 10.11
N ALA A 18 8.79 -77.68 10.59
CA ALA A 18 9.24 -77.89 11.97
C ALA A 18 10.65 -77.35 12.15
N GLN A 19 11.42 -77.35 11.07
CA GLN A 19 12.78 -76.80 11.11
C GLN A 19 12.73 -75.27 11.16
N LEU A 20 11.80 -74.69 10.41
CA LEU A 20 11.58 -73.24 10.46
C LEU A 20 11.11 -72.84 11.86
N SER A 21 10.20 -73.64 12.40
CA SER A 21 9.72 -73.44 13.76
C SER A 21 10.87 -73.50 14.75
N GLU A 22 11.77 -74.46 14.56
CA GLU A 22 12.92 -74.63 15.43
C GLU A 22 13.88 -73.46 15.33
N TYR A 23 14.03 -72.92 14.12
CA TYR A 23 14.90 -71.78 13.91
C TYR A 23 14.34 -70.53 14.59
N PHE A 24 13.07 -70.24 14.34
CA PHE A 24 12.41 -69.06 14.89
C PHE A 24 12.11 -69.23 16.38
N LEU A 25 12.31 -70.43 16.89
CA LEU A 25 12.11 -70.71 18.31
C LEU A 25 13.11 -69.93 19.16
N ALA A 26 14.26 -69.63 18.58
CA ALA A 26 15.33 -68.94 19.28
C ALA A 26 14.94 -67.51 19.64
N PHE A 27 14.12 -66.89 18.80
CA PHE A 27 13.71 -65.51 19.01
C PHE A 27 12.55 -65.38 19.98
N GLY A 28 11.93 -66.51 20.32
CA GLY A 28 10.82 -66.52 21.25
C GLY A 28 9.84 -67.64 20.94
N PRO A 29 8.69 -67.63 21.61
CA PRO A 29 7.68 -68.66 21.38
C PRO A 29 7.09 -68.59 19.98
N VAL A 30 7.02 -69.73 19.30
CA VAL A 30 6.47 -69.80 17.96
C VAL A 30 5.09 -70.46 17.98
N ALA A 31 4.08 -69.72 17.54
CA ALA A 31 2.71 -70.23 17.55
C ALA A 31 2.53 -71.25 16.43
N SER A 32 2.66 -70.82 15.19
CA SER A 32 2.45 -71.73 14.07
C SER A 32 3.32 -71.43 12.86
N VAL A 33 3.56 -72.46 12.04
CA VAL A 33 4.28 -72.28 10.79
C VAL A 33 3.53 -72.97 9.65
N VAL A 34 3.11 -72.17 8.67
CA VAL A 34 2.32 -72.70 7.56
C VAL A 34 3.02 -72.51 6.22
N MET A 35 3.36 -73.62 5.58
CA MET A 35 3.98 -73.61 4.25
C MET A 35 2.93 -73.29 3.20
N ASP A 36 3.37 -72.82 2.03
CA ASP A 36 2.46 -72.59 0.92
C ASP A 36 2.11 -73.94 0.29
N LYS A 37 0.82 -74.24 0.25
CA LYS A 37 0.34 -75.59 -0.04
C LYS A 37 0.54 -76.03 -1.50
N ASP A 38 0.01 -75.25 -2.44
CA ASP A 38 0.02 -75.64 -3.85
C ASP A 38 1.29 -75.20 -4.57
N LYS A 39 2.08 -74.36 -3.90
CA LYS A 39 3.21 -73.70 -4.54
C LYS A 39 4.57 -74.17 -4.03
N GLY A 40 4.81 -74.01 -2.73
CA GLY A 40 6.17 -74.03 -2.23
C GLY A 40 6.64 -72.61 -2.04
N VAL A 41 7.95 -72.39 -2.21
CA VAL A 41 8.63 -71.11 -1.91
C VAL A 41 8.26 -70.63 -0.50
N PHE A 42 7.56 -69.49 -0.40
CA PHE A 42 7.42 -68.83 0.90
C PHE A 42 6.55 -69.59 1.90
N ALA A 43 6.46 -69.04 3.10
CA ALA A 43 5.66 -69.58 4.19
C ALA A 43 5.36 -68.49 5.22
N ILE A 44 4.32 -68.70 6.02
CA ILE A 44 3.91 -67.72 7.02
C ILE A 44 4.13 -68.24 8.43
N VAL A 45 4.83 -67.47 9.25
CA VAL A 45 5.15 -67.89 10.61
C VAL A 45 4.57 -66.95 11.65
N GLU A 46 3.59 -67.44 12.42
CA GLU A 46 3.01 -66.66 13.50
C GLU A 46 3.73 -66.93 14.82
N MET A 47 4.30 -65.88 15.38
CA MET A 47 4.95 -65.92 16.69
C MET A 47 3.94 -65.82 17.82
N GLY A 48 4.30 -66.33 18.99
CA GLY A 48 3.46 -66.24 20.16
C GLY A 48 3.29 -64.80 20.65
N ASP A 49 4.41 -64.13 20.89
CA ASP A 49 4.41 -62.76 21.37
C ASP A 49 4.64 -61.76 20.25
N VAL A 50 3.96 -60.62 20.31
CA VAL A 50 4.19 -59.54 19.35
C VAL A 50 5.61 -59.00 19.52
N GLY A 51 6.11 -59.05 20.75
CA GLY A 51 7.47 -58.65 21.04
C GLY A 51 8.48 -59.61 20.43
N ALA A 52 8.11 -60.88 20.38
CA ALA A 52 8.95 -61.89 19.76
C ALA A 52 8.97 -61.70 18.24
N ARG A 53 7.83 -61.30 17.69
CA ARG A 53 7.72 -61.00 16.27
C ARG A 53 8.59 -59.79 15.92
N GLU A 54 8.52 -58.76 16.77
CA GLU A 54 9.35 -57.58 16.60
C GLU A 54 10.82 -57.92 16.77
N ALA A 55 11.10 -58.96 17.56
CA ALA A 55 12.46 -59.43 17.77
C ALA A 55 12.96 -60.16 16.52
N VAL A 56 12.06 -60.86 15.84
CA VAL A 56 12.40 -61.52 14.58
C VAL A 56 12.66 -60.48 13.51
N LEU A 57 11.79 -59.49 13.41
CA LEU A 57 11.93 -58.43 12.42
C LEU A 57 13.13 -57.53 12.72
N SER A 58 13.54 -57.50 13.99
CA SER A 58 14.65 -56.66 14.42
C SER A 58 15.98 -57.03 13.75
N GLN A 59 16.20 -58.33 13.60
CA GLN A 59 17.43 -58.82 12.99
C GLN A 59 17.26 -58.98 11.49
N SER A 60 18.14 -58.32 10.73
CA SER A 60 18.07 -58.35 9.27
C SER A 60 18.76 -59.57 8.68
N GLN A 61 19.56 -60.24 9.50
CA GLN A 61 20.30 -61.42 9.04
C GLN A 61 19.65 -62.72 9.48
N HIS A 62 19.09 -63.45 8.52
CA HIS A 62 18.51 -64.76 8.80
C HIS A 62 19.08 -65.80 7.85
N SER A 63 19.39 -66.98 8.38
CA SER A 63 19.92 -68.05 7.55
C SER A 63 19.55 -69.43 8.10
N LEU A 64 19.25 -70.35 7.20
CA LEU A 64 19.01 -71.73 7.57
C LEU A 64 19.56 -72.69 6.52
N GLY A 65 20.30 -73.69 6.98
CA GLY A 65 20.84 -74.72 6.09
C GLY A 65 21.79 -74.19 5.03
N GLY A 66 22.33 -72.99 5.25
CA GLY A 66 23.24 -72.39 4.30
C GLY A 66 22.54 -71.49 3.30
N HIS A 67 21.24 -71.33 3.47
CA HIS A 67 20.45 -70.45 2.60
C HIS A 67 19.96 -69.24 3.38
N ARG A 68 20.17 -68.05 2.82
CA ARG A 68 19.74 -66.83 3.49
C ARG A 68 18.24 -66.63 3.35
N LEU A 69 17.58 -66.31 4.45
CA LEU A 69 16.13 -66.13 4.48
C LEU A 69 15.73 -64.66 4.42
N ARG A 70 14.68 -64.38 3.66
CA ARG A 70 14.04 -63.07 3.67
C ARG A 70 12.82 -63.11 4.59
N VAL A 71 12.85 -62.32 5.64
CA VAL A 71 11.71 -62.22 6.56
C VAL A 71 11.18 -60.79 6.58
N ARG A 72 9.97 -60.60 6.05
CA ARG A 72 9.36 -59.28 6.04
C ARG A 72 8.01 -59.33 6.76
N PRO A 73 7.62 -58.22 7.41
CA PRO A 73 6.30 -58.20 8.04
C PRO A 73 5.17 -58.31 7.01
N ARG A 74 4.25 -59.24 7.23
CA ARG A 74 3.09 -59.42 6.37
C ARG A 74 2.09 -60.40 6.98
N ASP A 93 1.16 -38.57 -3.29
CA ASP A 93 2.33 -37.78 -2.94
C ASP A 93 3.48 -38.66 -2.49
N SER A 94 3.23 -39.50 -1.49
CA SER A 94 4.24 -40.39 -0.94
C SER A 94 4.60 -41.50 -1.90
N HIS A 95 3.59 -42.04 -2.58
CA HIS A 95 3.81 -43.11 -3.56
C HIS A 95 4.61 -42.59 -4.74
N GLN A 96 4.36 -41.35 -5.11
CA GLN A 96 5.11 -40.68 -6.18
C GLN A 96 6.56 -40.55 -5.77
N LEU A 97 6.78 -40.21 -4.50
CA LEU A 97 8.12 -40.07 -3.95
C LEU A 97 8.86 -41.40 -3.98
N ALA A 98 8.21 -42.45 -3.49
CA ALA A 98 8.81 -43.79 -3.47
C ALA A 98 9.14 -44.27 -4.88
N LYS A 99 8.22 -44.04 -5.80
CA LYS A 99 8.41 -44.44 -7.19
C LYS A 99 9.59 -43.70 -7.82
N ALA A 100 9.65 -42.39 -7.60
CA ALA A 100 10.71 -41.56 -8.16
C ALA A 100 12.07 -41.93 -7.58
N LEU A 101 12.11 -42.22 -6.29
CA LEU A 101 13.36 -42.61 -5.62
C LEU A 101 13.80 -43.99 -6.07
N ALA A 102 12.84 -44.85 -6.40
CA ALA A 102 13.16 -46.18 -6.89
C ALA A 102 13.72 -46.12 -8.32
N GLU A 103 13.44 -45.02 -9.01
CA GLU A 103 13.89 -44.84 -10.39
C GLU A 103 15.30 -44.31 -10.50
N ALA A 104 15.90 -43.91 -9.38
CA ALA A 104 17.19 -43.24 -9.41
C ALA A 104 18.33 -44.22 -9.71
N ALA A 105 19.53 -43.67 -9.87
CA ALA A 105 20.72 -44.46 -10.19
C ALA A 105 21.29 -45.13 -8.95
N ASP A 106 21.45 -44.35 -7.88
CA ASP A 106 22.04 -44.84 -6.65
C ASP A 106 21.60 -44.00 -5.47
N VAL A 107 22.24 -44.20 -4.33
CA VAL A 107 21.91 -43.48 -3.10
C VAL A 107 22.00 -41.97 -3.27
N GLY A 108 23.11 -41.52 -3.86
CA GLY A 108 23.30 -40.10 -4.10
C GLY A 108 22.21 -39.51 -4.97
N ALA A 109 21.94 -40.17 -6.09
CA ALA A 109 20.88 -39.75 -7.00
C ALA A 109 19.53 -39.73 -6.28
N GLN A 110 19.34 -40.68 -5.36
CA GLN A 110 18.12 -40.72 -4.56
C GLN A 110 18.00 -39.48 -3.69
N MET A 111 19.09 -39.12 -3.00
CA MET A 111 19.10 -37.97 -2.12
C MET A 111 18.84 -36.67 -2.89
N ILE A 112 19.57 -36.50 -3.99
CA ILE A 112 19.41 -35.33 -4.85
C ILE A 112 17.98 -35.24 -5.41
N LYS A 113 17.43 -36.39 -5.79
CA LYS A 113 16.06 -36.44 -6.31
C LYS A 113 15.06 -36.05 -5.22
N LEU A 114 15.32 -36.51 -4.00
CA LEU A 114 14.49 -36.16 -2.85
C LEU A 114 14.50 -34.65 -2.65
N VAL A 115 15.69 -34.06 -2.70
CA VAL A 115 15.82 -32.61 -2.63
C VAL A 115 14.99 -31.92 -3.70
N GLY A 116 15.17 -32.34 -4.95
CA GLY A 116 14.45 -31.76 -6.06
C GLY A 116 12.95 -31.85 -5.95
N LEU A 117 12.46 -32.94 -5.37
CA LEU A 117 11.03 -33.16 -5.24
C LEU A 117 10.42 -32.38 -4.08
N ARG A 118 11.10 -32.36 -2.94
CA ARG A 118 10.55 -31.70 -1.75
C ARG A 118 10.73 -30.18 -1.75
N GLU A 119 11.76 -29.69 -2.44
CA GLU A 119 12.06 -28.26 -2.43
C GLU A 119 10.97 -27.44 -3.13
N LEU A 120 10.85 -26.19 -2.73
CA LEU A 120 9.86 -25.29 -3.31
C LEU A 120 10.20 -24.97 -4.76
N SER A 121 9.17 -24.99 -5.61
CA SER A 121 9.32 -24.57 -6.99
C SER A 121 9.50 -23.06 -7.04
N GLU A 122 10.09 -22.55 -8.12
CA GLU A 122 10.37 -21.13 -8.26
C GLU A 122 9.12 -20.28 -8.09
N ALA A 123 8.00 -20.79 -8.61
CA ALA A 123 6.73 -20.10 -8.50
C ALA A 123 6.32 -19.89 -7.04
N GLU A 124 6.53 -20.91 -6.22
CA GLU A 124 6.20 -20.82 -4.80
C GLU A 124 7.08 -19.80 -4.08
N ARG A 125 8.37 -19.79 -4.42
CA ARG A 125 9.32 -18.87 -3.81
C ARG A 125 8.98 -17.42 -4.15
N GLN A 126 8.73 -17.17 -5.43
CA GLN A 126 8.39 -15.83 -5.89
C GLN A 126 7.04 -15.40 -5.34
N LEU A 127 6.14 -16.37 -5.16
CA LEU A 127 4.85 -16.11 -4.53
C LEU A 127 5.05 -15.65 -3.09
N ARG A 128 5.97 -16.33 -2.40
CA ARG A 128 6.32 -15.98 -1.03
C ARG A 128 6.89 -14.57 -0.97
N SER A 129 7.80 -14.25 -1.87
CA SER A 129 8.39 -12.92 -1.91
C SER A 129 7.33 -11.84 -2.19
N LEU A 130 6.37 -12.19 -3.04
CA LEU A 130 5.26 -11.29 -3.34
C LEU A 130 4.42 -11.02 -2.09
N VAL A 131 4.09 -12.08 -1.36
CA VAL A 131 3.33 -11.95 -0.13
C VAL A 131 4.08 -11.09 0.89
N VAL A 132 5.37 -11.36 1.06
CA VAL A 132 6.23 -10.57 1.92
C VAL A 132 6.19 -9.10 1.52
N ALA A 133 6.22 -8.83 0.23
CA ALA A 133 6.12 -7.47 -0.29
C ALA A 133 4.80 -6.82 0.10
N LEU A 134 3.72 -7.58 0.02
CA LEU A 134 2.39 -7.09 0.41
C LEU A 134 2.39 -6.70 1.89
N MET A 135 2.80 -7.64 2.74
CA MET A 135 2.90 -7.42 4.18
C MET A 135 3.71 -6.15 4.49
N GLN A 136 4.85 -6.03 3.82
CA GLN A 136 5.73 -4.87 4.00
C GLN A 136 5.03 -3.58 3.62
N GLU A 137 4.39 -3.56 2.46
CA GLU A 137 3.73 -2.36 1.97
C GLU A 137 2.57 -1.94 2.87
N VAL A 138 1.95 -2.91 3.54
CA VAL A 138 0.87 -2.59 4.48
C VAL A 138 1.43 -2.09 5.81
N PHE A 139 2.48 -2.73 6.29
CA PHE A 139 3.05 -2.40 7.60
C PHE A 139 3.81 -1.07 7.61
N THR A 140 4.36 -0.68 6.46
CA THR A 140 5.16 0.53 6.38
C THR A 140 4.35 1.77 6.72
N GLU A 141 3.06 1.75 6.41
CA GLU A 141 2.20 2.90 6.66
C GLU A 141 1.92 3.07 8.15
N PHE A 142 1.81 1.95 8.87
CA PHE A 142 1.58 1.99 10.31
C PHE A 142 2.88 2.27 11.08
N PHE A 143 3.96 1.65 10.64
CA PHE A 143 5.26 1.83 11.25
C PHE A 143 6.26 2.31 10.22
N PRO A 144 6.41 3.63 10.08
CA PRO A 144 7.33 4.20 9.10
C PRO A 144 8.77 3.72 9.32
N GLY A 145 9.40 3.21 8.27
CA GLY A 145 10.76 2.73 8.35
C GLY A 145 10.88 1.28 8.76
N CYS A 146 9.75 0.62 9.01
CA CYS A 146 9.77 -0.78 9.44
C CYS A 146 10.20 -1.67 8.28
N VAL A 147 10.86 -2.78 8.62
CA VAL A 147 11.31 -3.73 7.60
C VAL A 147 10.86 -5.15 7.93
N VAL A 148 10.20 -5.80 6.97
CA VAL A 148 9.76 -7.17 7.16
C VAL A 148 10.80 -8.15 6.60
N HIS A 149 11.42 -8.91 7.50
CA HIS A 149 12.44 -9.88 7.12
C HIS A 149 11.88 -11.30 7.16
N PRO A 150 11.80 -11.95 5.99
CA PRO A 150 11.48 -13.38 6.00
C PRO A 150 12.61 -14.17 6.63
N PHE A 151 12.30 -15.13 7.48
CA PHE A 151 13.34 -15.90 8.15
C PHE A 151 12.93 -17.36 8.32
N GLY A 152 13.90 -18.19 8.69
CA GLY A 152 13.67 -19.60 8.91
C GLY A 152 13.50 -20.40 7.64
N SER A 153 12.46 -21.24 7.62
CA SER A 153 12.27 -22.26 6.59
C SER A 153 12.33 -21.75 5.16
N SER A 154 11.85 -20.54 4.92
CA SER A 154 11.78 -20.01 3.56
C SER A 154 13.15 -19.67 2.99
N ILE A 155 13.94 -18.92 3.74
CA ILE A 155 15.18 -18.36 3.20
C ILE A 155 16.46 -19.15 3.48
N ASN A 156 16.37 -20.24 4.23
CA ASN A 156 17.56 -21.02 4.56
C ASN A 156 17.88 -22.09 3.52
N SER A 157 17.05 -22.13 2.46
CA SER A 157 17.19 -23.07 1.36
C SER A 157 17.07 -24.53 1.79
N PHE A 158 16.49 -24.75 2.96
CA PHE A 158 16.08 -26.08 3.40
C PHE A 158 14.57 -26.24 3.21
N ASP A 159 13.96 -25.23 2.59
CA ASP A 159 12.52 -25.15 2.40
C ASP A 159 11.90 -26.38 1.73
N VAL A 160 10.69 -26.72 2.19
CA VAL A 160 9.92 -27.81 1.61
C VAL A 160 8.52 -27.31 1.23
N HIS A 161 7.81 -28.11 0.44
CA HIS A 161 6.47 -27.75 -0.02
C HIS A 161 5.51 -27.47 1.14
N GLY A 162 4.80 -26.35 1.05
CA GLY A 162 3.80 -25.98 2.04
C GLY A 162 4.37 -25.63 3.40
N CYS A 163 5.64 -25.25 3.45
CA CYS A 163 6.28 -24.89 4.69
C CYS A 163 5.78 -23.53 5.17
N ASP A 164 5.93 -23.27 6.46
CA ASP A 164 5.50 -22.01 7.06
C ASP A 164 6.27 -20.81 6.50
N LEU A 165 5.60 -19.66 6.45
CA LEU A 165 6.28 -18.41 6.11
C LEU A 165 6.43 -17.57 7.38
N ASP A 166 7.64 -17.49 7.89
CA ASP A 166 7.88 -16.77 9.14
C ASP A 166 8.46 -15.40 8.88
N LEU A 167 7.80 -14.37 9.40
CA LEU A 167 8.22 -12.99 9.18
C LEU A 167 8.63 -12.32 10.48
N PHE A 168 9.68 -11.51 10.40
CA PHE A 168 10.16 -10.74 11.54
C PHE A 168 10.02 -9.26 11.25
N LEU A 169 9.35 -8.55 12.16
CA LEU A 169 9.06 -7.13 11.92
C LEU A 169 10.05 -6.24 12.67
N ASP A 170 10.93 -5.60 11.91
CA ASP A 170 11.99 -4.78 12.48
C ASP A 170 11.58 -3.31 12.52
N LEU A 171 11.61 -2.74 13.73
CA LEU A 171 11.20 -1.36 13.92
C LEU A 171 12.37 -0.47 14.32
N LYS A 212 7.54 -5.77 28.85
CA LYS A 212 6.91 -6.82 28.06
C LYS A 212 5.41 -6.55 27.88
N ALA A 213 4.91 -5.53 28.56
CA ALA A 213 3.53 -5.10 28.41
C ALA A 213 3.35 -4.35 27.10
N GLU A 214 4.29 -3.45 26.82
CA GLU A 214 4.31 -2.71 25.57
C GLU A 214 4.48 -3.66 24.39
N GLY A 215 5.19 -4.76 24.62
CA GLY A 215 5.37 -5.78 23.62
C GLY A 215 4.07 -6.50 23.30
N ALA A 216 3.26 -6.72 24.33
CA ALA A 216 1.97 -7.36 24.18
C ALA A 216 0.99 -6.43 23.46
N ALA A 217 1.04 -5.15 23.82
CA ALA A 217 0.20 -4.14 23.18
C ALA A 217 0.55 -4.01 21.70
N MET A 218 1.85 -3.94 21.42
CA MET A 218 2.34 -3.86 20.04
C MET A 218 1.95 -5.10 19.25
N LEU A 219 2.04 -6.26 19.90
CA LEU A 219 1.68 -7.53 19.29
C LEU A 219 0.21 -7.53 18.89
N GLU A 220 -0.64 -7.08 19.81
CA GLU A 220 -2.07 -6.98 19.54
C GLU A 220 -2.37 -5.99 18.43
N LEU A 221 -1.57 -4.92 18.37
CA LEU A 221 -1.71 -3.94 17.30
C LEU A 221 -1.41 -4.57 15.94
N VAL A 222 -0.30 -5.31 15.89
CA VAL A 222 0.07 -6.04 14.67
C VAL A 222 -1.03 -7.00 14.26
N GLY A 223 -1.57 -7.72 15.24
CA GLY A 223 -2.69 -8.63 14.99
C GLY A 223 -3.88 -7.92 14.41
N SER A 224 -4.15 -6.71 14.91
CA SER A 224 -5.25 -5.89 14.42
C SER A 224 -5.02 -5.47 12.97
N ILE A 225 -3.79 -5.09 12.67
CA ILE A 225 -3.42 -4.69 11.32
C ILE A 225 -3.60 -5.85 10.34
N LEU A 226 -3.09 -7.02 10.72
CA LEU A 226 -3.25 -8.22 9.91
C LEU A 226 -4.72 -8.57 9.73
N ARG A 227 -5.51 -8.31 10.77
CA ARG A 227 -6.93 -8.62 10.76
C ARG A 227 -7.71 -7.75 9.78
N GLY A 228 -7.59 -6.43 9.92
CA GLY A 228 -8.45 -5.51 9.19
C GLY A 228 -7.89 -4.78 7.99
N CYS A 229 -6.57 -4.83 7.79
CA CYS A 229 -5.95 -3.99 6.76
C CYS A 229 -5.51 -4.77 5.52
N VAL A 230 -4.43 -5.54 5.65
CA VAL A 230 -3.90 -6.30 4.52
C VAL A 230 -4.94 -7.29 4.01
N PRO A 231 -5.29 -7.17 2.71
CA PRO A 231 -6.34 -7.98 2.09
C PRO A 231 -5.92 -9.43 1.84
N GLY A 232 -6.87 -10.35 2.02
CA GLY A 232 -6.64 -11.75 1.69
C GLY A 232 -6.23 -12.63 2.84
N VAL A 233 -5.70 -12.03 3.90
CA VAL A 233 -5.22 -12.81 5.03
C VAL A 233 -6.30 -13.04 6.07
N TYR A 234 -6.49 -14.31 6.44
CA TYR A 234 -7.43 -14.69 7.48
C TYR A 234 -6.70 -15.53 8.53
N ARG A 235 -7.45 -16.07 9.50
CA ARG A 235 -6.85 -16.82 10.60
C ARG A 235 -5.76 -16.04 11.33
N VAL A 236 -6.14 -14.94 11.97
CA VAL A 236 -5.19 -14.12 12.71
C VAL A 236 -5.32 -14.34 14.21
N GLN A 237 -4.26 -14.87 14.82
CA GLN A 237 -4.28 -15.18 16.25
C GLN A 237 -3.03 -14.68 16.96
N THR A 238 -3.22 -13.80 17.95
CA THR A 238 -2.10 -13.26 18.71
C THR A 238 -1.70 -14.20 19.85
N VAL A 239 -0.42 -14.54 19.91
CA VAL A 239 0.10 -15.43 20.94
C VAL A 239 1.27 -14.79 21.71
N PRO A 240 0.94 -13.96 22.71
CA PRO A 240 1.88 -13.35 23.67
C PRO A 240 2.42 -14.34 24.69
N SER A 241 1.75 -15.49 24.81
CA SER A 241 1.94 -16.40 25.93
C SER A 241 3.06 -17.41 25.72
N ALA A 242 3.81 -17.25 24.63
CA ALA A 242 4.85 -18.21 24.26
C ALA A 242 6.24 -17.60 24.43
N ARG A 243 7.23 -18.46 24.58
CA ARG A 243 8.63 -18.04 24.81
C ARG A 243 9.05 -16.95 23.83
N ARG A 244 8.70 -17.13 22.55
CA ARG A 244 8.81 -16.06 21.59
C ARG A 244 7.41 -15.66 21.12
N PRO A 245 6.93 -14.49 21.57
CA PRO A 245 5.59 -13.99 21.22
C PRO A 245 5.43 -13.85 19.72
N VAL A 246 4.30 -14.31 19.18
CA VAL A 246 4.14 -14.33 17.73
C VAL A 246 2.67 -14.20 17.32
N VAL A 247 2.45 -13.64 16.14
CA VAL A 247 1.09 -13.53 15.60
C VAL A 247 0.90 -14.45 14.40
N LYS A 248 0.06 -15.47 14.57
CA LYS A 248 -0.22 -16.41 13.50
C LYS A 248 -1.17 -15.81 12.47
N PHE A 249 -0.86 -16.01 11.19
CA PHE A 249 -1.67 -15.49 10.10
C PHE A 249 -1.74 -16.47 8.94
N ALA A 250 -2.80 -16.38 8.15
CA ALA A 250 -2.92 -17.18 6.94
C ALA A 250 -3.43 -16.34 5.77
N HIS A 251 -2.63 -16.26 4.72
CA HIS A 251 -3.01 -15.56 3.50
C HIS A 251 -3.71 -16.50 2.53
N ARG A 252 -4.99 -16.24 2.30
CA ARG A 252 -5.84 -17.12 1.49
C ARG A 252 -5.47 -17.20 0.00
N PRO A 253 -5.23 -16.04 -0.67
CA PRO A 253 -4.92 -16.14 -2.11
C PRO A 253 -3.69 -16.98 -2.42
N SER A 254 -2.62 -16.79 -1.66
CA SER A 254 -1.39 -17.55 -1.88
C SER A 254 -1.44 -18.90 -1.18
N GLY A 255 -2.46 -19.10 -0.34
CA GLY A 255 -2.61 -20.33 0.40
C GLY A 255 -1.46 -20.57 1.36
N LEU A 256 -1.02 -19.51 2.01
CA LEU A 256 0.14 -19.58 2.89
C LEU A 256 -0.26 -19.39 4.36
N HIS A 257 0.53 -19.94 5.27
CA HIS A 257 0.34 -19.71 6.68
C HIS A 257 1.68 -19.49 7.37
N GLY A 258 1.70 -18.66 8.40
CA GLY A 258 2.95 -18.40 9.09
C GLY A 258 2.85 -17.56 10.36
N ASP A 259 4.00 -17.20 10.90
CA ASP A 259 4.08 -16.45 12.15
C ASP A 259 4.81 -15.13 11.96
N VAL A 260 4.28 -14.07 12.57
CA VAL A 260 4.93 -12.77 12.57
C VAL A 260 5.47 -12.44 13.96
N SER A 261 6.79 -12.34 14.06
CA SER A 261 7.44 -12.09 15.34
C SER A 261 7.95 -10.66 15.44
N LEU A 262 7.77 -10.04 16.61
CA LEU A 262 8.20 -8.66 16.80
C LEU A 262 9.72 -8.54 16.84
N SER A 263 10.38 -9.27 17.73
CA SER A 263 11.82 -9.45 17.57
C SER A 263 12.24 -10.90 17.67
N ASN A 264 12.54 -11.49 16.52
CA ASN A 264 13.25 -12.77 16.43
C ASN A 264 14.70 -12.57 15.99
N ARG A 265 15.13 -11.32 15.90
CA ARG A 265 16.17 -10.87 14.96
C ARG A 265 17.38 -11.78 14.79
N LEU A 266 17.94 -12.25 15.90
CA LEU A 266 19.11 -13.13 15.85
C LEU A 266 18.87 -14.32 14.91
N ALA A 267 17.70 -14.94 15.05
CA ALA A 267 17.32 -16.08 14.23
C ALA A 267 17.44 -15.81 12.74
N LEU A 268 17.13 -14.57 12.33
CA LEU A 268 17.26 -14.17 10.94
C LEU A 268 18.66 -14.49 10.45
N HIS A 269 19.66 -13.99 11.17
CA HIS A 269 21.06 -14.26 10.82
C HIS A 269 21.33 -15.76 10.77
N ASN A 270 20.77 -16.49 11.74
CA ASN A 270 20.92 -17.94 11.74
C ASN A 270 20.53 -18.50 10.38
N SER A 271 19.35 -18.11 9.91
CA SER A 271 18.85 -18.57 8.61
C SER A 271 19.89 -18.29 7.53
N ARG A 272 20.40 -17.06 7.52
CA ARG A 272 21.39 -16.65 6.53
C ARG A 272 22.58 -17.60 6.59
N PHE A 273 23.05 -17.89 7.80
CA PHE A 273 24.17 -18.80 7.99
C PHE A 273 23.87 -20.14 7.32
N LEU A 274 22.69 -20.68 7.60
CA LEU A 274 22.28 -21.96 7.02
C LEU A 274 22.38 -21.90 5.51
N SER A 275 21.84 -20.82 4.94
CA SER A 275 21.91 -20.62 3.49
C SER A 275 23.35 -20.69 3.02
N LEU A 276 24.23 -19.96 3.69
CA LEU A 276 25.64 -19.93 3.33
C LEU A 276 26.21 -21.34 3.31
N ALA A 277 25.82 -22.14 4.30
CA ALA A 277 26.32 -23.50 4.40
C ALA A 277 25.96 -24.27 3.13
N SER A 278 24.73 -24.08 2.68
CA SER A 278 24.25 -24.79 1.50
C SER A 278 25.04 -24.36 0.27
N GLU A 279 25.53 -23.12 0.29
CA GLU A 279 26.32 -22.61 -0.82
C GLU A 279 27.78 -23.03 -0.73
N LEU A 280 28.20 -23.41 0.48
CA LEU A 280 29.61 -23.76 0.71
C LEU A 280 29.95 -25.15 0.19
N ASP A 281 28.97 -26.04 0.20
CA ASP A 281 29.17 -27.39 -0.32
C ASP A 281 27.86 -27.95 -0.89
N GLY A 282 27.97 -28.77 -1.93
CA GLY A 282 26.79 -29.26 -2.62
C GLY A 282 26.13 -30.47 -1.99
N ARG A 283 26.83 -31.10 -1.03
CA ARG A 283 26.32 -32.29 -0.37
C ARG A 283 25.42 -31.94 0.82
N VAL A 284 25.49 -30.69 1.25
CA VAL A 284 24.78 -30.23 2.43
C VAL A 284 23.27 -30.38 2.28
N ARG A 285 22.71 -29.86 1.19
CA ARG A 285 21.26 -29.96 0.98
C ARG A 285 20.75 -31.40 0.84
N PRO A 286 21.44 -32.25 0.05
CA PRO A 286 20.99 -33.65 0.04
C PRO A 286 21.03 -34.30 1.42
N LEU A 287 22.13 -34.12 2.15
CA LEU A 287 22.26 -34.71 3.47
C LEU A 287 21.19 -34.23 4.44
N VAL A 288 21.00 -32.92 4.50
CA VAL A 288 20.04 -32.33 5.45
C VAL A 288 18.60 -32.69 5.09
N TYR A 289 18.27 -32.67 3.80
CA TYR A 289 16.92 -33.05 3.38
C TYR A 289 16.64 -34.51 3.73
N THR A 290 17.57 -35.38 3.38
CA THR A 290 17.42 -36.81 3.63
C THR A 290 17.30 -37.11 5.12
N LEU A 291 18.18 -36.50 5.92
CA LEU A 291 18.17 -36.72 7.36
C LEU A 291 16.95 -36.09 8.02
N ARG A 292 16.42 -35.04 7.42
CA ARG A 292 15.19 -34.43 7.89
C ARG A 292 14.04 -35.40 7.71
N ALA A 293 13.92 -35.92 6.49
CA ALA A 293 12.87 -36.89 6.17
C ALA A 293 13.00 -38.13 7.05
N TRP A 294 14.23 -38.56 7.31
CA TRP A 294 14.48 -39.73 8.13
C TRP A 294 14.08 -39.50 9.59
N ALA A 295 14.50 -38.36 10.14
CA ALA A 295 14.19 -38.02 11.53
C ALA A 295 12.68 -37.86 11.72
N GLN A 296 12.01 -37.30 10.72
CA GLN A 296 10.56 -37.19 10.76
C GLN A 296 9.92 -38.56 10.60
N GLY A 297 10.65 -39.48 9.97
CA GLY A 297 10.18 -40.84 9.78
C GLY A 297 10.22 -41.65 11.07
N ARG A 298 11.31 -41.50 11.83
CA ARG A 298 11.49 -42.25 13.06
C ARG A 298 10.82 -41.58 14.25
N GLY A 299 10.22 -40.42 14.03
CA GLY A 299 9.60 -39.67 15.11
C GLY A 299 10.62 -39.00 16.00
N LEU A 300 11.73 -38.59 15.42
CA LEU A 300 12.82 -37.95 16.14
C LEU A 300 12.70 -36.43 16.06
N SER A 301 12.72 -35.89 14.84
CA SER A 301 12.46 -34.46 14.63
C SER A 301 11.02 -34.11 15.01
N GLY A 302 10.81 -32.91 15.56
CA GLY A 302 9.47 -32.51 15.94
C GLY A 302 9.32 -31.24 16.78
N SER A 303 8.20 -31.18 17.51
CA SER A 303 7.77 -29.99 18.25
C SER A 303 8.21 -30.01 19.71
N GLY A 304 7.79 -31.05 20.43
CA GLY A 304 8.00 -31.17 21.86
C GLY A 304 9.41 -31.68 22.11
N PRO A 305 9.59 -32.58 23.08
CA PRO A 305 10.90 -33.14 23.44
C PRO A 305 11.69 -33.64 22.22
N LEU A 306 10.99 -33.88 21.13
CA LEU A 306 11.60 -34.18 19.83
C LEU A 306 12.50 -33.04 19.34
N LEU A 307 13.52 -33.37 18.56
CA LEU A 307 14.42 -32.37 18.01
C LEU A 307 13.70 -31.44 17.03
N SER A 308 14.07 -30.16 17.04
CA SER A 308 13.56 -29.22 16.05
C SER A 308 14.30 -29.40 14.73
N ASN A 309 13.67 -28.99 13.63
CA ASN A 309 14.30 -29.06 12.32
C ASN A 309 15.60 -28.26 12.28
N TYR A 310 15.60 -27.12 12.98
CA TYR A 310 16.78 -26.28 13.06
C TYR A 310 17.91 -26.97 13.79
N ALA A 311 17.59 -27.61 14.91
CA ALA A 311 18.59 -28.33 15.69
C ALA A 311 19.16 -29.50 14.90
N LEU A 312 18.29 -30.20 14.17
CA LEU A 312 18.72 -31.31 13.33
C LEU A 312 19.67 -30.83 12.23
N THR A 313 19.28 -29.75 11.57
CA THR A 313 20.11 -29.15 10.53
C THR A 313 21.47 -28.76 11.09
N LEU A 314 21.46 -28.17 12.28
CA LEU A 314 22.69 -27.80 12.97
C LEU A 314 23.54 -29.02 13.29
N LEU A 315 22.89 -30.13 13.59
CA LEU A 315 23.58 -31.37 13.91
C LEU A 315 24.27 -31.93 12.67
N VAL A 316 23.56 -31.89 11.54
CA VAL A 316 24.13 -32.34 10.27
C VAL A 316 25.32 -31.47 9.86
N ILE A 317 25.15 -30.16 9.99
CA ILE A 317 26.21 -29.22 9.67
C ILE A 317 27.43 -29.45 10.55
N TYR A 318 27.19 -29.68 11.84
CA TYR A 318 28.26 -29.98 12.78
C TYR A 318 29.01 -31.25 12.36
N PHE A 319 28.25 -32.29 12.03
CA PHE A 319 28.82 -33.54 11.54
C PHE A 319 29.71 -33.29 10.33
N LEU A 320 29.25 -32.44 9.42
CA LEU A 320 30.05 -32.10 8.24
C LEU A 320 31.30 -31.31 8.62
N GLN A 321 31.21 -30.56 9.71
CA GLN A 321 32.37 -29.82 10.21
C GLN A 321 33.41 -30.72 10.85
N THR A 322 32.96 -31.87 11.36
CA THR A 322 33.84 -32.75 12.12
C THR A 322 34.51 -33.86 11.29
N ARG A 323 34.27 -33.86 9.98
CA ARG A 323 34.88 -34.88 9.11
C ARG A 323 36.39 -34.67 9.00
N ASP A 324 37.12 -35.73 8.65
CA ASP A 324 38.58 -35.68 8.65
C ASP A 324 39.10 -34.56 7.73
N PRO A 325 38.85 -34.62 6.41
CA PRO A 325 38.81 -33.27 5.85
C PRO A 325 37.47 -32.65 6.21
N PRO A 326 37.46 -31.36 6.61
CA PRO A 326 36.16 -30.74 6.88
C PRO A 326 35.34 -30.53 5.61
N VAL A 327 34.05 -30.89 5.65
CA VAL A 327 33.16 -30.62 4.53
C VAL A 327 32.72 -29.17 4.58
N LEU A 328 32.44 -28.70 5.79
CA LEU A 328 32.16 -27.29 6.04
C LEU A 328 33.18 -26.75 7.03
N PRO A 329 33.48 -25.45 6.93
CA PRO A 329 34.41 -24.86 7.91
C PRO A 329 33.71 -24.57 9.23
N THR A 330 34.48 -24.12 10.22
CA THR A 330 33.90 -23.72 11.48
C THR A 330 33.34 -22.30 11.36
N VAL A 331 32.36 -21.98 12.19
CA VAL A 331 31.74 -20.65 12.14
C VAL A 331 32.75 -19.56 12.49
N SER A 332 33.69 -19.89 13.37
CA SER A 332 34.75 -18.95 13.74
C SER A 332 35.61 -18.62 12.52
N GLN A 333 35.92 -19.63 11.72
CA GLN A 333 36.68 -19.45 10.48
C GLN A 333 35.94 -18.51 9.54
N LEU A 334 34.62 -18.64 9.48
CA LEU A 334 33.80 -17.76 8.67
C LEU A 334 33.83 -16.34 9.20
N THR A 335 33.81 -16.20 10.52
CA THR A 335 33.88 -14.89 11.16
C THR A 335 35.21 -14.22 10.83
N GLN A 336 36.27 -15.01 10.76
CA GLN A 336 37.59 -14.50 10.40
C GLN A 336 37.61 -13.99 8.96
N LYS A 337 36.79 -14.59 8.11
CA LYS A 337 36.76 -14.25 6.70
C LYS A 337 35.70 -13.20 6.37
N ALA A 338 35.03 -12.69 7.41
CA ALA A 338 33.95 -11.71 7.23
C ALA A 338 34.38 -10.49 6.43
N GLY A 339 35.25 -9.67 7.02
CA GLY A 339 35.73 -8.47 6.35
C GLY A 339 35.01 -7.21 6.80
N GLU A 340 35.47 -6.07 6.30
CA GLU A 340 34.90 -4.78 6.69
C GLU A 340 33.49 -4.60 6.13
N GLY A 341 32.61 -4.01 6.95
CA GLY A 341 31.25 -3.72 6.52
C GLY A 341 30.32 -4.91 6.68
N GLU A 342 30.90 -6.10 6.79
CA GLU A 342 30.11 -7.31 7.02
C GLU A 342 30.06 -7.63 8.50
N GLN A 343 30.70 -6.77 9.31
CA GLN A 343 30.74 -6.96 10.74
C GLN A 343 29.40 -6.57 11.36
N VAL A 344 28.79 -7.52 12.06
CA VAL A 344 27.49 -7.30 12.68
C VAL A 344 27.40 -8.06 14.01
N GLU A 345 26.81 -7.42 15.02
CA GLU A 345 26.58 -8.08 16.29
C GLU A 345 25.11 -7.98 16.72
N VAL A 346 24.63 -9.01 17.39
CA VAL A 346 23.27 -9.02 17.91
C VAL A 346 23.28 -9.48 19.37
N ASP A 347 22.83 -8.60 20.25
CA ASP A 347 22.77 -8.88 21.69
C ASP A 347 24.13 -9.29 22.26
N GLY A 348 25.19 -8.73 21.70
CA GLY A 348 26.53 -8.99 22.19
C GLY A 348 27.25 -10.12 21.49
N TRP A 349 26.50 -10.88 20.68
CA TRP A 349 27.08 -12.01 19.95
C TRP A 349 27.52 -11.57 18.56
N ASP A 350 28.66 -12.09 18.11
CA ASP A 350 29.14 -11.76 16.77
C ASP A 350 28.41 -12.59 15.74
N CYS A 351 27.66 -11.92 14.88
CA CYS A 351 26.87 -12.59 13.84
C CYS A 351 27.55 -12.51 12.46
N SER A 352 28.73 -11.92 12.40
CA SER A 352 29.36 -11.65 11.10
C SER A 352 29.90 -12.90 10.40
N PHE A 353 29.78 -12.88 9.07
CA PHE A 353 30.28 -13.95 8.19
C PHE A 353 30.04 -13.51 6.74
N PRO A 354 30.84 -14.05 5.79
CA PRO A 354 30.81 -13.62 4.39
C PRO A 354 29.43 -13.64 3.74
N ARG A 355 29.20 -12.71 2.81
CA ARG A 355 27.93 -12.62 2.10
C ARG A 355 27.80 -13.74 1.08
N ASP A 356 28.86 -13.96 0.31
CA ASP A 356 28.87 -15.00 -0.71
C ASP A 356 29.97 -16.04 -0.43
N ALA A 357 29.71 -17.27 -0.84
CA ALA A 357 30.65 -18.36 -0.60
C ALA A 357 31.67 -18.48 -1.72
N SER A 358 31.58 -17.59 -2.70
CA SER A 358 32.45 -17.65 -3.88
C SER A 358 33.90 -17.34 -3.54
N ARG A 359 34.12 -16.41 -2.61
CA ARG A 359 35.47 -16.00 -2.26
C ARG A 359 36.07 -16.89 -1.17
N LEU A 360 35.30 -17.89 -0.75
CA LEU A 360 35.79 -18.86 0.24
C LEU A 360 36.30 -20.12 -0.44
N GLU A 361 37.41 -20.65 0.07
CA GLU A 361 38.03 -21.86 -0.48
C GLU A 361 37.09 -23.05 -0.36
N PRO A 362 37.16 -23.98 -1.34
CA PRO A 362 36.28 -25.15 -1.36
C PRO A 362 36.69 -26.21 -0.34
N SER A 363 35.94 -27.31 -0.29
CA SER A 363 36.25 -28.41 0.60
C SER A 363 37.07 -29.49 -0.11
N ILE A 364 38.13 -29.94 0.54
CA ILE A 364 38.99 -30.98 -0.03
C ILE A 364 38.46 -32.37 0.29
N ASN A 365 37.30 -32.42 0.96
CA ASN A 365 36.68 -33.68 1.33
C ASN A 365 35.98 -34.31 0.12
N VAL A 366 36.43 -35.51 -0.25
CA VAL A 366 35.96 -36.17 -1.47
C VAL A 366 34.84 -37.20 -1.21
N GLU A 367 34.48 -37.38 0.06
CA GLU A 367 33.46 -38.36 0.45
C GLU A 367 32.14 -38.20 -0.29
N PRO A 368 31.64 -39.28 -0.91
CA PRO A 368 30.34 -39.30 -1.59
C PRO A 368 29.18 -39.24 -0.60
N LEU A 369 27.99 -38.93 -1.11
CA LEU A 369 26.79 -38.77 -0.27
C LEU A 369 26.45 -40.00 0.56
N SER A 370 26.58 -41.19 -0.05
CA SER A 370 26.29 -42.44 0.63
C SER A 370 27.17 -42.62 1.86
N SER A 371 28.48 -42.52 1.63
CA SER A 371 29.46 -42.67 2.70
C SER A 371 29.26 -41.64 3.80
N LEU A 372 28.88 -40.42 3.41
CA LEU A 372 28.64 -39.37 4.38
C LEU A 372 27.40 -39.62 5.22
N LEU A 373 26.37 -40.22 4.61
CA LEU A 373 25.15 -40.56 5.32
C LEU A 373 25.41 -41.67 6.35
N ALA A 374 26.04 -42.75 5.87
CA ALA A 374 26.41 -43.86 6.74
C ALA A 374 27.31 -43.37 7.89
N GLN A 375 28.28 -42.54 7.54
CA GLN A 375 29.18 -41.97 8.54
C GLN A 375 28.42 -41.09 9.53
N PHE A 376 27.35 -40.45 9.07
CA PHE A 376 26.53 -39.65 9.97
C PHE A 376 25.87 -40.55 11.00
N PHE A 377 25.19 -41.58 10.52
CA PHE A 377 24.53 -42.51 11.44
C PHE A 377 25.52 -43.09 12.45
N SER A 378 26.64 -43.60 11.95
CA SER A 378 27.65 -44.22 12.79
C SER A 378 28.22 -43.25 13.82
N ALA A 379 28.64 -42.07 13.36
CA ALA A 379 29.26 -41.08 14.24
C ALA A 379 28.29 -40.58 15.31
N VAL A 380 27.07 -40.25 14.90
CA VAL A 380 26.08 -39.76 15.86
C VAL A 380 25.76 -40.84 16.88
N SER A 381 25.68 -42.09 16.44
CA SER A 381 25.43 -43.18 17.37
C SER A 381 26.62 -43.38 18.31
N SER A 382 27.82 -43.08 17.84
CA SER A 382 29.04 -43.31 18.63
C SER A 382 29.37 -42.20 19.62
N TRP A 383 28.77 -41.02 19.44
CA TRP A 383 29.10 -39.86 20.26
C TRP A 383 28.62 -39.97 21.70
N ASP A 384 29.25 -39.20 22.59
CA ASP A 384 28.78 -39.08 23.96
C ASP A 384 28.03 -37.76 24.09
N LEU A 385 26.71 -37.85 24.18
CA LEU A 385 25.85 -36.68 24.08
C LEU A 385 25.77 -35.86 25.37
N ARG A 386 25.56 -36.56 26.49
CA ARG A 386 25.34 -35.89 27.76
C ARG A 386 26.58 -35.19 28.28
N GLY A 387 27.75 -35.76 28.02
CA GLY A 387 28.99 -35.22 28.54
C GLY A 387 29.72 -34.30 27.58
N SER A 388 29.08 -33.96 26.46
CA SER A 388 29.72 -33.11 25.47
C SER A 388 28.81 -31.99 24.98
N LEU A 389 29.40 -30.82 24.79
CA LEU A 389 28.73 -29.69 24.16
C LEU A 389 29.23 -29.56 22.73
N LEU A 390 28.37 -29.84 21.76
CA LEU A 390 28.79 -29.79 20.36
C LEU A 390 28.84 -28.34 19.89
N SER A 391 30.03 -27.92 19.46
CA SER A 391 30.26 -26.53 19.08
C SER A 391 30.41 -26.35 17.58
N LEU A 392 29.53 -25.54 17.01
CA LEU A 392 29.62 -25.20 15.59
C LEU A 392 30.67 -24.11 15.35
N ARG A 393 30.85 -23.24 16.34
CA ARG A 393 31.84 -22.17 16.24
C ARG A 393 33.25 -22.72 16.14
N GLU A 394 33.58 -23.67 17.01
CA GLU A 394 34.89 -24.28 17.01
C GLU A 394 34.91 -25.59 16.23
N GLY A 395 33.74 -25.99 15.74
CA GLY A 395 33.60 -27.19 14.94
C GLY A 395 34.11 -28.45 15.61
N GLN A 396 33.65 -28.69 16.85
CA GLN A 396 34.16 -29.81 17.65
C GLN A 396 33.42 -29.95 18.97
N ALA A 397 33.63 -31.09 19.63
CA ALA A 397 32.95 -31.38 20.89
C ALA A 397 33.76 -30.90 22.08
N LEU A 398 33.18 -29.97 22.84
CA LEU A 398 33.83 -29.45 24.04
C LEU A 398 33.34 -30.22 25.26
N PRO A 399 34.27 -30.83 26.01
CA PRO A 399 33.93 -31.67 27.16
C PRO A 399 33.20 -30.90 28.25
N VAL A 400 32.07 -31.44 28.71
CA VAL A 400 31.29 -30.79 29.76
C VAL A 400 31.94 -30.99 31.13
N ALA A 401 32.34 -32.22 31.43
CA ALA A 401 33.06 -32.48 32.67
C ALA A 401 34.50 -32.03 32.46
N GLY A 402 34.90 -31.02 33.23
CA GLY A 402 36.14 -30.33 32.97
C GLY A 402 35.83 -29.31 31.89
N GLY A 403 36.54 -28.18 31.90
CA GLY A 403 36.32 -27.16 30.89
C GLY A 403 35.13 -26.27 31.18
N LEU A 404 34.22 -26.78 32.01
CA LEU A 404 33.06 -26.04 32.54
C LEU A 404 32.44 -25.04 31.56
N PRO A 405 31.79 -25.56 30.49
CA PRO A 405 31.18 -24.71 29.45
C PRO A 405 30.07 -23.83 29.99
N SER A 406 29.57 -24.14 31.18
CA SER A 406 28.48 -23.39 31.79
C SER A 406 28.99 -22.19 32.59
N ASN A 407 30.30 -22.12 32.81
CA ASN A 407 30.89 -21.00 33.54
C ASN A 407 30.91 -19.74 32.69
N LEU A 408 31.73 -19.74 31.63
CA LEU A 408 31.58 -18.73 30.59
C LEU A 408 30.35 -19.12 29.79
N TRP A 409 29.78 -18.17 29.04
CA TRP A 409 28.49 -18.37 28.38
C TRP A 409 27.44 -18.72 29.43
N GLU A 410 27.16 -17.75 30.31
CA GLU A 410 26.23 -17.98 31.41
C GLU A 410 24.80 -18.10 30.90
N GLY A 411 24.06 -19.06 31.45
CA GLY A 411 22.68 -19.28 31.04
C GLY A 411 22.57 -20.44 30.08
N LEU A 412 23.68 -21.12 29.84
CA LEU A 412 23.70 -22.27 28.95
C LEU A 412 23.03 -23.47 29.61
N ARG A 413 22.04 -24.04 28.92
CA ARG A 413 21.27 -25.15 29.45
C ARG A 413 21.82 -26.48 28.94
N LEU A 414 22.40 -27.28 29.82
CA LEU A 414 22.94 -28.57 29.43
C LEU A 414 21.93 -29.69 29.71
N GLY A 415 22.29 -30.91 29.34
CA GLY A 415 21.37 -32.03 29.49
C GLY A 415 21.67 -33.19 28.56
N PRO A 416 20.65 -34.01 28.28
CA PRO A 416 20.74 -35.22 27.44
C PRO A 416 21.42 -34.98 26.10
N LEU A 417 21.09 -33.87 25.44
CA LEU A 417 21.73 -33.52 24.17
C LEU A 417 22.11 -32.04 24.15
N ASN A 418 23.39 -31.76 23.92
CA ASN A 418 23.89 -30.40 23.94
C ASN A 418 24.45 -29.96 22.60
N LEU A 419 23.77 -29.01 21.96
CA LEU A 419 24.18 -28.51 20.66
C LEU A 419 24.16 -26.98 20.66
N GLN A 420 25.33 -26.38 20.49
CA GLN A 420 25.46 -24.93 20.67
C GLN A 420 25.14 -24.15 19.39
N ASP A 421 24.34 -23.11 19.54
CA ASP A 421 24.01 -22.20 18.45
C ASP A 421 25.28 -21.51 17.97
N PRO A 422 25.46 -21.40 16.64
CA PRO A 422 26.67 -20.84 16.03
C PRO A 422 26.97 -19.39 16.40
N PHE A 423 25.98 -18.66 16.91
CA PHE A 423 26.17 -17.24 17.20
C PHE A 423 25.92 -16.92 18.67
N ASP A 424 24.70 -17.17 19.12
CA ASP A 424 24.39 -17.02 20.55
C ASP A 424 24.89 -18.28 21.24
N LEU A 425 25.87 -18.12 22.13
CA LEU A 425 26.55 -19.27 22.71
C LEU A 425 25.99 -19.68 24.05
N SER A 426 25.00 -18.94 24.54
CA SER A 426 24.32 -19.29 25.77
C SER A 426 23.10 -20.14 25.45
N HIS A 427 22.89 -20.39 24.16
CA HIS A 427 21.71 -21.09 23.69
C HIS A 427 22.01 -22.51 23.22
N ASN A 428 21.42 -23.48 23.92
CA ASN A 428 21.45 -24.86 23.49
C ASN A 428 20.16 -25.17 22.71
N VAL A 429 20.29 -25.42 21.41
CA VAL A 429 19.13 -25.64 20.56
C VAL A 429 18.48 -26.99 20.86
N ALA A 430 19.25 -27.88 21.48
CA ALA A 430 18.78 -29.21 21.84
C ALA A 430 18.32 -29.30 23.29
N ALA A 431 18.33 -28.16 23.99
CA ALA A 431 18.02 -28.11 25.42
C ALA A 431 16.65 -28.71 25.75
N ASN A 432 15.72 -28.67 24.81
CA ASN A 432 14.39 -29.20 25.02
C ASN A 432 14.34 -30.72 24.95
N VAL A 433 15.31 -31.31 24.25
CA VAL A 433 15.36 -32.75 24.07
C VAL A 433 15.54 -33.49 25.39
N THR A 434 14.65 -34.44 25.65
CA THR A 434 14.70 -35.24 26.87
C THR A 434 15.64 -36.43 26.70
N SER A 435 15.79 -37.22 27.76
CA SER A 435 16.68 -38.38 27.74
C SER A 435 16.20 -39.44 26.76
N ARG A 436 14.90 -39.68 26.75
CA ARG A 436 14.32 -40.72 25.90
C ARG A 436 14.54 -40.39 24.43
N VAL A 437 14.37 -39.12 24.07
CA VAL A 437 14.54 -38.68 22.69
C VAL A 437 15.99 -38.82 22.23
N ALA A 438 16.93 -38.46 23.12
CA ALA A 438 18.34 -38.56 22.81
C ALA A 438 18.78 -40.02 22.63
N GLY A 439 18.43 -40.85 23.62
CA GLY A 439 18.76 -42.25 23.58
C GLY A 439 18.16 -42.95 22.37
N ARG A 440 16.92 -42.58 22.04
CA ARG A 440 16.24 -43.17 20.90
C ARG A 440 16.84 -42.67 19.59
N LEU A 441 17.37 -41.45 19.61
CA LEU A 441 18.09 -40.90 18.48
C LEU A 441 19.34 -41.73 18.21
N GLN A 442 20.13 -41.96 19.25
CA GLN A 442 21.35 -42.75 19.10
C GLN A 442 21.07 -44.20 18.72
N ASN A 443 19.96 -44.74 19.23
CA ASN A 443 19.55 -46.10 18.89
C ASN A 443 19.16 -46.23 17.42
N CYS A 444 18.30 -45.32 16.97
CA CYS A 444 17.88 -45.29 15.57
C CYS A 444 19.08 -45.07 14.66
N CYS A 445 20.02 -44.26 15.12
CA CYS A 445 21.24 -44.02 14.37
C CYS A 445 22.09 -45.27 14.26
N ARG A 446 22.16 -46.04 15.34
CA ARG A 446 22.90 -47.30 15.34
C ARG A 446 22.26 -48.29 14.36
N ALA A 447 20.93 -48.37 14.42
CA ALA A 447 20.16 -49.19 13.49
C ALA A 447 20.45 -48.83 12.04
N ALA A 448 20.17 -47.59 11.68
CA ALA A 448 20.39 -47.09 10.32
C ALA A 448 21.84 -47.29 9.87
N ALA A 449 22.78 -47.17 10.80
CA ALA A 449 24.20 -47.37 10.49
C ALA A 449 24.46 -48.83 10.13
N ASN A 450 23.89 -49.75 10.91
CA ASN A 450 24.01 -51.16 10.60
C ASN A 450 23.32 -51.53 9.30
N TYR A 451 22.26 -50.80 8.96
CA TYR A 451 21.56 -51.01 7.70
C TYR A 451 22.38 -50.53 6.51
N ALA A 452 23.09 -49.42 6.70
CA ALA A 452 23.87 -48.82 5.63
C ALA A 452 25.07 -49.67 5.24
N ARG A 453 25.36 -50.69 6.05
CA ARG A 453 26.48 -51.57 5.78
C ARG A 453 26.03 -52.81 4.99
N SER A 454 24.74 -52.85 4.67
CA SER A 454 24.17 -53.97 3.94
C SER A 454 24.23 -53.78 2.43
N LEU A 455 23.76 -54.78 1.69
CA LEU A 455 23.73 -54.70 0.22
C LEU A 455 22.44 -54.05 -0.28
N GLN A 456 21.48 -53.89 0.60
CA GLN A 456 20.20 -53.29 0.23
C GLN A 456 20.34 -51.77 0.11
N TYR A 457 21.17 -51.20 0.98
CA TYR A 457 21.43 -49.77 0.95
C TYR A 457 22.40 -49.39 -0.17
N GLN A 458 23.47 -50.15 -0.29
CA GLN A 458 24.57 -49.82 -1.20
C GLN A 458 24.18 -49.93 -2.68
N ARG A 459 23.37 -50.91 -3.02
CA ARG A 459 23.07 -51.17 -4.43
C ARG A 459 21.58 -51.08 -4.75
N ARG A 460 21.28 -50.92 -6.03
CA ARG A 460 19.91 -50.80 -6.52
C ARG A 460 19.21 -52.16 -6.48
N SER A 461 17.93 -52.19 -6.87
CA SER A 461 17.18 -53.42 -6.96
C SER A 461 16.82 -53.73 -8.41
N SER A 462 16.78 -55.01 -8.76
CA SER A 462 16.46 -55.42 -10.12
C SER A 462 15.03 -55.03 -10.52
N ARG A 463 14.04 -55.54 -9.79
CA ARG A 463 12.65 -55.16 -10.03
C ARG A 463 11.83 -54.99 -8.75
N GLY A 464 11.33 -53.77 -8.53
CA GLY A 464 10.27 -53.53 -7.57
C GLY A 464 10.60 -53.50 -6.09
N ARG A 465 11.79 -53.96 -5.71
CA ARG A 465 12.15 -54.03 -4.30
C ARG A 465 12.67 -52.69 -3.79
N ASP A 466 12.31 -52.35 -2.55
CA ASP A 466 12.79 -51.13 -1.93
C ASP A 466 14.28 -51.21 -1.66
N TRP A 467 15.01 -50.22 -2.12
CA TRP A 467 16.46 -50.20 -1.99
C TRP A 467 16.96 -48.83 -1.57
N GLY A 468 18.12 -48.78 -0.94
CA GLY A 468 18.73 -47.53 -0.54
C GLY A 468 17.95 -46.76 0.50
N LEU A 469 17.56 -45.54 0.17
CA LEU A 469 16.88 -44.64 1.09
C LEU A 469 15.47 -45.07 1.49
N LEU A 470 14.79 -45.81 0.61
CA LEU A 470 13.37 -46.14 0.80
C LEU A 470 13.04 -46.83 2.13
N PRO A 471 13.86 -47.80 2.58
CA PRO A 471 13.57 -48.35 3.91
C PRO A 471 13.75 -47.33 5.04
N LEU A 472 14.62 -46.35 4.84
CA LEU A 472 14.89 -45.34 5.86
C LEU A 472 13.80 -44.27 5.94
N LEU A 473 13.07 -44.09 4.84
CA LEU A 473 12.07 -43.02 4.77
C LEU A 473 10.65 -43.50 5.08
N GLN A 474 10.50 -44.80 5.32
CA GLN A 474 9.19 -45.35 5.67
C GLN A 474 8.95 -45.31 7.18
N PRO A 475 7.68 -45.26 7.60
CA PRO A 475 7.35 -45.25 9.03
C PRO A 475 7.74 -46.55 9.72
N LEU B 3 27.67 -35.61 -52.12
CA LEU B 3 27.99 -37.01 -51.91
C LEU B 3 27.45 -37.88 -53.04
N ARG B 4 28.32 -38.67 -53.65
CA ARG B 4 27.93 -39.59 -54.70
C ARG B 4 27.70 -41.00 -54.16
N SER B 5 27.88 -41.17 -52.85
CA SER B 5 27.84 -42.48 -52.23
C SER B 5 26.57 -42.75 -51.44
N VAL B 6 26.14 -44.01 -51.41
CA VAL B 6 24.96 -44.42 -50.66
C VAL B 6 25.21 -45.68 -49.84
N PHE B 7 24.46 -45.81 -48.74
CA PHE B 7 24.53 -46.96 -47.85
C PHE B 7 23.41 -47.95 -48.18
N VAL B 8 23.79 -49.18 -48.51
CA VAL B 8 22.81 -50.19 -48.90
C VAL B 8 22.94 -51.45 -48.05
N SER B 9 21.88 -51.83 -47.36
CA SER B 9 21.90 -53.01 -46.52
C SER B 9 20.74 -53.95 -46.86
N GLY B 10 20.82 -55.20 -46.39
CA GLY B 10 19.73 -56.13 -46.57
C GLY B 10 19.96 -57.17 -47.66
N PHE B 11 21.05 -57.03 -48.39
CA PHE B 11 21.39 -58.00 -49.43
C PHE B 11 21.77 -59.34 -48.79
N PRO B 12 21.63 -60.44 -49.55
CA PRO B 12 21.95 -61.77 -49.02
C PRO B 12 23.43 -61.97 -48.70
N ARG B 13 23.79 -63.20 -48.35
CA ARG B 13 25.16 -63.53 -47.99
C ARG B 13 26.05 -63.59 -49.23
N ASP B 14 25.73 -64.53 -50.12
CA ASP B 14 26.58 -64.86 -51.27
C ASP B 14 26.69 -63.77 -52.34
N VAL B 15 25.88 -62.72 -52.24
CA VAL B 15 25.83 -61.70 -53.29
C VAL B 15 27.15 -60.94 -53.44
N ASP B 16 27.67 -60.91 -54.67
CA ASP B 16 28.91 -60.20 -54.99
C ASP B 16 28.69 -58.70 -55.09
N SER B 17 29.75 -57.92 -54.91
CA SER B 17 29.70 -56.48 -55.07
C SER B 17 29.37 -56.10 -56.52
N ALA B 18 29.81 -56.93 -57.46
CA ALA B 18 29.55 -56.72 -58.87
C ALA B 18 28.06 -56.83 -59.18
N GLN B 19 27.35 -57.67 -58.42
CA GLN B 19 25.92 -57.80 -58.55
C GLN B 19 25.22 -56.50 -58.16
N LEU B 20 25.66 -55.92 -57.05
CA LEU B 20 25.14 -54.65 -56.58
C LEU B 20 25.40 -53.54 -57.59
N SER B 21 26.65 -53.50 -58.09
CA SER B 21 27.05 -52.52 -59.08
C SER B 21 26.17 -52.61 -60.32
N GLU B 22 25.97 -53.83 -60.81
CA GLU B 22 25.15 -54.06 -61.99
C GLU B 22 23.68 -53.73 -61.72
N TYR B 23 23.27 -53.84 -60.46
CA TYR B 23 21.91 -53.47 -60.08
C TYR B 23 21.72 -51.95 -60.15
N PHE B 24 22.62 -51.22 -59.51
CA PHE B 24 22.50 -49.77 -59.44
C PHE B 24 22.92 -49.11 -60.76
N LEU B 25 23.45 -49.89 -61.68
CA LEU B 25 23.81 -49.39 -63.00
C LEU B 25 22.56 -48.91 -63.75
N ALA B 26 21.41 -49.49 -63.42
CA ALA B 26 20.15 -49.13 -64.05
C ALA B 26 19.76 -47.69 -63.74
N PHE B 27 20.22 -47.19 -62.60
CA PHE B 27 19.95 -45.83 -62.18
C PHE B 27 20.92 -44.85 -62.85
N GLY B 28 22.21 -45.01 -62.58
CA GLY B 28 23.21 -44.19 -63.22
C GLY B 28 24.57 -44.85 -63.22
N PRO B 29 25.59 -44.11 -63.68
CA PRO B 29 26.97 -44.60 -63.65
C PRO B 29 27.44 -44.87 -62.22
N VAL B 30 28.07 -46.02 -62.00
CA VAL B 30 28.50 -46.40 -60.67
C VAL B 30 30.03 -46.39 -60.55
N ALA B 31 30.55 -45.43 -59.81
CA ALA B 31 31.98 -45.34 -59.55
C ALA B 31 32.50 -46.58 -58.83
N SER B 32 32.07 -46.80 -57.59
CA SER B 32 32.63 -47.90 -56.81
C SER B 32 31.62 -48.62 -55.91
N VAL B 33 32.00 -49.80 -55.44
CA VAL B 33 31.22 -50.54 -54.46
C VAL B 33 32.14 -51.12 -53.39
N VAL B 34 31.88 -50.79 -52.13
CA VAL B 34 32.77 -51.20 -51.04
C VAL B 34 32.04 -52.07 -50.01
N MET B 35 32.72 -53.11 -49.52
CA MET B 35 32.17 -54.01 -48.52
C MET B 35 33.15 -54.24 -47.38
N ASP B 36 32.68 -54.82 -46.28
CA ASP B 36 33.53 -55.10 -45.13
C ASP B 36 33.91 -56.58 -45.08
N LYS B 37 35.14 -56.87 -44.66
CA LYS B 37 35.66 -58.23 -44.68
C LYS B 37 35.18 -59.09 -43.51
N ASP B 38 35.17 -58.53 -42.30
CA ASP B 38 34.83 -59.31 -41.11
C ASP B 38 33.50 -58.88 -40.50
N LYS B 39 32.53 -59.80 -40.52
CA LYS B 39 31.18 -59.59 -40.00
C LYS B 39 30.50 -58.42 -40.69
N GLY B 40 30.99 -58.08 -41.88
CA GLY B 40 30.38 -57.01 -42.64
C GLY B 40 29.06 -57.38 -43.27
N VAL B 41 28.02 -56.63 -42.95
CA VAL B 41 26.86 -56.58 -43.83
C VAL B 41 26.52 -55.12 -44.08
N PHE B 42 26.87 -54.66 -45.27
CA PHE B 42 26.52 -53.35 -45.81
C PHE B 42 27.28 -53.17 -47.11
N ALA B 43 26.87 -52.19 -47.91
CA ALA B 43 27.57 -51.88 -49.14
C ALA B 43 27.58 -50.38 -49.35
N ILE B 44 28.75 -49.84 -49.64
CA ILE B 44 28.86 -48.42 -49.95
C ILE B 44 28.99 -48.24 -51.45
N VAL B 45 27.94 -47.73 -52.07
CA VAL B 45 27.92 -47.59 -53.52
C VAL B 45 28.10 -46.14 -53.92
N GLU B 46 29.28 -45.82 -54.46
CA GLU B 46 29.54 -44.47 -54.96
C GLU B 46 29.16 -44.38 -56.41
N MET B 47 28.15 -43.55 -56.70
CA MET B 47 27.67 -43.31 -58.05
C MET B 47 28.60 -42.37 -58.81
N GLY B 48 28.53 -42.42 -60.14
CA GLY B 48 29.32 -41.52 -60.96
C GLY B 48 28.88 -40.07 -60.80
N ASP B 49 27.58 -39.83 -60.94
CA ASP B 49 27.02 -38.49 -60.82
C ASP B 49 26.15 -38.37 -59.58
N VAL B 50 26.08 -37.16 -59.03
CA VAL B 50 25.27 -36.91 -57.84
C VAL B 50 23.79 -37.04 -58.17
N GLY B 51 23.42 -36.71 -59.41
CA GLY B 51 22.04 -36.81 -59.86
C GLY B 51 21.56 -38.24 -59.85
N ALA B 52 22.42 -39.16 -60.27
CA ALA B 52 22.11 -40.59 -60.24
C ALA B 52 22.00 -41.09 -58.80
N ARG B 53 22.85 -40.55 -57.94
CA ARG B 53 22.84 -40.89 -56.52
C ARG B 53 21.54 -40.46 -55.88
N GLU B 54 20.99 -39.33 -56.35
CA GLU B 54 19.71 -38.84 -55.86
C GLU B 54 18.57 -39.57 -56.57
N ALA B 55 18.89 -40.23 -57.68
CA ALA B 55 17.91 -41.04 -58.40
C ALA B 55 17.71 -42.38 -57.71
N VAL B 56 18.78 -42.88 -57.11
CA VAL B 56 18.72 -44.14 -56.36
C VAL B 56 17.88 -43.98 -55.09
N LEU B 57 18.10 -42.88 -54.38
CA LEU B 57 17.36 -42.61 -53.16
C LEU B 57 15.93 -42.19 -53.43
N SER B 58 15.64 -41.90 -54.70
CA SER B 58 14.30 -41.49 -55.11
C SER B 58 13.30 -42.64 -55.04
N GLN B 59 13.72 -43.80 -55.53
CA GLN B 59 12.86 -44.97 -55.55
C GLN B 59 12.83 -45.66 -54.19
N SER B 60 11.64 -45.83 -53.63
CA SER B 60 11.47 -46.41 -52.31
C SER B 60 11.61 -47.93 -52.33
N GLN B 61 11.38 -48.52 -53.51
CA GLN B 61 11.39 -49.98 -53.63
C GLN B 61 12.65 -50.49 -54.31
N HIS B 62 13.50 -51.16 -53.53
CA HIS B 62 14.71 -51.80 -54.06
C HIS B 62 14.73 -53.27 -53.70
N SER B 63 15.06 -54.12 -54.67
CA SER B 63 15.11 -55.56 -54.43
C SER B 63 16.21 -56.22 -55.27
N LEU B 64 16.88 -57.19 -54.67
CA LEU B 64 17.90 -57.95 -55.37
C LEU B 64 17.83 -59.44 -54.99
N GLY B 65 17.70 -60.29 -56.02
CA GLY B 65 17.71 -61.72 -55.84
C GLY B 65 16.63 -62.25 -54.91
N GLY B 66 15.49 -61.57 -54.87
CA GLY B 66 14.38 -61.99 -54.04
C GLY B 66 14.53 -61.51 -52.61
N HIS B 67 15.53 -60.68 -52.36
CA HIS B 67 15.74 -60.09 -51.04
C HIS B 67 15.60 -58.58 -51.13
N ARG B 68 14.73 -58.00 -50.31
CA ARG B 68 14.48 -56.57 -50.38
C ARG B 68 15.62 -55.75 -49.79
N LEU B 69 16.17 -54.86 -50.60
CA LEU B 69 17.22 -53.94 -50.18
C LEU B 69 16.67 -52.74 -49.41
N ARG B 70 17.52 -52.18 -48.56
CA ARG B 70 17.22 -50.94 -47.85
C ARG B 70 18.34 -49.94 -48.12
N VAL B 71 18.00 -48.81 -48.74
CA VAL B 71 18.99 -47.82 -49.14
C VAL B 71 18.79 -46.48 -48.44
N ARG B 72 19.87 -45.93 -47.88
CA ARG B 72 19.83 -44.65 -47.19
C ARG B 72 21.07 -43.83 -47.50
N PRO B 73 20.98 -42.50 -47.40
CA PRO B 73 22.16 -41.65 -47.61
C PRO B 73 23.13 -41.72 -46.42
N ASP B 93 9.06 -31.73 -18.48
CA ASP B 93 9.76 -31.25 -19.66
C ASP B 93 10.78 -32.27 -20.15
N SER B 94 11.01 -32.29 -21.46
CA SER B 94 11.97 -33.18 -22.11
C SER B 94 11.72 -34.66 -21.77
N HIS B 95 12.77 -35.33 -21.30
CA HIS B 95 12.74 -36.77 -21.03
C HIS B 95 11.57 -37.17 -20.13
N GLN B 96 11.42 -36.46 -19.02
CA GLN B 96 10.36 -36.75 -18.05
C GLN B 96 8.97 -36.65 -18.66
N LEU B 97 8.83 -35.86 -19.72
CA LEU B 97 7.55 -35.70 -20.39
C LEU B 97 7.20 -36.97 -21.16
N ALA B 98 8.21 -37.65 -21.69
CA ALA B 98 7.99 -38.85 -22.48
C ALA B 98 7.52 -40.03 -21.65
N LYS B 99 8.31 -40.35 -20.61
CA LYS B 99 8.06 -41.54 -19.80
C LYS B 99 6.67 -41.55 -19.19
N ALA B 100 6.26 -40.39 -18.66
CA ALA B 100 4.95 -40.26 -18.01
C ALA B 100 3.82 -40.60 -18.98
N LEU B 101 4.05 -40.40 -20.28
CA LEU B 101 3.06 -40.72 -21.28
C LEU B 101 3.04 -42.22 -21.58
N ALA B 102 4.20 -42.85 -21.52
CA ALA B 102 4.31 -44.28 -21.82
C ALA B 102 3.70 -45.11 -20.70
N GLU B 103 3.87 -44.63 -19.47
CA GLU B 103 3.40 -45.32 -18.28
C GLU B 103 1.89 -45.60 -18.25
N ALA B 104 1.11 -44.52 -18.17
CA ALA B 104 -0.30 -44.63 -17.76
C ALA B 104 -1.27 -45.10 -18.83
N ALA B 105 -1.91 -46.23 -18.55
CA ALA B 105 -3.15 -46.67 -19.21
C ALA B 105 -3.15 -46.58 -20.74
N ASP B 106 -4.12 -45.83 -21.26
CA ASP B 106 -4.39 -45.75 -22.70
C ASP B 106 -4.12 -44.35 -23.27
N VAL B 107 -4.46 -44.18 -24.54
CA VAL B 107 -4.24 -42.92 -25.26
C VAL B 107 -4.91 -41.72 -24.60
N GLY B 108 -6.17 -41.87 -24.22
CA GLY B 108 -6.90 -40.81 -23.54
C GLY B 108 -6.19 -40.37 -22.28
N ALA B 109 -5.73 -41.36 -21.51
CA ALA B 109 -4.97 -41.11 -20.30
C ALA B 109 -3.67 -40.37 -20.62
N GLN B 110 -3.10 -40.65 -21.79
CA GLN B 110 -1.89 -39.97 -22.23
C GLN B 110 -2.18 -38.49 -22.51
N MET B 111 -3.31 -38.23 -23.17
CA MET B 111 -3.71 -36.86 -23.49
C MET B 111 -3.97 -36.07 -22.21
N ILE B 112 -4.75 -36.65 -21.29
CA ILE B 112 -5.06 -36.02 -20.03
C ILE B 112 -3.79 -35.76 -19.20
N LYS B 113 -2.91 -36.76 -19.17
CA LYS B 113 -1.64 -36.64 -18.45
C LYS B 113 -0.79 -35.53 -19.06
N LEU B 114 -0.85 -35.39 -20.38
CA LEU B 114 -0.14 -34.33 -21.08
C LEU B 114 -0.67 -32.98 -20.63
N VAL B 115 -1.99 -32.86 -20.57
CA VAL B 115 -2.63 -31.63 -20.09
C VAL B 115 -2.17 -31.29 -18.68
N GLY B 116 -2.22 -32.27 -17.79
CA GLY B 116 -1.80 -32.08 -16.41
C GLY B 116 -0.33 -31.70 -16.29
N LEU B 117 0.48 -32.22 -17.20
CA LEU B 117 1.92 -31.96 -17.18
C LEU B 117 2.27 -30.56 -17.65
N ARG B 118 1.63 -30.12 -18.75
CA ARG B 118 2.02 -28.86 -19.37
C ARG B 118 1.27 -27.64 -18.86
N GLU B 119 0.21 -27.82 -18.08
CA GLU B 119 -0.60 -26.68 -17.65
C GLU B 119 0.05 -25.92 -16.49
N LEU B 120 -0.57 -24.83 -16.08
CA LEU B 120 -0.01 -23.99 -15.03
C LEU B 120 -0.33 -24.54 -13.65
N SER B 121 0.69 -24.58 -12.78
CA SER B 121 0.50 -24.98 -11.39
C SER B 121 -0.27 -23.92 -10.64
N GLU B 122 -0.87 -24.31 -9.52
CA GLU B 122 -1.65 -23.39 -8.68
C GLU B 122 -0.82 -22.18 -8.27
N ALA B 123 0.44 -22.42 -7.95
CA ALA B 123 1.36 -21.36 -7.54
C ALA B 123 1.55 -20.32 -8.64
N GLU B 124 1.69 -20.79 -9.88
CA GLU B 124 1.85 -19.88 -11.02
C GLU B 124 0.60 -19.01 -11.22
N ARG B 125 -0.56 -19.63 -11.05
CA ARG B 125 -1.83 -18.93 -11.20
C ARG B 125 -1.99 -17.86 -10.13
N GLN B 126 -1.71 -18.23 -8.88
CA GLN B 126 -1.80 -17.28 -7.77
C GLN B 126 -0.80 -16.14 -7.96
N LEU B 127 0.37 -16.49 -8.50
CA LEU B 127 1.40 -15.51 -8.79
C LEU B 127 0.92 -14.48 -9.79
N ARG B 128 0.40 -14.97 -10.92
CA ARG B 128 -0.18 -14.11 -11.94
C ARG B 128 -1.27 -13.23 -11.36
N SER B 129 -2.12 -13.82 -10.52
CA SER B 129 -3.19 -13.08 -9.85
C SER B 129 -2.65 -11.92 -9.04
N LEU B 130 -1.59 -12.18 -8.27
CA LEU B 130 -1.00 -11.14 -7.43
C LEU B 130 -0.35 -10.04 -8.26
N VAL B 131 0.30 -10.42 -9.37
CA VAL B 131 0.90 -9.42 -10.26
C VAL B 131 -0.18 -8.51 -10.85
N VAL B 132 -1.24 -9.13 -11.37
CA VAL B 132 -2.38 -8.40 -11.90
C VAL B 132 -2.95 -7.49 -10.82
N ALA B 133 -2.91 -7.95 -9.57
CA ALA B 133 -3.36 -7.14 -8.44
C ALA B 133 -2.49 -5.89 -8.27
N LEU B 134 -1.18 -6.07 -8.40
CA LEU B 134 -0.24 -4.95 -8.38
C LEU B 134 -0.59 -3.90 -9.43
N MET B 135 -0.54 -4.34 -10.70
CA MET B 135 -0.87 -3.48 -11.83
C MET B 135 -2.20 -2.76 -11.60
N GLN B 136 -3.17 -3.52 -11.12
CA GLN B 136 -4.50 -2.99 -10.83
C GLN B 136 -4.46 -1.87 -9.81
N GLU B 137 -3.72 -2.10 -8.72
CA GLU B 137 -3.62 -1.09 -7.68
C GLU B 137 -3.03 0.21 -8.21
N VAL B 138 -1.88 0.10 -8.89
CA VAL B 138 -1.21 1.30 -9.40
C VAL B 138 -2.07 2.06 -10.41
N PHE B 139 -2.57 1.34 -11.41
CA PHE B 139 -3.39 1.94 -12.45
C PHE B 139 -4.67 2.55 -11.88
N THR B 140 -5.26 1.91 -10.89
CA THR B 140 -6.45 2.43 -10.23
C THR B 140 -6.09 3.72 -9.51
N GLU B 141 -4.90 3.77 -8.93
CA GLU B 141 -4.45 4.97 -8.26
C GLU B 141 -4.26 6.10 -9.28
N PHE B 142 -3.93 5.75 -10.51
CA PHE B 142 -3.84 6.76 -11.57
C PHE B 142 -5.19 7.01 -12.25
N PHE B 143 -5.71 5.99 -12.94
CA PHE B 143 -7.01 6.10 -13.57
C PHE B 143 -8.10 5.47 -12.71
N PRO B 144 -8.95 6.32 -12.12
CA PRO B 144 -10.02 5.84 -11.22
C PRO B 144 -11.06 4.99 -11.94
N GLY B 145 -11.40 3.85 -11.35
CA GLY B 145 -12.44 3.00 -11.90
C GLY B 145 -11.98 2.12 -13.04
N CYS B 146 -10.71 2.20 -13.40
CA CYS B 146 -10.15 1.40 -14.47
C CYS B 146 -10.09 -0.07 -14.07
N VAL B 147 -10.13 -0.97 -15.05
CA VAL B 147 -10.07 -2.40 -14.76
C VAL B 147 -8.98 -3.09 -15.58
N VAL B 148 -8.19 -3.94 -14.92
CA VAL B 148 -7.15 -4.70 -15.62
C VAL B 148 -7.62 -6.12 -15.90
N HIS B 149 -7.85 -6.43 -17.17
CA HIS B 149 -8.34 -7.74 -17.57
C HIS B 149 -7.24 -8.62 -18.14
N PRO B 150 -6.84 -9.66 -17.40
CA PRO B 150 -5.91 -10.65 -17.98
C PRO B 150 -6.56 -11.40 -19.12
N PHE B 151 -5.87 -11.52 -20.25
CA PHE B 151 -6.40 -12.27 -21.38
C PHE B 151 -5.31 -13.12 -22.02
N GLY B 152 -5.64 -13.80 -23.10
CA GLY B 152 -4.68 -14.66 -23.78
C GLY B 152 -4.55 -16.01 -23.12
N SER B 153 -3.34 -16.54 -23.12
CA SER B 153 -3.05 -17.89 -22.61
C SER B 153 -3.56 -18.10 -21.19
N SER B 154 -3.46 -17.07 -20.36
CA SER B 154 -3.83 -17.16 -18.95
C SER B 154 -5.26 -17.65 -18.72
N ILE B 155 -6.25 -16.88 -19.18
CA ILE B 155 -7.64 -17.13 -18.81
C ILE B 155 -8.44 -18.00 -19.77
N ASN B 156 -7.85 -18.42 -20.88
CA ASN B 156 -8.56 -19.29 -21.83
C ASN B 156 -8.43 -20.76 -21.44
N SER B 157 -7.71 -21.00 -20.36
CA SER B 157 -7.49 -22.33 -19.78
C SER B 157 -6.82 -23.30 -20.75
N PHE B 158 -6.16 -22.75 -21.77
CA PHE B 158 -5.27 -23.52 -22.63
C PHE B 158 -3.82 -23.29 -22.24
N ASP B 159 -3.64 -22.56 -21.14
CA ASP B 159 -2.32 -22.11 -20.67
C ASP B 159 -1.28 -23.21 -20.49
N VAL B 160 -0.04 -22.87 -20.81
CA VAL B 160 1.10 -23.74 -20.59
C VAL B 160 2.14 -23.04 -19.73
N HIS B 161 3.08 -23.81 -19.17
CA HIS B 161 4.13 -23.27 -18.32
C HIS B 161 4.90 -22.13 -18.99
N GLY B 162 5.13 -21.06 -18.25
CA GLY B 162 5.91 -19.94 -18.73
C GLY B 162 5.27 -19.15 -19.84
N CYS B 163 3.94 -19.20 -19.92
CA CYS B 163 3.22 -18.48 -20.96
C CYS B 163 3.25 -16.98 -20.69
N ASP B 164 3.06 -16.19 -21.73
CA ASP B 164 3.02 -14.73 -21.61
C ASP B 164 1.83 -14.28 -20.78
N LEU B 165 2.02 -13.23 -19.99
CA LEU B 165 0.91 -12.62 -19.28
C LEU B 165 0.48 -11.35 -20.01
N ASP B 166 -0.67 -11.41 -20.66
CA ASP B 166 -1.16 -10.28 -21.44
C ASP B 166 -2.32 -9.59 -20.72
N LEU B 167 -2.19 -8.27 -20.57
CA LEU B 167 -3.19 -7.50 -19.83
C LEU B 167 -3.87 -6.46 -20.71
N PHE B 168 -5.18 -6.33 -20.53
CA PHE B 168 -5.96 -5.31 -21.22
C PHE B 168 -6.41 -4.24 -20.21
N LEU B 169 -5.98 -3.01 -20.44
CA LEU B 169 -6.33 -1.92 -19.54
C LEU B 169 -7.60 -1.22 -20.01
N ASP B 170 -8.67 -1.37 -19.24
CA ASP B 170 -9.95 -0.78 -19.57
C ASP B 170 -10.17 0.51 -18.80
N LEU B 171 -10.40 1.60 -19.53
CA LEU B 171 -10.58 2.91 -18.92
C LEU B 171 -12.01 3.41 -19.08
N ALA B 213 -3.98 10.59 -32.26
CA ALA B 213 -2.62 10.92 -31.86
C ALA B 213 -2.51 10.98 -30.35
N GLU B 214 -3.63 11.16 -29.67
CA GLU B 214 -3.64 11.23 -28.21
C GLU B 214 -3.60 9.83 -27.61
N GLY B 215 -3.94 8.83 -28.42
CA GLY B 215 -3.91 7.45 -27.98
C GLY B 215 -2.49 7.00 -27.73
N ALA B 216 -1.57 7.45 -28.57
CA ALA B 216 -0.16 7.16 -28.42
C ALA B 216 0.40 7.87 -27.18
N ALA B 217 -0.17 9.03 -26.87
CA ALA B 217 0.23 9.78 -25.69
C ALA B 217 -0.23 9.07 -24.43
N MET B 218 -1.45 8.53 -24.48
CA MET B 218 -2.00 7.75 -23.39
C MET B 218 -1.18 6.47 -23.19
N LEU B 219 -0.77 5.87 -24.30
CA LEU B 219 0.06 4.67 -24.26
C LEU B 219 1.42 4.98 -23.64
N GLU B 220 2.00 6.12 -24.01
CA GLU B 220 3.27 6.55 -23.45
C GLU B 220 3.12 6.87 -21.97
N LEU B 221 1.95 7.35 -21.58
CA LEU B 221 1.66 7.59 -20.16
C LEU B 221 1.62 6.27 -19.40
N VAL B 222 0.96 5.27 -19.99
CA VAL B 222 0.88 3.94 -19.39
C VAL B 222 2.28 3.35 -19.24
N GLY B 223 3.11 3.51 -20.26
CA GLY B 223 4.49 3.06 -20.21
C GLY B 223 5.27 3.78 -19.13
N SER B 224 5.00 5.07 -18.96
CA SER B 224 5.66 5.88 -17.95
C SER B 224 5.29 5.40 -16.55
N ILE B 225 4.02 5.08 -16.37
CA ILE B 225 3.55 4.54 -15.09
C ILE B 225 4.18 3.17 -14.83
N LEU B 226 4.26 2.35 -15.87
CA LEU B 226 4.86 1.03 -15.74
C LEU B 226 6.33 1.11 -15.36
N ARG B 227 7.05 2.07 -15.96
CA ARG B 227 8.46 2.25 -15.61
C ARG B 227 8.60 2.76 -14.18
N GLY B 228 7.99 3.90 -13.89
CA GLY B 228 8.14 4.55 -12.59
C GLY B 228 7.37 4.05 -11.38
N CYS B 229 6.06 3.86 -11.53
CA CYS B 229 5.18 3.74 -10.38
C CYS B 229 4.79 2.33 -9.90
N VAL B 230 5.15 1.29 -10.65
CA VAL B 230 4.83 -0.07 -10.22
C VAL B 230 6.09 -0.88 -9.96
N PRO B 231 6.27 -1.33 -8.70
CA PRO B 231 7.49 -1.97 -8.23
C PRO B 231 7.77 -3.33 -8.87
N GLY B 232 9.02 -3.55 -9.28
CA GLY B 232 9.45 -4.85 -9.75
C GLY B 232 9.52 -5.01 -11.25
N VAL B 233 8.83 -4.15 -11.99
CA VAL B 233 8.76 -4.32 -13.43
C VAL B 233 9.85 -3.53 -14.15
N TYR B 234 10.37 -4.12 -15.22
CA TYR B 234 11.42 -3.52 -16.03
C TYR B 234 11.23 -3.94 -17.49
N ARG B 235 12.18 -3.57 -18.34
CA ARG B 235 12.04 -3.76 -19.78
C ARG B 235 10.70 -3.24 -20.28
N VAL B 236 10.48 -1.93 -20.13
CA VAL B 236 9.22 -1.36 -20.57
C VAL B 236 9.40 -0.65 -21.91
N GLN B 237 8.82 -1.23 -22.95
CA GLN B 237 8.95 -0.69 -24.29
C GLN B 237 7.60 -0.37 -24.91
N THR B 238 7.37 0.90 -25.22
CA THR B 238 6.14 1.32 -25.86
C THR B 238 6.21 1.01 -27.36
N VAL B 239 5.20 0.30 -27.84
CA VAL B 239 5.07 -0.03 -29.25
C VAL B 239 3.77 0.55 -29.79
N PRO B 240 3.78 1.83 -30.17
CA PRO B 240 2.66 2.51 -30.81
C PRO B 240 2.47 2.04 -32.25
N SER B 241 3.54 1.49 -32.84
CA SER B 241 3.50 1.06 -34.22
C SER B 241 3.33 -0.45 -34.31
N ALA B 242 2.12 -0.86 -34.71
CA ALA B 242 1.74 -2.26 -34.84
C ALA B 242 0.27 -2.34 -35.26
N ARG B 243 -0.19 -3.54 -35.56
CA ARG B 243 -1.62 -3.76 -35.78
C ARG B 243 -2.35 -3.42 -34.48
N ARG B 244 -1.78 -3.90 -33.38
CA ARG B 244 -2.25 -3.56 -32.05
C ARG B 244 -1.18 -2.79 -31.29
N PRO B 245 -1.42 -1.50 -31.03
CA PRO B 245 -0.51 -0.72 -30.18
C PRO B 245 -0.49 -1.34 -28.78
N VAL B 246 0.62 -1.22 -28.07
CA VAL B 246 0.79 -2.00 -26.84
C VAL B 246 2.06 -1.63 -26.08
N VAL B 247 2.14 -2.02 -24.81
CA VAL B 247 3.34 -1.76 -24.02
C VAL B 247 3.95 -3.04 -23.48
N LYS B 248 5.15 -3.38 -23.95
CA LYS B 248 5.83 -4.57 -23.46
C LYS B 248 6.44 -4.33 -22.09
N PHE B 249 6.24 -5.30 -21.18
CA PHE B 249 6.75 -5.19 -19.82
C PHE B 249 7.27 -6.53 -19.31
N ALA B 250 8.10 -6.48 -18.27
CA ALA B 250 8.59 -7.69 -17.61
C ALA B 250 8.68 -7.47 -16.10
N HIS B 251 8.20 -8.44 -15.33
CA HIS B 251 8.20 -8.36 -13.87
C HIS B 251 9.35 -9.19 -13.29
N ARG B 252 10.31 -8.53 -12.65
CA ARG B 252 11.55 -9.20 -12.23
C ARG B 252 11.36 -10.24 -11.12
N PRO B 253 10.75 -9.85 -9.97
CA PRO B 253 10.60 -10.94 -9.01
C PRO B 253 9.32 -11.74 -9.24
N SER B 254 9.09 -12.08 -10.50
CA SER B 254 7.93 -12.86 -10.91
C SER B 254 8.39 -13.96 -11.87
N GLY B 255 8.96 -13.52 -12.99
CA GLY B 255 9.32 -14.39 -14.08
C GLY B 255 8.36 -14.12 -15.21
N LEU B 256 7.35 -13.32 -14.90
CA LEU B 256 6.31 -12.96 -15.86
C LEU B 256 6.72 -11.79 -16.76
N HIS B 257 6.27 -11.84 -18.00
CA HIS B 257 6.48 -10.78 -18.96
C HIS B 257 5.31 -10.81 -19.95
N GLY B 258 5.08 -9.70 -20.63
CA GLY B 258 3.96 -9.65 -21.57
C GLY B 258 3.64 -8.28 -22.12
N ASP B 259 2.39 -8.12 -22.54
CA ASP B 259 1.95 -6.89 -23.18
C ASP B 259 0.75 -6.28 -22.47
N VAL B 260 0.77 -4.96 -22.31
CA VAL B 260 -0.39 -4.22 -21.80
C VAL B 260 -1.03 -3.45 -22.94
N SER B 261 -2.24 -3.86 -23.31
CA SER B 261 -2.95 -3.24 -24.43
C SER B 261 -3.99 -2.25 -23.93
N LEU B 262 -3.93 -1.03 -24.45
CA LEU B 262 -4.90 -0.01 -24.07
C LEU B 262 -6.28 -0.35 -24.59
N SER B 263 -6.40 -0.59 -25.90
CA SER B 263 -7.64 -1.16 -26.38
C SER B 263 -7.44 -2.39 -27.24
N ASN B 264 -7.74 -3.55 -26.66
CA ASN B 264 -8.19 -4.72 -27.40
C ASN B 264 -9.29 -5.36 -26.55
N ARG B 265 -10.54 -5.25 -26.97
CA ARG B 265 -11.61 -5.85 -26.20
C ARG B 265 -12.03 -7.22 -26.74
N LEU B 266 -11.51 -7.56 -27.92
CA LEU B 266 -11.90 -8.80 -28.56
C LEU B 266 -11.16 -9.99 -27.97
N ALA B 267 -9.87 -9.80 -27.69
CA ALA B 267 -9.02 -10.88 -27.17
C ALA B 267 -9.54 -11.38 -25.84
N LEU B 268 -10.02 -10.44 -25.02
CA LEU B 268 -10.60 -10.78 -23.73
C LEU B 268 -11.82 -11.67 -23.89
N HIS B 269 -12.74 -11.24 -24.76
CA HIS B 269 -14.00 -11.93 -24.95
C HIS B 269 -13.84 -13.30 -25.61
N ASN B 270 -12.95 -13.42 -26.60
CA ASN B 270 -12.76 -14.72 -27.24
C ASN B 270 -11.87 -15.64 -26.40
N SER B 271 -11.07 -15.06 -25.51
CA SER B 271 -10.39 -15.87 -24.50
C SER B 271 -11.43 -16.46 -23.55
N ARG B 272 -12.40 -15.63 -23.18
CA ARG B 272 -13.51 -16.10 -22.36
C ARG B 272 -14.33 -17.13 -23.11
N PHE B 273 -14.38 -17.00 -24.44
CA PHE B 273 -15.09 -17.97 -25.28
C PHE B 273 -14.36 -19.31 -25.29
N LEU B 274 -13.03 -19.27 -25.37
CA LEU B 274 -12.24 -20.49 -25.31
C LEU B 274 -12.41 -21.16 -23.95
N SER B 275 -12.46 -20.33 -22.91
CA SER B 275 -12.75 -20.81 -21.56
C SER B 275 -14.09 -21.54 -21.51
N LEU B 276 -15.11 -20.91 -22.08
CA LEU B 276 -16.44 -21.51 -22.15
C LEU B 276 -16.44 -22.80 -22.96
N ALA B 277 -15.58 -22.85 -23.97
CA ALA B 277 -15.45 -24.03 -24.82
C ALA B 277 -14.87 -25.19 -24.05
N SER B 278 -13.82 -24.93 -23.27
CA SER B 278 -13.24 -25.94 -22.41
C SER B 278 -14.22 -26.36 -21.33
N GLU B 279 -15.07 -25.42 -20.92
CA GLU B 279 -16.02 -25.65 -19.84
C GLU B 279 -17.24 -26.45 -20.29
N LEU B 280 -17.51 -26.41 -21.60
CA LEU B 280 -18.69 -27.09 -22.15
C LEU B 280 -18.50 -28.60 -22.28
N ASP B 281 -17.29 -29.01 -22.66
CA ASP B 281 -16.98 -30.43 -22.78
C ASP B 281 -15.58 -30.74 -22.25
N GLY B 282 -15.43 -31.86 -21.57
CA GLY B 282 -14.19 -32.20 -20.92
C GLY B 282 -13.11 -32.72 -21.85
N ARG B 283 -13.49 -33.04 -23.09
CA ARG B 283 -12.55 -33.57 -24.08
C ARG B 283 -11.75 -32.47 -24.77
N VAL B 284 -12.26 -31.25 -24.68
CA VAL B 284 -11.69 -30.10 -25.39
C VAL B 284 -10.23 -29.84 -25.00
N ARG B 285 -9.95 -29.74 -23.71
CA ARG B 285 -8.59 -29.47 -23.25
C ARG B 285 -7.60 -30.58 -23.63
N PRO B 286 -7.95 -31.86 -23.43
CA PRO B 286 -7.02 -32.90 -23.91
C PRO B 286 -6.78 -32.81 -25.42
N LEU B 287 -7.84 -32.62 -26.20
CA LEU B 287 -7.70 -32.53 -27.64
C LEU B 287 -6.80 -31.37 -28.07
N VAL B 288 -7.06 -30.19 -27.52
CA VAL B 288 -6.31 -28.99 -27.89
C VAL B 288 -4.86 -29.08 -27.45
N TYR B 289 -4.63 -29.50 -26.20
CA TYR B 289 -3.26 -29.65 -25.72
C TYR B 289 -2.47 -30.66 -26.57
N THR B 290 -3.08 -31.82 -26.82
CA THR B 290 -2.42 -32.87 -27.59
C THR B 290 -2.11 -32.41 -29.02
N LEU B 291 -3.11 -31.88 -29.70
CA LEU B 291 -2.95 -31.43 -31.07
C LEU B 291 -1.98 -30.26 -31.19
N ARG B 292 -1.94 -29.41 -30.18
CA ARG B 292 -1.00 -28.30 -30.17
C ARG B 292 0.42 -28.80 -30.01
N ALA B 293 0.61 -29.77 -29.11
CA ALA B 293 1.91 -30.38 -28.90
C ALA B 293 2.39 -31.06 -30.18
N TRP B 294 1.48 -31.78 -30.83
CA TRP B 294 1.78 -32.47 -32.07
C TRP B 294 2.17 -31.50 -33.18
N ALA B 295 1.36 -30.45 -33.36
CA ALA B 295 1.61 -29.47 -34.41
C ALA B 295 2.91 -28.71 -34.18
N GLN B 296 3.19 -28.36 -32.93
CA GLN B 296 4.46 -27.72 -32.58
C GLN B 296 5.62 -28.66 -32.87
N GLY B 297 5.41 -29.95 -32.64
CA GLY B 297 6.43 -30.95 -32.92
C GLY B 297 6.70 -31.08 -34.42
N ARG B 298 5.64 -30.98 -35.22
CA ARG B 298 5.76 -31.11 -36.67
C ARG B 298 6.30 -29.82 -37.30
N GLY B 299 6.25 -28.72 -36.55
CA GLY B 299 6.69 -27.44 -37.06
C GLY B 299 5.62 -26.77 -37.90
N LEU B 300 4.37 -27.10 -37.62
CA LEU B 300 3.24 -26.51 -38.34
C LEU B 300 2.65 -25.33 -37.56
N SER B 301 3.20 -25.07 -36.39
CA SER B 301 2.70 -24.01 -35.51
C SER B 301 3.82 -23.13 -35.00
N GLY B 302 3.75 -21.84 -35.30
CA GLY B 302 4.81 -20.91 -34.92
C GLY B 302 4.51 -19.44 -35.19
N SER B 303 5.55 -18.62 -35.16
CA SER B 303 5.42 -17.18 -35.32
C SER B 303 5.49 -16.72 -36.77
N GLY B 304 5.87 -17.65 -37.65
CA GLY B 304 6.02 -17.34 -39.06
C GLY B 304 4.76 -17.63 -39.84
N PRO B 305 4.91 -18.10 -41.08
CA PRO B 305 3.81 -18.54 -41.94
C PRO B 305 3.01 -19.69 -41.30
N LEU B 306 3.59 -20.29 -40.26
CA LEU B 306 2.95 -21.37 -39.52
C LEU B 306 1.70 -20.87 -38.79
N LEU B 307 0.81 -21.80 -38.44
CA LEU B 307 -0.43 -21.46 -37.75
C LEU B 307 -0.19 -20.88 -36.36
N SER B 308 -0.99 -19.87 -36.02
CA SER B 308 -1.02 -19.35 -34.66
C SER B 308 -1.72 -20.36 -33.77
N ASN B 309 -1.32 -20.40 -32.50
CA ASN B 309 -1.91 -21.32 -31.55
C ASN B 309 -3.39 -21.02 -31.33
N TYR B 310 -3.75 -19.74 -31.44
CA TYR B 310 -5.15 -19.33 -31.37
C TYR B 310 -5.92 -19.90 -32.55
N ALA B 311 -5.30 -19.85 -33.74
CA ALA B 311 -5.89 -20.38 -34.94
C ALA B 311 -6.04 -21.90 -34.86
N LEU B 312 -5.03 -22.57 -34.31
CA LEU B 312 -5.08 -24.02 -34.15
C LEU B 312 -6.19 -24.41 -33.19
N THR B 313 -6.27 -23.70 -32.06
CA THR B 313 -7.33 -23.91 -31.08
C THR B 313 -8.69 -23.75 -31.74
N LEU B 314 -8.87 -22.66 -32.48
CA LEU B 314 -10.12 -22.41 -33.19
C LEU B 314 -10.42 -23.52 -34.19
N LEU B 315 -9.38 -24.09 -34.78
CA LEU B 315 -9.53 -25.18 -35.73
C LEU B 315 -10.08 -26.42 -35.03
N VAL B 316 -9.52 -26.72 -33.85
CA VAL B 316 -9.98 -27.86 -33.04
C VAL B 316 -11.43 -27.66 -32.60
N ILE B 317 -11.74 -26.45 -32.13
CA ILE B 317 -13.10 -26.11 -31.72
C ILE B 317 -14.07 -26.31 -32.88
N TYR B 318 -13.68 -25.86 -34.06
CA TYR B 318 -14.50 -26.02 -35.26
C TYR B 318 -14.73 -27.49 -35.59
N PHE B 319 -13.65 -28.27 -35.60
CA PHE B 319 -13.75 -29.70 -35.83
C PHE B 319 -14.73 -30.35 -34.85
N LEU B 320 -14.67 -29.92 -33.60
CA LEU B 320 -15.59 -30.43 -32.59
C LEU B 320 -17.02 -30.00 -32.88
N GLN B 321 -17.16 -28.83 -33.50
CA GLN B 321 -18.48 -28.32 -33.86
C GLN B 321 -19.09 -29.10 -35.02
N THR B 322 -18.24 -29.67 -35.86
CA THR B 322 -18.71 -30.31 -37.10
C THR B 322 -18.99 -31.81 -37.00
N ARG B 323 -18.82 -32.38 -35.81
CA ARG B 323 -19.01 -33.82 -35.65
C ARG B 323 -20.47 -34.23 -35.78
N ASP B 324 -20.70 -35.50 -36.13
CA ASP B 324 -22.05 -35.98 -36.44
C ASP B 324 -23.00 -35.79 -35.24
N PRO B 325 -22.73 -36.42 -34.08
CA PRO B 325 -23.29 -35.65 -32.97
C PRO B 325 -22.39 -34.47 -32.70
N PRO B 326 -22.94 -33.28 -32.45
CA PRO B 326 -22.02 -32.17 -32.17
C PRO B 326 -21.35 -32.30 -30.80
N VAL B 327 -20.04 -32.13 -30.75
CA VAL B 327 -19.32 -32.11 -29.47
C VAL B 327 -19.45 -30.74 -28.83
N LEU B 328 -19.31 -29.71 -29.66
CA LEU B 328 -19.46 -28.33 -29.23
C LEU B 328 -20.50 -27.62 -30.10
N PRO B 329 -21.32 -26.76 -29.47
CA PRO B 329 -22.34 -26.01 -30.21
C PRO B 329 -21.72 -24.90 -31.06
N THR B 330 -22.48 -24.40 -32.04
CA THR B 330 -22.01 -23.29 -32.86
C THR B 330 -22.04 -22.00 -32.05
N VAL B 331 -21.22 -21.05 -32.44
CA VAL B 331 -21.16 -19.75 -31.77
C VAL B 331 -22.50 -19.02 -31.92
N SER B 332 -23.13 -19.20 -33.06
CA SER B 332 -24.44 -18.63 -33.31
C SER B 332 -25.46 -19.15 -32.32
N GLN B 333 -25.37 -20.43 -31.99
CA GLN B 333 -26.26 -21.05 -31.00
C GLN B 333 -25.99 -20.53 -29.60
N LEU B 334 -24.71 -20.31 -29.30
CA LEU B 334 -24.33 -19.74 -28.01
C LEU B 334 -24.89 -18.33 -27.89
N THR B 335 -24.95 -17.63 -29.01
CA THR B 335 -25.56 -16.31 -29.05
C THR B 335 -27.09 -16.41 -28.95
N GLN B 336 -27.62 -17.52 -29.44
CA GLN B 336 -29.05 -17.80 -29.35
C GLN B 336 -29.44 -18.02 -27.89
N LYS B 337 -28.50 -18.56 -27.11
CA LYS B 337 -28.74 -18.74 -25.69
C LYS B 337 -28.62 -17.39 -24.98
N ALA B 338 -27.39 -16.91 -24.86
CA ALA B 338 -27.10 -15.57 -24.33
C ALA B 338 -27.89 -15.27 -23.05
N GLY B 339 -28.53 -14.10 -23.04
CA GLY B 339 -29.39 -13.71 -21.94
C GLY B 339 -29.54 -12.21 -21.85
N GLU B 340 -30.44 -11.75 -20.99
CA GLU B 340 -30.61 -10.33 -20.75
C GLU B 340 -29.43 -9.82 -19.93
N GLY B 341 -28.74 -8.81 -20.45
CA GLY B 341 -27.56 -8.28 -19.79
C GLY B 341 -26.29 -9.00 -20.20
N GLU B 342 -26.45 -10.20 -20.77
CA GLU B 342 -25.32 -10.95 -21.29
C GLU B 342 -24.99 -10.48 -22.70
N GLN B 343 -25.80 -9.57 -23.22
CA GLN B 343 -25.56 -9.00 -24.53
C GLN B 343 -24.42 -7.98 -24.46
N VAL B 344 -23.41 -8.16 -25.30
CA VAL B 344 -22.28 -7.26 -25.34
C VAL B 344 -21.80 -7.04 -26.78
N GLU B 345 -21.47 -5.80 -27.10
CA GLU B 345 -20.96 -5.47 -28.43
C GLU B 345 -19.55 -4.88 -28.34
N VAL B 346 -18.63 -5.44 -29.12
CA VAL B 346 -17.25 -4.95 -29.14
C VAL B 346 -16.80 -4.64 -30.57
N ASP B 347 -16.44 -3.38 -30.80
CA ASP B 347 -16.00 -2.91 -32.11
C ASP B 347 -17.02 -3.22 -33.20
N GLY B 348 -18.31 -3.17 -32.84
CA GLY B 348 -19.38 -3.42 -33.79
C GLY B 348 -19.73 -4.89 -33.92
N TRP B 349 -18.98 -5.75 -33.23
CA TRP B 349 -19.19 -7.18 -33.30
C TRP B 349 -19.92 -7.69 -32.06
N ASP B 350 -20.75 -8.71 -32.24
CA ASP B 350 -21.52 -9.26 -31.14
C ASP B 350 -20.76 -10.40 -30.45
N CYS B 351 -20.36 -10.15 -29.21
CA CYS B 351 -19.57 -11.10 -28.44
C CYS B 351 -20.41 -11.95 -27.47
N SER B 352 -21.72 -11.80 -27.53
CA SER B 352 -22.62 -12.41 -26.56
C SER B 352 -22.59 -13.95 -26.55
N PHE B 353 -22.37 -14.51 -25.36
CA PHE B 353 -22.52 -15.94 -25.14
C PHE B 353 -22.94 -16.18 -23.68
N PRO B 354 -23.24 -17.44 -23.31
CA PRO B 354 -23.61 -17.68 -21.91
C PRO B 354 -22.46 -17.49 -20.92
N ARG B 355 -22.80 -17.05 -19.70
CA ARG B 355 -21.81 -16.85 -18.65
C ARG B 355 -21.20 -18.19 -18.21
N ASP B 356 -22.06 -19.12 -17.83
CA ASP B 356 -21.62 -20.43 -17.34
C ASP B 356 -22.15 -21.56 -18.22
N ALA B 357 -21.49 -22.71 -18.16
CA ALA B 357 -21.84 -23.84 -19.00
C ALA B 357 -23.00 -24.65 -18.43
N SER B 358 -23.45 -24.28 -17.23
CA SER B 358 -24.53 -24.99 -16.55
C SER B 358 -25.86 -24.83 -17.30
N ARG B 359 -26.06 -23.67 -17.89
CA ARG B 359 -27.30 -23.38 -18.61
C ARG B 359 -27.40 -24.14 -19.92
N LEU B 360 -26.32 -24.81 -20.31
CA LEU B 360 -26.26 -25.52 -21.58
C LEU B 360 -26.15 -27.02 -21.37
N GLU B 361 -27.06 -27.77 -22.00
CA GLU B 361 -27.07 -29.23 -21.88
C GLU B 361 -25.85 -29.83 -22.56
N PRO B 362 -25.30 -30.92 -21.97
CA PRO B 362 -24.11 -31.59 -22.50
C PRO B 362 -24.33 -32.16 -23.90
N SER B 363 -23.24 -32.42 -24.62
CA SER B 363 -23.32 -32.98 -25.95
C SER B 363 -23.77 -34.44 -25.88
N ILE B 364 -24.43 -34.90 -26.94
CA ILE B 364 -24.87 -36.29 -27.02
C ILE B 364 -23.80 -37.16 -27.67
N ASN B 365 -22.66 -36.55 -27.97
CA ASN B 365 -21.55 -37.27 -28.60
C ASN B 365 -20.79 -38.11 -27.58
N VAL B 366 -20.79 -39.41 -27.77
CA VAL B 366 -20.22 -40.35 -26.81
C VAL B 366 -18.80 -40.77 -27.16
N GLU B 367 -18.29 -40.30 -28.30
CA GLU B 367 -16.98 -40.72 -28.79
C GLU B 367 -15.86 -40.36 -27.82
N PRO B 368 -14.95 -41.31 -27.58
CA PRO B 368 -13.78 -41.17 -26.70
C PRO B 368 -12.70 -40.29 -27.31
N LEU B 369 -11.76 -39.84 -26.48
CA LEU B 369 -10.69 -38.93 -26.90
C LEU B 369 -9.87 -39.45 -28.08
N SER B 370 -9.52 -40.73 -28.05
CA SER B 370 -8.73 -41.35 -29.11
C SER B 370 -9.46 -41.25 -30.45
N SER B 371 -10.74 -41.63 -30.44
CA SER B 371 -11.58 -41.58 -31.62
C SER B 371 -11.69 -40.16 -32.18
N LEU B 372 -11.75 -39.18 -31.29
CA LEU B 372 -11.86 -37.78 -31.70
C LEU B 372 -10.55 -37.27 -32.31
N LEU B 373 -9.44 -37.73 -31.76
CA LEU B 373 -8.12 -37.37 -32.28
C LEU B 373 -7.94 -37.92 -33.69
N ALA B 374 -8.19 -39.22 -33.83
CA ALA B 374 -8.10 -39.88 -35.13
C ALA B 374 -9.04 -39.22 -36.13
N GLN B 375 -10.27 -38.97 -35.70
CA GLN B 375 -11.27 -38.32 -36.54
C GLN B 375 -10.82 -36.93 -36.96
N PHE B 376 -10.08 -36.24 -36.11
CA PHE B 376 -9.53 -34.93 -36.47
C PHE B 376 -8.50 -35.09 -37.58
N PHE B 377 -7.51 -35.95 -37.32
CA PHE B 377 -6.44 -36.21 -38.28
C PHE B 377 -6.98 -36.60 -39.64
N SER B 378 -8.08 -37.34 -39.66
CA SER B 378 -8.73 -37.74 -40.91
C SER B 378 -9.50 -36.59 -41.55
N ALA B 379 -10.28 -35.88 -40.74
CA ALA B 379 -11.18 -34.85 -41.23
C ALA B 379 -10.43 -33.68 -41.87
N VAL B 380 -9.43 -33.15 -41.17
CA VAL B 380 -8.71 -32.00 -41.70
C VAL B 380 -7.91 -32.35 -42.95
N SER B 381 -7.54 -33.63 -43.07
CA SER B 381 -6.84 -34.10 -44.26
C SER B 381 -7.79 -34.32 -45.43
N SER B 382 -9.04 -34.66 -45.11
CA SER B 382 -10.04 -34.94 -46.13
C SER B 382 -10.77 -33.67 -46.58
N TRP B 383 -10.56 -32.58 -45.85
CA TRP B 383 -11.22 -31.31 -46.16
C TRP B 383 -10.58 -30.60 -47.34
N ASP B 384 -11.38 -29.77 -48.02
CA ASP B 384 -10.84 -28.84 -49.01
C ASP B 384 -10.61 -27.51 -48.31
N LEU B 385 -9.34 -27.16 -48.14
CA LEU B 385 -8.97 -26.02 -47.31
C LEU B 385 -9.19 -24.69 -48.02
N ARG B 386 -8.44 -24.49 -49.12
CA ARG B 386 -8.54 -23.25 -49.87
C ARG B 386 -9.93 -23.03 -50.44
N GLY B 387 -10.59 -24.12 -50.85
CA GLY B 387 -11.88 -24.03 -51.49
C GLY B 387 -13.04 -23.79 -50.55
N SER B 388 -12.76 -23.76 -49.25
CA SER B 388 -13.83 -23.61 -48.27
C SER B 388 -13.43 -22.71 -47.11
N LEU B 389 -14.40 -21.93 -46.63
CA LEU B 389 -14.21 -21.09 -45.45
C LEU B 389 -14.81 -21.76 -44.22
N LEU B 390 -13.96 -22.12 -43.27
CA LEU B 390 -14.42 -22.75 -42.05
C LEU B 390 -15.03 -21.70 -41.12
N SER B 391 -16.29 -21.91 -40.76
CA SER B 391 -17.04 -20.94 -39.98
C SER B 391 -17.42 -21.49 -38.61
N LEU B 392 -16.94 -20.84 -37.56
CA LEU B 392 -17.29 -21.20 -36.18
C LEU B 392 -18.66 -20.65 -35.83
N ARG B 393 -18.98 -19.48 -36.38
CA ARG B 393 -20.28 -18.86 -36.16
C ARG B 393 -21.40 -19.77 -36.65
N GLU B 394 -21.37 -20.11 -37.93
CA GLU B 394 -22.38 -20.98 -38.51
C GLU B 394 -22.12 -22.43 -38.12
N GLY B 395 -20.89 -22.72 -37.71
CA GLY B 395 -20.52 -24.08 -37.30
C GLY B 395 -20.49 -25.04 -38.47
N GLN B 396 -19.83 -24.64 -39.56
CA GLN B 396 -19.78 -25.44 -40.77
C GLN B 396 -18.89 -24.82 -41.84
N ALA B 397 -18.69 -25.56 -42.93
CA ALA B 397 -17.83 -25.11 -44.01
C ALA B 397 -18.63 -24.44 -45.13
N LEU B 398 -18.39 -23.14 -45.31
CA LEU B 398 -19.07 -22.38 -46.36
C LEU B 398 -18.26 -22.38 -47.65
N PRO B 399 -18.86 -22.84 -48.75
CA PRO B 399 -18.14 -22.96 -50.03
C PRO B 399 -17.65 -21.61 -50.55
N VAL B 400 -16.37 -21.52 -50.88
CA VAL B 400 -15.78 -20.28 -51.36
C VAL B 400 -16.24 -19.94 -52.78
N ALA B 401 -16.04 -20.86 -53.71
CA ALA B 401 -16.54 -20.65 -55.07
C ALA B 401 -17.73 -21.56 -55.34
N GLY B 402 -18.92 -20.97 -55.32
CA GLY B 402 -19.04 -19.54 -55.11
C GLY B 402 -20.28 -19.26 -54.29
N GLY B 403 -20.29 -18.11 -53.64
CA GLY B 403 -21.16 -17.92 -52.51
C GLY B 403 -20.66 -16.88 -51.54
N LEU B 404 -21.00 -17.08 -50.28
CA LEU B 404 -20.78 -16.14 -49.18
C LEU B 404 -21.51 -14.81 -49.38
N PRO B 405 -22.85 -14.85 -49.59
CA PRO B 405 -23.59 -13.60 -49.43
C PRO B 405 -23.67 -13.26 -47.95
N SER B 406 -23.61 -14.31 -47.14
CA SER B 406 -23.66 -14.18 -45.69
C SER B 406 -22.48 -13.39 -45.13
N ASN B 407 -21.32 -13.57 -45.74
CA ASN B 407 -20.13 -12.88 -45.27
C ASN B 407 -19.79 -11.67 -46.12
N LEU B 408 -19.22 -11.92 -47.30
CA LEU B 408 -18.93 -10.86 -48.27
C LEU B 408 -18.10 -9.72 -47.68
N TRP B 409 -17.30 -10.04 -46.67
CA TRP B 409 -16.51 -9.03 -45.97
C TRP B 409 -15.30 -8.60 -46.81
N GLU B 410 -15.14 -7.29 -46.98
CA GLU B 410 -14.04 -6.75 -47.76
C GLU B 410 -12.70 -7.03 -47.09
N GLY B 411 -12.68 -7.02 -45.76
CA GLY B 411 -11.44 -7.22 -45.02
C GLY B 411 -11.10 -8.68 -44.78
N LEU B 412 -11.88 -9.58 -45.37
CA LEU B 412 -11.67 -11.01 -45.18
C LEU B 412 -10.74 -11.57 -46.26
N ARG B 413 -9.56 -11.98 -45.84
CA ARG B 413 -8.55 -12.50 -46.77
C ARG B 413 -8.61 -14.01 -46.85
N LEU B 414 -8.99 -14.53 -48.01
CA LEU B 414 -9.07 -15.97 -48.21
C LEU B 414 -7.80 -16.51 -48.84
N GLY B 415 -7.02 -17.26 -48.04
CA GLY B 415 -5.77 -17.84 -48.51
C GLY B 415 -5.86 -19.35 -48.67
N PRO B 416 -4.69 -20.02 -48.60
CA PRO B 416 -4.58 -21.48 -48.66
C PRO B 416 -5.38 -22.16 -47.56
N LEU B 417 -5.55 -21.46 -46.44
CA LEU B 417 -6.37 -21.95 -45.33
C LEU B 417 -7.25 -20.83 -44.80
N ASN B 418 -8.54 -21.11 -44.68
CA ASN B 418 -9.48 -20.09 -44.23
C ASN B 418 -10.25 -20.51 -42.99
N LEU B 419 -10.02 -19.81 -41.89
CA LEU B 419 -10.69 -20.07 -40.63
C LEU B 419 -11.20 -18.77 -40.04
N GLN B 420 -12.52 -18.66 -39.92
CA GLN B 420 -13.13 -17.39 -39.52
C GLN B 420 -13.22 -17.24 -38.00
N ASP B 421 -12.81 -16.07 -37.52
CA ASP B 421 -12.94 -15.74 -36.11
C ASP B 421 -14.41 -15.65 -35.74
N PRO B 422 -14.80 -16.31 -34.64
CA PRO B 422 -16.20 -16.43 -34.20
C PRO B 422 -16.89 -15.11 -33.89
N PHE B 423 -16.10 -14.06 -33.69
CA PHE B 423 -16.63 -12.76 -33.28
C PHE B 423 -16.37 -11.70 -34.34
N ASP B 424 -15.11 -11.46 -34.66
CA ASP B 424 -14.80 -10.56 -35.76
C ASP B 424 -14.80 -11.39 -37.04
N LEU B 425 -15.78 -11.13 -37.88
CA LEU B 425 -16.10 -12.02 -38.99
C LEU B 425 -15.35 -11.63 -40.25
N SER B 426 -14.68 -10.48 -40.21
CA SER B 426 -13.89 -10.01 -41.33
C SER B 426 -12.45 -10.48 -41.21
N HIS B 427 -12.17 -11.25 -40.16
CA HIS B 427 -10.81 -11.67 -39.89
C HIS B 427 -10.60 -13.17 -40.08
N ASN B 428 -9.67 -13.52 -40.95
CA ASN B 428 -9.23 -14.90 -41.09
C ASN B 428 -7.97 -15.13 -40.26
N VAL B 429 -8.08 -15.94 -39.23
CA VAL B 429 -6.96 -16.20 -38.32
C VAL B 429 -5.88 -17.03 -39.02
N ALA B 430 -6.24 -17.65 -40.13
CA ALA B 430 -5.31 -18.46 -40.91
C ALA B 430 -4.71 -17.70 -42.09
N ALA B 431 -5.03 -16.40 -42.20
CA ALA B 431 -4.60 -15.58 -43.32
C ALA B 431 -3.09 -15.59 -43.52
N ASN B 432 -2.34 -15.67 -42.42
CA ASN B 432 -0.88 -15.67 -42.48
C ASN B 432 -0.32 -16.98 -43.03
N VAL B 433 -1.14 -18.03 -43.00
CA VAL B 433 -0.69 -19.35 -43.45
C VAL B 433 -0.50 -19.38 -44.96
N THR B 434 0.69 -19.78 -45.39
CA THR B 434 1.01 -19.88 -46.80
C THR B 434 0.56 -21.21 -47.40
N SER B 435 1.02 -21.49 -48.60
CA SER B 435 0.65 -22.72 -49.31
C SER B 435 1.34 -23.93 -48.70
N ARG B 436 2.67 -23.93 -48.75
CA ARG B 436 3.49 -25.02 -48.24
C ARG B 436 3.09 -25.45 -46.82
N VAL B 437 2.75 -24.48 -45.98
CA VAL B 437 2.34 -24.77 -44.60
C VAL B 437 1.04 -25.57 -44.58
N ALA B 438 0.09 -25.19 -45.43
CA ALA B 438 -1.19 -25.89 -45.52
C ALA B 438 -1.03 -27.30 -46.10
N GLY B 439 -0.20 -27.39 -47.14
CA GLY B 439 0.09 -28.66 -47.77
C GLY B 439 0.71 -29.64 -46.78
N ARG B 440 1.75 -29.19 -46.09
CA ARG B 440 2.40 -30.01 -45.07
C ARG B 440 1.45 -30.32 -43.92
N LEU B 441 0.56 -29.40 -43.62
CA LEU B 441 -0.48 -29.63 -42.63
C LEU B 441 -1.29 -30.85 -43.01
N GLN B 442 -1.99 -30.76 -44.14
CA GLN B 442 -2.86 -31.86 -44.59
C GLN B 442 -2.10 -33.16 -44.83
N ASN B 443 -0.82 -33.06 -45.20
CA ASN B 443 0.01 -34.24 -45.39
C ASN B 443 0.33 -34.95 -44.08
N CYS B 444 0.79 -34.17 -43.10
CA CYS B 444 1.11 -34.70 -41.78
C CYS B 444 -0.15 -35.23 -41.10
N CYS B 445 -1.28 -34.61 -41.41
CA CYS B 445 -2.56 -35.05 -40.88
C CYS B 445 -3.01 -36.33 -41.57
N ARG B 446 -2.64 -36.48 -42.83
CA ARG B 446 -2.90 -37.70 -43.58
C ARG B 446 -2.12 -38.86 -42.97
N ALA B 447 -0.84 -38.60 -42.71
CA ALA B 447 0.05 -39.61 -42.12
C ALA B 447 -0.39 -39.97 -40.70
N ALA B 448 -0.78 -38.96 -39.93
CA ALA B 448 -1.24 -39.16 -38.57
C ALA B 448 -2.54 -39.95 -38.54
N ALA B 449 -3.42 -39.67 -39.51
CA ALA B 449 -4.66 -40.39 -39.63
C ALA B 449 -4.40 -41.85 -39.98
N ASN B 450 -3.46 -42.07 -40.89
CA ASN B 450 -3.09 -43.43 -41.27
C ASN B 450 -2.47 -44.21 -40.11
N TYR B 451 -1.69 -43.51 -39.29
CA TYR B 451 -1.09 -44.13 -38.11
C TYR B 451 -2.15 -44.44 -37.05
N ALA B 452 -3.17 -43.59 -36.98
CA ALA B 452 -4.23 -43.74 -35.99
C ALA B 452 -5.07 -45.00 -36.23
N ARG B 453 -5.04 -45.50 -37.46
CA ARG B 453 -5.78 -46.70 -37.80
C ARG B 453 -5.00 -47.96 -37.45
N SER B 454 -3.71 -47.79 -37.20
CA SER B 454 -2.86 -48.92 -36.82
C SER B 454 -3.12 -49.34 -35.38
N LEU B 455 -2.77 -50.58 -35.05
CA LEU B 455 -2.99 -51.10 -33.71
C LEU B 455 -1.92 -50.63 -32.74
N GLN B 456 -0.84 -50.08 -33.27
CA GLN B 456 0.22 -49.50 -32.44
C GLN B 456 -0.31 -48.29 -31.68
N TYR B 457 -1.19 -47.55 -32.32
CA TYR B 457 -1.83 -46.39 -31.70
C TYR B 457 -2.97 -46.81 -30.79
N GLN B 458 -3.69 -47.85 -31.19
CA GLN B 458 -4.86 -48.33 -30.44
C GLN B 458 -4.44 -49.09 -29.18
N ARG B 459 -3.86 -50.26 -29.37
CA ARG B 459 -3.44 -51.10 -28.25
C ARG B 459 -2.21 -50.53 -27.57
N ARG B 460 -2.04 -50.85 -26.29
CA ARG B 460 -0.86 -50.43 -25.53
C ARG B 460 0.31 -51.36 -25.84
N SER B 461 1.47 -51.06 -25.28
CA SER B 461 2.65 -51.90 -25.46
C SER B 461 2.83 -52.86 -24.29
N SER B 462 3.26 -54.08 -24.59
CA SER B 462 3.55 -55.05 -23.53
C SER B 462 4.67 -54.52 -22.64
N ARG B 463 5.84 -54.30 -23.24
CA ARG B 463 6.92 -53.59 -22.55
C ARG B 463 7.86 -52.90 -23.54
N GLY B 464 8.29 -51.69 -23.18
CA GLY B 464 9.38 -51.02 -23.87
C GLY B 464 9.11 -50.41 -25.23
N ARG B 465 7.98 -50.74 -25.83
CA ARG B 465 7.68 -50.26 -27.18
C ARG B 465 6.94 -48.93 -27.17
N ASP B 466 7.26 -48.07 -28.14
CA ASP B 466 6.53 -46.82 -28.31
C ASP B 466 5.13 -47.09 -28.79
N TRP B 467 4.15 -46.54 -28.08
CA TRP B 467 2.75 -46.82 -28.37
C TRP B 467 1.89 -45.57 -28.24
N GLY B 468 0.73 -45.59 -28.88
CA GLY B 468 -0.25 -44.53 -28.74
C GLY B 468 0.23 -43.16 -29.14
N LEU B 469 0.16 -42.22 -28.20
CA LEU B 469 0.47 -40.81 -28.45
C LEU B 469 1.96 -40.55 -28.65
N LEU B 470 2.79 -41.54 -28.36
CA LEU B 470 4.24 -41.35 -28.37
C LEU B 470 4.84 -41.03 -29.75
N PRO B 471 4.50 -41.82 -30.80
CA PRO B 471 5.08 -41.46 -32.10
C PRO B 471 4.54 -40.14 -32.67
N LEU B 472 3.35 -39.73 -32.22
CA LEU B 472 2.76 -38.48 -32.68
C LEU B 472 3.54 -37.28 -32.16
N LEU B 473 4.06 -37.41 -30.94
CA LEU B 473 4.84 -36.33 -30.33
C LEU B 473 6.33 -36.56 -30.58
N GLN B 474 6.66 -37.65 -31.25
CA GLN B 474 8.04 -37.98 -31.59
C GLN B 474 8.60 -36.98 -32.61
N PRO B 475 9.83 -36.52 -32.38
CA PRO B 475 10.47 -35.56 -33.30
C PRO B 475 10.78 -36.15 -34.67
N LEU C 3 -17.76 43.06 47.63
CA LEU C 3 -18.10 44.40 48.08
C LEU C 3 -19.61 44.60 48.10
N ARG C 4 -20.11 45.12 49.22
CA ARG C 4 -21.54 45.38 49.38
C ARG C 4 -21.91 46.83 49.07
N SER C 5 -20.92 47.61 48.65
CA SER C 5 -21.13 49.03 48.34
C SER C 5 -21.60 49.25 46.91
N VAL C 6 -22.49 50.23 46.72
CA VAL C 6 -22.94 50.59 45.37
C VAL C 6 -22.84 52.09 45.11
N PHE C 7 -22.30 52.42 43.94
CA PHE C 7 -22.23 53.79 43.45
C PHE C 7 -23.61 54.21 42.94
N VAL C 8 -24.09 55.36 43.41
CA VAL C 8 -25.39 55.87 42.99
C VAL C 8 -25.33 57.39 42.77
N SER C 9 -25.85 57.84 41.63
CA SER C 9 -25.83 59.26 41.29
C SER C 9 -27.14 59.72 40.65
N GLY C 10 -27.31 61.02 40.52
CA GLY C 10 -28.46 61.59 39.84
C GLY C 10 -29.49 62.23 40.74
N PHE C 11 -29.33 62.06 42.05
CA PHE C 11 -30.26 62.64 43.01
C PHE C 11 -30.11 64.15 43.09
N PRO C 12 -31.24 64.86 43.22
CA PRO C 12 -31.25 66.33 43.27
C PRO C 12 -30.70 66.89 44.59
N ARG C 13 -30.37 68.17 44.60
CA ARG C 13 -29.89 68.83 45.81
C ARG C 13 -31.00 68.93 46.84
N ASP C 14 -30.62 69.18 48.10
CA ASP C 14 -31.51 69.23 49.26
C ASP C 14 -31.90 67.83 49.72
N VAL C 15 -31.43 66.81 49.01
CA VAL C 15 -31.67 65.43 49.40
C VAL C 15 -30.54 64.93 50.29
N ASP C 16 -30.88 64.66 51.56
CA ASP C 16 -29.91 64.20 52.54
C ASP C 16 -29.49 62.77 52.29
N SER C 17 -28.37 62.38 52.88
CA SER C 17 -27.93 60.99 52.87
C SER C 17 -28.97 60.11 53.55
N ALA C 18 -29.69 60.68 54.50
CA ALA C 18 -30.76 59.99 55.19
C ALA C 18 -31.90 59.63 54.24
N GLN C 19 -32.20 60.54 53.31
CA GLN C 19 -33.23 60.29 52.30
C GLN C 19 -32.83 59.13 51.40
N LEU C 20 -31.56 59.08 51.02
CA LEU C 20 -31.04 57.99 50.20
C LEU C 20 -31.13 56.67 50.94
N SER C 21 -30.70 56.68 52.21
CA SER C 21 -30.78 55.49 53.05
C SER C 21 -32.22 55.00 53.15
N GLU C 22 -33.15 55.95 53.25
CA GLU C 22 -34.56 55.63 53.35
C GLU C 22 -35.09 55.08 52.03
N TYR C 23 -34.50 55.50 50.92
CA TYR C 23 -34.89 54.96 49.62
C TYR C 23 -34.41 53.53 49.45
N PHE C 24 -33.13 53.29 49.73
CA PHE C 24 -32.54 51.97 49.56
C PHE C 24 -32.93 51.01 50.67
N LEU C 25 -33.61 51.53 51.69
CA LEU C 25 -34.09 50.71 52.80
C LEU C 25 -35.11 49.68 52.34
N ALA C 26 -35.82 50.01 51.25
CA ALA C 26 -36.87 49.14 50.73
C ALA C 26 -36.32 47.83 50.18
N PHE C 27 -35.16 47.89 49.56
CA PHE C 27 -34.55 46.72 48.95
C PHE C 27 -33.90 45.81 49.98
N GLY C 28 -33.44 46.40 51.07
CA GLY C 28 -32.80 45.65 52.14
C GLY C 28 -32.16 46.56 53.16
N PRO C 29 -31.55 45.97 54.21
CA PRO C 29 -30.88 46.75 55.25
C PRO C 29 -29.72 47.56 54.71
N VAL C 30 -29.67 48.85 55.04
CA VAL C 30 -28.60 49.72 54.57
C VAL C 30 -27.60 50.01 55.67
N ALA C 31 -26.39 49.49 55.53
CA ALA C 31 -25.33 49.71 56.51
C ALA C 31 -25.06 51.19 56.69
N SER C 32 -24.60 51.85 55.63
CA SER C 32 -24.32 53.29 55.71
C SER C 32 -24.39 53.93 54.32
N VAL C 33 -24.57 55.24 54.29
CA VAL C 33 -24.58 55.97 53.04
C VAL C 33 -23.67 57.19 53.13
N VAL C 34 -22.64 57.24 52.30
CA VAL C 34 -21.71 58.36 52.30
C VAL C 34 -21.69 59.08 50.95
N MET C 35 -22.18 60.32 50.94
CA MET C 35 -22.17 61.14 49.74
C MET C 35 -21.01 62.14 49.79
N ASP C 36 -20.38 62.36 48.65
CA ASP C 36 -19.16 63.14 48.57
C ASP C 36 -19.38 64.64 48.37
N LYS C 37 -18.53 65.44 49.01
CA LYS C 37 -18.37 66.83 48.60
C LYS C 37 -17.00 66.98 47.95
N ASP C 38 -16.99 67.08 46.63
CA ASP C 38 -15.74 67.20 45.88
C ASP C 38 -15.15 68.63 45.71
N LYS C 39 -15.94 69.68 45.45
CA LYS C 39 -17.40 69.71 45.38
C LYS C 39 -17.97 69.04 44.13
N GLY C 40 -18.86 68.07 44.34
CA GLY C 40 -19.49 67.32 43.28
C GLY C 40 -20.52 66.38 43.87
N VAL C 41 -21.43 65.88 43.05
CA VAL C 41 -22.52 65.06 43.56
C VAL C 41 -22.46 63.61 43.10
N PHE C 42 -22.07 62.72 44.03
CA PHE C 42 -22.26 61.29 43.88
C PHE C 42 -22.30 60.66 45.26
N ALA C 43 -23.04 59.57 45.40
CA ALA C 43 -23.16 58.91 46.70
C ALA C 43 -22.75 57.45 46.64
N ILE C 44 -22.31 56.91 47.78
CA ILE C 44 -22.00 55.49 47.88
C ILE C 44 -22.82 54.87 48.99
N VAL C 45 -23.64 53.89 48.63
CA VAL C 45 -24.50 53.20 49.59
C VAL C 45 -23.99 51.81 49.89
N GLU C 46 -23.48 51.63 51.11
CA GLU C 46 -23.04 50.32 51.58
C GLU C 46 -24.21 49.62 52.26
N MET C 47 -24.62 48.49 51.69
CA MET C 47 -25.79 47.75 52.20
C MET C 47 -25.39 46.79 53.31
N GLY C 48 -26.38 46.13 53.90
CA GLY C 48 -26.13 45.15 54.93
C GLY C 48 -25.67 43.80 54.41
N ASP C 49 -26.41 43.27 53.43
CA ASP C 49 -26.14 41.93 52.92
C ASP C 49 -25.52 41.94 51.53
N VAL C 50 -25.21 40.75 51.03
CA VAL C 50 -24.79 40.58 49.65
C VAL C 50 -26.02 40.54 48.74
N GLY C 51 -27.05 39.82 49.20
CA GLY C 51 -28.28 39.66 48.45
C GLY C 51 -29.06 40.96 48.36
N ALA C 52 -28.90 41.82 49.35
CA ALA C 52 -29.54 43.13 49.34
C ALA C 52 -28.87 44.02 48.30
N ARG C 53 -27.54 44.01 48.31
CA ARG C 53 -26.75 44.77 47.34
C ARG C 53 -27.03 44.29 45.92
N GLU C 54 -27.24 42.98 45.76
CA GLU C 54 -27.56 42.41 44.46
C GLU C 54 -29.03 42.63 44.11
N ALA C 55 -29.84 42.93 45.12
CA ALA C 55 -31.24 43.26 44.89
C ALA C 55 -31.36 44.70 44.40
N VAL C 56 -30.49 45.55 44.89
CA VAL C 56 -30.44 46.95 44.45
C VAL C 56 -30.04 47.04 42.98
N LEU C 57 -29.00 46.30 42.62
CA LEU C 57 -28.50 46.29 41.25
C LEU C 57 -29.42 45.52 40.31
N SER C 58 -30.28 44.70 40.89
CA SER C 58 -31.19 43.86 40.10
C SER C 58 -32.20 44.70 39.32
N GLN C 59 -32.56 45.86 39.87
CA GLN C 59 -33.52 46.74 39.22
C GLN C 59 -32.82 47.85 38.46
N SER C 60 -33.19 48.01 37.19
CA SER C 60 -32.57 49.02 36.34
C SER C 60 -33.31 50.35 36.40
N GLN C 61 -34.47 50.36 37.06
CA GLN C 61 -35.26 51.59 37.18
C GLN C 61 -35.24 52.14 38.60
N HIS C 62 -34.56 53.27 38.79
CA HIS C 62 -34.51 53.94 40.08
C HIS C 62 -34.89 55.41 39.94
N SER C 63 -35.67 55.90 40.90
CA SER C 63 -36.06 57.31 40.91
C SER C 63 -36.27 57.83 42.32
N LEU C 64 -35.89 59.08 42.54
CA LEU C 64 -36.12 59.74 43.82
C LEU C 64 -36.54 61.19 43.60
N GLY C 65 -37.65 61.59 44.20
CA GLY C 65 -38.15 62.95 44.10
C GLY C 65 -38.41 63.44 42.69
N GLY C 66 -38.57 62.51 41.75
CA GLY C 66 -38.82 62.86 40.37
C GLY C 66 -37.58 62.81 39.49
N HIS C 67 -36.43 62.62 40.11
CA HIS C 67 -35.18 62.50 39.35
C HIS C 67 -34.76 61.04 39.22
N ARG C 68 -34.42 60.63 38.00
CA ARG C 68 -34.01 59.25 37.78
C ARG C 68 -32.57 59.02 38.21
N LEU C 69 -32.37 58.02 39.06
CA LEU C 69 -31.06 57.67 39.58
C LEU C 69 -30.34 56.65 38.70
N ARG C 70 -29.03 56.80 38.59
CA ARG C 70 -28.19 55.79 37.95
C ARG C 70 -27.39 55.05 39.03
N VAL C 71 -27.44 53.72 38.98
CA VAL C 71 -26.77 52.90 39.98
C VAL C 71 -25.80 51.88 39.37
N ARG C 72 -24.51 52.04 39.67
CA ARG C 72 -23.47 51.15 39.19
C ARG C 72 -22.76 50.49 40.37
N PRO C 73 -22.19 49.29 40.17
CA PRO C 73 -21.53 48.56 41.27
C PRO C 73 -20.29 49.24 41.82
N ARG C 74 -19.42 49.77 40.96
CA ARG C 74 -18.17 50.38 41.42
C ARG C 74 -18.38 51.85 41.80
N ASP C 93 -9.80 38.33 22.37
CA ASP C 93 -11.25 38.20 22.19
C ASP C 93 -12.01 38.73 23.40
N SER C 94 -13.27 39.09 23.18
CA SER C 94 -14.15 39.68 24.19
C SER C 94 -13.56 40.98 24.70
N HIS C 95 -12.68 41.58 23.89
CA HIS C 95 -12.15 42.91 24.18
C HIS C 95 -12.26 43.79 22.94
N GLN C 96 -11.54 43.42 21.89
CA GLN C 96 -11.63 44.12 20.62
C GLN C 96 -13.02 43.95 20.00
N LEU C 97 -13.62 42.80 20.26
CA LEU C 97 -14.98 42.53 19.80
C LEU C 97 -15.93 43.56 20.38
N ALA C 98 -15.73 43.89 21.66
CA ALA C 98 -16.59 44.84 22.36
C ALA C 98 -16.52 46.23 21.72
N LYS C 99 -15.31 46.73 21.52
CA LYS C 99 -15.12 48.05 20.94
C LYS C 99 -15.44 48.05 19.45
N ALA C 100 -15.50 46.85 18.86
CA ALA C 100 -15.90 46.71 17.47
C ALA C 100 -17.41 46.85 17.34
N LEU C 101 -18.14 46.18 18.22
CA LEU C 101 -19.60 46.25 18.22
C LEU C 101 -20.10 47.61 18.70
N ALA C 102 -19.33 48.24 19.59
CA ALA C 102 -19.70 49.52 20.15
C ALA C 102 -19.68 50.63 19.11
N GLU C 103 -18.93 50.40 18.03
CA GLU C 103 -18.79 51.40 16.97
C GLU C 103 -19.78 51.18 15.83
N ALA C 104 -20.59 50.13 15.94
CA ALA C 104 -21.60 49.84 14.92
C ALA C 104 -22.75 50.86 14.98
N ALA C 105 -23.43 51.04 13.86
CA ALA C 105 -24.56 51.97 13.78
C ALA C 105 -25.68 51.59 14.75
N ASP C 106 -26.34 50.47 14.49
CA ASP C 106 -27.48 50.05 15.30
C ASP C 106 -27.35 48.60 15.76
N VAL C 107 -28.42 48.09 16.38
CA VAL C 107 -28.44 46.74 16.91
C VAL C 107 -28.23 45.68 15.82
N GLY C 108 -28.96 45.83 14.71
CA GLY C 108 -28.84 44.92 13.59
C GLY C 108 -27.41 44.90 13.04
N ALA C 109 -26.85 46.10 12.89
CA ALA C 109 -25.47 46.23 12.44
C ALA C 109 -24.51 45.54 13.41
N GLN C 110 -24.83 45.63 14.71
CA GLN C 110 -24.05 44.96 15.74
C GLN C 110 -24.09 43.45 15.57
N MET C 111 -25.27 42.92 15.29
CA MET C 111 -25.44 41.48 15.11
C MET C 111 -24.69 40.99 13.88
N ILE C 112 -24.86 41.70 12.77
CA ILE C 112 -24.19 41.34 11.52
C ILE C 112 -22.67 41.40 11.68
N LYS C 113 -22.19 42.45 12.34
CA LYS C 113 -20.75 42.61 12.58
C LYS C 113 -20.23 41.51 13.50
N LEU C 114 -21.07 41.09 14.45
CA LEU C 114 -20.74 39.96 15.31
C LEU C 114 -20.56 38.70 14.47
N VAL C 115 -21.46 38.49 13.52
CA VAL C 115 -21.35 37.36 12.61
C VAL C 115 -20.04 37.42 11.82
N GLY C 116 -19.79 38.55 11.18
CA GLY C 116 -18.61 38.71 10.37
C GLY C 116 -17.31 38.53 11.15
N LEU C 117 -17.32 38.98 12.40
CA LEU C 117 -16.15 38.88 13.25
C LEU C 117 -15.92 37.46 13.77
N ARG C 118 -17.01 36.78 14.12
CA ARG C 118 -16.89 35.50 14.81
C ARG C 118 -16.97 34.30 13.87
N GLU C 119 -17.21 34.54 12.59
CA GLU C 119 -17.30 33.43 11.63
C GLU C 119 -15.93 32.95 11.18
N LEU C 120 -15.90 31.91 10.35
CA LEU C 120 -14.64 31.35 9.88
C LEU C 120 -14.10 32.08 8.66
N SER C 121 -12.81 32.40 8.69
CA SER C 121 -12.13 32.98 7.55
C SER C 121 -12.02 31.96 6.44
N GLU C 122 -11.84 32.43 5.20
CA GLU C 122 -11.75 31.55 4.05
C GLU C 122 -10.56 30.59 4.17
N ALA C 123 -9.49 31.06 4.82
CA ALA C 123 -8.31 30.24 5.02
C ALA C 123 -8.59 29.09 5.99
N GLU C 124 -9.43 29.34 6.98
CA GLU C 124 -9.80 28.31 7.94
C GLU C 124 -10.69 27.25 7.30
N ARG C 125 -11.66 27.70 6.50
CA ARG C 125 -12.53 26.79 5.78
C ARG C 125 -11.71 25.94 4.83
N GLN C 126 -10.79 26.58 4.12
CA GLN C 126 -9.87 25.90 3.23
C GLN C 126 -9.06 24.85 3.98
N LEU C 127 -8.58 25.23 5.16
CA LEU C 127 -7.80 24.34 6.01
C LEU C 127 -8.58 23.09 6.38
N ARG C 128 -9.82 23.30 6.83
CA ARG C 128 -10.70 22.20 7.19
C ARG C 128 -10.96 21.28 5.99
N SER C 129 -11.21 21.89 4.84
CA SER C 129 -11.41 21.13 3.61
C SER C 129 -10.20 20.27 3.28
N LEU C 130 -9.01 20.83 3.46
CA LEU C 130 -7.76 20.11 3.24
C LEU C 130 -7.62 18.93 4.20
N VAL C 131 -8.02 19.14 5.45
CA VAL C 131 -8.00 18.07 6.44
C VAL C 131 -8.90 16.93 5.99
N VAL C 132 -10.12 17.29 5.58
CA VAL C 132 -11.07 16.32 5.05
C VAL C 132 -10.48 15.55 3.87
N ALA C 133 -9.75 16.26 3.00
CA ALA C 133 -9.12 15.66 1.84
C ALA C 133 -8.03 14.65 2.23
N LEU C 134 -7.24 15.00 3.24
CA LEU C 134 -6.17 14.15 3.73
C LEU C 134 -6.74 12.87 4.34
N MET C 135 -7.70 13.04 5.25
CA MET C 135 -8.43 11.92 5.83
C MET C 135 -9.00 11.03 4.73
N GLN C 136 -9.57 11.67 3.72
CA GLN C 136 -10.14 10.97 2.57
C GLN C 136 -9.10 10.11 1.88
N GLU C 137 -7.91 10.67 1.68
CA GLU C 137 -6.84 9.94 0.99
C GLU C 137 -6.39 8.72 1.78
N VAL C 138 -6.11 8.90 3.07
CA VAL C 138 -5.65 7.80 3.92
C VAL C 138 -6.70 6.68 4.02
N PHE C 139 -7.92 7.07 4.37
CA PHE C 139 -8.99 6.09 4.52
C PHE C 139 -9.33 5.41 3.20
N THR C 140 -9.24 6.13 2.10
CA THR C 140 -9.43 5.53 0.77
C THR C 140 -8.37 4.48 0.54
N GLU C 141 -7.14 4.77 0.98
CA GLU C 141 -6.07 3.79 0.87
C GLU C 141 -6.42 2.53 1.65
N PHE C 142 -6.93 2.69 2.88
CA PHE C 142 -7.34 1.51 3.66
C PHE C 142 -8.74 0.97 3.37
N PHE C 143 -9.69 1.86 3.10
CA PHE C 143 -11.08 1.46 2.85
C PHE C 143 -11.55 1.92 1.48
N PRO C 144 -11.36 1.07 0.45
CA PRO C 144 -11.70 1.41 -0.94
C PRO C 144 -13.17 1.80 -1.11
N GLY C 145 -13.41 2.93 -1.77
CA GLY C 145 -14.76 3.38 -2.05
C GLY C 145 -15.39 4.20 -0.94
N CYS C 146 -14.65 4.40 0.14
CA CYS C 146 -15.17 5.14 1.29
C CYS C 146 -15.22 6.64 1.01
N VAL C 147 -16.10 7.34 1.72
CA VAL C 147 -16.23 8.79 1.58
C VAL C 147 -16.21 9.48 2.93
N VAL C 148 -15.48 10.59 3.03
CA VAL C 148 -15.45 11.38 4.25
C VAL C 148 -16.32 12.61 4.11
N HIS C 149 -17.43 12.65 4.84
CA HIS C 149 -18.37 13.76 4.79
C HIS C 149 -18.23 14.67 6.01
N PRO C 150 -17.95 15.96 5.78
CA PRO C 150 -17.94 16.90 6.91
C PRO C 150 -19.34 17.19 7.39
N PHE C 151 -19.53 17.37 8.69
CA PHE C 151 -20.82 17.79 9.23
C PHE C 151 -20.62 18.56 10.53
N GLY C 152 -21.73 19.02 11.11
CA GLY C 152 -21.67 19.75 12.36
C GLY C 152 -21.33 21.21 12.19
N SER C 153 -20.57 21.75 13.14
CA SER C 153 -20.26 23.18 13.22
C SER C 153 -19.70 23.76 11.93
N SER C 154 -19.05 22.94 11.13
CA SER C 154 -18.35 23.41 9.94
C SER C 154 -19.31 23.81 8.82
N ILE C 155 -20.07 22.84 8.30
CA ILE C 155 -20.85 23.06 7.08
C ILE C 155 -22.27 23.60 7.30
N ASN C 156 -22.66 23.84 8.55
CA ASN C 156 -24.00 24.37 8.82
C ASN C 156 -24.04 25.90 8.71
N SER C 157 -22.89 26.48 8.40
CA SER C 157 -22.70 27.93 8.23
C SER C 157 -23.05 28.72 9.49
N PHE C 158 -23.06 28.05 10.63
CA PHE C 158 -23.10 28.70 11.93
C PHE C 158 -21.71 28.71 12.54
N ASP C 159 -20.74 28.26 11.75
CA ASP C 159 -19.35 28.09 12.17
C ASP C 159 -18.71 29.30 12.84
N VAL C 160 -17.93 29.04 13.88
CA VAL C 160 -17.15 30.06 14.57
C VAL C 160 -15.69 29.64 14.66
N HIS C 161 -14.82 30.59 14.98
CA HIS C 161 -13.38 30.34 15.10
C HIS C 161 -13.08 29.21 16.08
N GLY C 162 -12.20 28.31 15.68
CA GLY C 162 -11.76 27.22 16.54
C GLY C 162 -12.88 26.31 17.00
N CYS C 163 -13.63 25.76 16.05
CA CYS C 163 -14.74 24.87 16.38
C CYS C 163 -14.44 23.45 15.92
N ASP C 164 -15.09 22.48 16.57
CA ASP C 164 -14.88 21.07 16.28
C ASP C 164 -15.12 20.73 14.82
N LEU C 165 -14.26 19.89 14.26
CA LEU C 165 -14.45 19.36 12.91
C LEU C 165 -14.99 17.95 13.02
N ASP C 166 -16.27 17.76 12.70
CA ASP C 166 -16.92 16.47 12.86
C ASP C 166 -17.02 15.75 11.52
N LEU C 167 -16.48 14.55 11.46
CA LEU C 167 -16.40 13.81 10.21
C LEU C 167 -17.21 12.51 10.26
N PHE C 168 -18.08 12.33 9.27
CA PHE C 168 -18.80 11.07 9.10
C PHE C 168 -18.10 10.23 8.05
N LEU C 169 -17.75 9.00 8.43
CA LEU C 169 -17.04 8.10 7.52
C LEU C 169 -17.98 7.07 6.93
N ASP C 170 -18.26 7.21 5.63
CA ASP C 170 -19.12 6.28 4.92
C ASP C 170 -18.28 5.17 4.29
N LEU C 171 -18.60 3.93 4.66
CA LEU C 171 -17.85 2.77 4.16
C LEU C 171 -18.66 1.97 3.16
N THR C 207 -25.35 -12.80 13.05
CA THR C 207 -26.04 -12.63 14.34
C THR C 207 -25.72 -11.27 14.94
N PRO C 208 -26.75 -10.57 15.44
CA PRO C 208 -26.66 -9.21 16.00
C PRO C 208 -25.55 -9.03 17.05
N LYS C 209 -25.31 -10.07 17.85
CA LYS C 209 -24.23 -10.06 18.83
C LYS C 209 -22.88 -9.79 18.17
N GLU C 210 -22.47 -10.73 17.32
CA GLU C 210 -21.22 -10.61 16.58
C GLU C 210 -21.20 -9.39 15.67
N GLU C 211 -22.38 -8.86 15.35
CA GLU C 211 -22.48 -7.65 14.54
C GLU C 211 -22.13 -6.41 15.35
N LYS C 212 -22.62 -6.34 16.58
CA LYS C 212 -22.26 -5.24 17.46
C LYS C 212 -20.78 -5.32 17.82
N ALA C 213 -20.31 -6.54 18.06
CA ALA C 213 -18.89 -6.78 18.33
C ALA C 213 -18.04 -6.34 17.14
N GLU C 214 -18.54 -6.60 15.93
CA GLU C 214 -17.84 -6.24 14.70
C GLU C 214 -17.83 -4.73 14.48
N GLY C 215 -18.92 -4.08 14.86
CA GLY C 215 -19.01 -2.63 14.74
C GLY C 215 -18.05 -1.95 15.69
N ALA C 216 -18.02 -2.43 16.93
CA ALA C 216 -17.08 -1.93 17.92
C ALA C 216 -15.64 -2.13 17.45
N ALA C 217 -15.35 -3.34 16.99
CA ALA C 217 -14.03 -3.66 16.45
C ALA C 217 -13.63 -2.72 15.31
N MET C 218 -14.60 -2.41 14.45
CA MET C 218 -14.35 -1.52 13.33
C MET C 218 -14.06 -0.10 13.82
N LEU C 219 -14.77 0.32 14.85
CA LEU C 219 -14.53 1.62 15.47
C LEU C 219 -13.10 1.69 16.01
N GLU C 220 -12.67 0.62 16.68
CA GLU C 220 -11.32 0.53 17.20
C GLU C 220 -10.30 0.59 16.06
N LEU C 221 -10.62 -0.09 14.96
CA LEU C 221 -9.75 -0.10 13.78
C LEU C 221 -9.58 1.30 13.21
N VAL C 222 -10.69 2.02 13.08
CA VAL C 222 -10.66 3.40 12.62
C VAL C 222 -9.80 4.23 13.57
N GLY C 223 -9.91 3.94 14.86
CA GLY C 223 -9.05 4.56 15.85
C GLY C 223 -7.58 4.32 15.58
N SER C 224 -7.24 3.08 15.24
CA SER C 224 -5.85 2.70 14.97
C SER C 224 -5.31 3.42 13.74
N ILE C 225 -6.09 3.41 12.67
CA ILE C 225 -5.71 4.09 11.42
C ILE C 225 -5.53 5.58 11.68
N LEU C 226 -6.43 6.16 12.46
CA LEU C 226 -6.33 7.58 12.84
C LEU C 226 -5.05 7.84 13.63
N ARG C 227 -4.69 6.89 14.48
CA ARG C 227 -3.51 7.06 15.33
C ARG C 227 -2.20 6.99 14.55
N GLY C 228 -2.02 5.91 13.78
CA GLY C 228 -0.73 5.63 13.18
C GLY C 228 -0.51 5.94 11.72
N CYS C 229 -1.57 6.24 10.97
CA CYS C 229 -1.46 6.39 9.52
C CYS C 229 -1.58 7.82 9.04
N VAL C 230 -2.77 8.40 9.15
CA VAL C 230 -3.00 9.78 8.72
C VAL C 230 -2.11 10.72 9.53
N PRO C 231 -1.34 11.57 8.83
CA PRO C 231 -0.29 12.37 9.47
C PRO C 231 -0.81 13.52 10.32
N GLY C 232 -0.14 13.77 11.44
CA GLY C 232 -0.41 14.94 12.26
C GLY C 232 -1.43 14.75 13.36
N VAL C 233 -2.30 13.76 13.22
CA VAL C 233 -3.37 13.58 14.19
C VAL C 233 -2.93 12.72 15.36
N TYR C 234 -3.08 13.30 16.56
CA TYR C 234 -2.74 12.64 17.81
C TYR C 234 -3.95 12.70 18.73
N ARG C 235 -3.78 12.26 19.97
CA ARG C 235 -4.83 12.33 20.98
C ARG C 235 -6.11 11.65 20.49
N VAL C 236 -6.03 10.35 20.25
CA VAL C 236 -7.14 9.58 19.71
C VAL C 236 -7.82 8.74 20.78
N GLN C 237 -9.12 8.95 20.97
CA GLN C 237 -9.86 8.22 21.99
C GLN C 237 -11.16 7.65 21.45
N THR C 238 -11.37 6.36 21.64
CA THR C 238 -12.58 5.69 21.15
C THR C 238 -13.72 5.74 22.17
N VAL C 239 -14.91 6.06 21.68
CA VAL C 239 -16.11 6.12 22.51
C VAL C 239 -17.22 5.29 21.88
N PRO C 240 -17.20 3.97 22.11
CA PRO C 240 -18.23 3.03 21.65
C PRO C 240 -19.54 3.12 22.44
N SER C 241 -19.49 3.72 23.63
CA SER C 241 -20.59 3.62 24.59
C SER C 241 -21.62 4.76 24.48
N ALA C 242 -21.38 5.71 23.58
CA ALA C 242 -22.30 6.84 23.45
C ALA C 242 -23.58 6.44 22.73
N ARG C 243 -24.51 7.39 22.60
CA ARG C 243 -25.73 7.16 21.84
C ARG C 243 -25.36 7.13 20.35
N ARG C 244 -24.37 7.94 20.00
CA ARG C 244 -23.78 7.93 18.68
C ARG C 244 -22.27 7.69 18.81
N PRO C 245 -21.84 6.42 18.78
CA PRO C 245 -20.44 6.02 18.96
C PRO C 245 -19.50 6.80 18.06
N VAL C 246 -18.35 7.23 18.59
CA VAL C 246 -17.49 8.14 17.86
C VAL C 246 -16.02 8.02 18.26
N VAL C 247 -15.12 8.41 17.36
CA VAL C 247 -13.69 8.42 17.65
C VAL C 247 -13.16 9.84 17.68
N LYS C 248 -12.79 10.30 18.88
CA LYS C 248 -12.29 11.66 19.05
C LYS C 248 -10.83 11.75 18.62
N PHE C 249 -10.53 12.78 17.83
CA PHE C 249 -9.18 12.97 17.30
C PHE C 249 -8.77 14.44 17.37
N ALA C 250 -7.46 14.68 17.30
CA ALA C 250 -6.94 16.04 17.23
C ALA C 250 -5.78 16.11 16.25
N HIS C 251 -5.88 17.03 15.29
CA HIS C 251 -4.81 17.26 14.32
C HIS C 251 -3.92 18.40 14.79
N ARG C 252 -2.66 18.06 15.10
CA ARG C 252 -1.71 19.00 15.69
C ARG C 252 -1.28 20.15 14.76
N PRO C 253 -0.91 19.86 13.49
CA PRO C 253 -0.44 20.96 12.64
C PRO C 253 -1.48 22.08 12.46
N SER C 254 -2.75 21.71 12.33
CA SER C 254 -3.81 22.69 12.17
C SER C 254 -4.45 23.06 13.51
N GLY C 255 -4.02 22.39 14.58
CA GLY C 255 -4.57 22.61 15.89
C GLY C 255 -6.02 22.19 16.03
N LEU C 256 -6.52 21.51 15.01
CA LEU C 256 -7.93 21.12 14.97
C LEU C 256 -8.24 19.95 15.91
N HIS C 257 -9.52 19.79 16.22
CA HIS C 257 -9.98 18.64 16.99
C HIS C 257 -11.43 18.33 16.61
N GLY C 258 -11.83 17.07 16.79
CA GLY C 258 -13.19 16.69 16.45
C GLY C 258 -13.53 15.24 16.67
N ASP C 259 -14.63 14.81 16.06
CA ASP C 259 -15.12 13.45 16.20
C ASP C 259 -15.28 12.76 14.85
N VAL C 260 -15.08 11.45 14.83
CA VAL C 260 -15.27 10.67 13.61
C VAL C 260 -16.27 9.54 13.85
N SER C 261 -17.43 9.61 13.20
CA SER C 261 -18.49 8.64 13.43
C SER C 261 -18.64 7.67 12.27
N LEU C 262 -18.82 6.39 12.59
CA LEU C 262 -19.03 5.38 11.56
C LEU C 262 -20.40 5.54 10.94
N SER C 263 -21.45 5.62 11.77
CA SER C 263 -22.70 6.19 11.28
C SER C 263 -23.26 7.25 12.21
N ASN C 264 -23.07 8.51 11.82
CA ASN C 264 -23.83 9.65 12.34
C ASN C 264 -24.86 10.10 11.32
N ARG C 265 -24.97 9.35 10.24
CA ARG C 265 -25.38 9.85 8.92
C ARG C 265 -26.56 10.83 8.93
N LEU C 266 -27.55 10.58 9.78
CA LEU C 266 -28.68 11.49 9.94
C LEU C 266 -28.17 12.93 10.10
N ALA C 267 -27.22 13.10 11.02
CA ALA C 267 -26.64 14.41 11.33
C ALA C 267 -26.25 15.17 10.08
N LEU C 268 -25.64 14.46 9.14
CA LEU C 268 -25.22 15.05 7.88
C LEU C 268 -26.35 15.89 7.31
N HIS C 269 -27.47 15.23 7.04
CA HIS C 269 -28.62 15.89 6.46
C HIS C 269 -29.07 17.12 7.25
N ASN C 270 -29.08 17.03 8.58
CA ASN C 270 -29.62 18.15 9.34
C ASN C 270 -28.68 19.35 9.24
N SER C 271 -27.39 19.08 9.05
CA SER C 271 -26.46 20.18 8.79
C SER C 271 -26.89 20.88 7.52
N ARG C 272 -27.17 20.08 6.49
CA ARG C 272 -27.62 20.59 5.21
C ARG C 272 -28.91 21.38 5.40
N PHE C 273 -29.68 21.02 6.42
CA PHE C 273 -30.90 21.76 6.73
C PHE C 273 -30.53 23.14 7.27
N LEU C 274 -29.65 23.16 8.28
CA LEU C 274 -29.29 24.41 8.94
C LEU C 274 -28.80 25.46 7.95
N SER C 275 -27.81 25.06 7.15
CA SER C 275 -27.27 25.92 6.11
C SER C 275 -28.38 26.47 5.22
N LEU C 276 -29.31 25.60 4.83
CA LEU C 276 -30.40 26.00 3.94
C LEU C 276 -31.20 27.12 4.57
N ALA C 277 -31.40 27.06 5.88
CA ALA C 277 -32.13 28.11 6.58
C ALA C 277 -31.46 29.45 6.36
N SER C 278 -30.13 29.46 6.44
CA SER C 278 -29.36 30.68 6.25
C SER C 278 -29.55 31.22 4.84
N GLU C 279 -29.77 30.32 3.89
CA GLU C 279 -30.00 30.72 2.51
C GLU C 279 -31.44 31.21 2.31
N LEU C 280 -32.35 30.76 3.18
CA LEU C 280 -33.75 31.13 3.05
C LEU C 280 -33.99 32.57 3.51
N ASP C 281 -33.27 32.99 4.54
CA ASP C 281 -33.39 34.35 5.04
C ASP C 281 -32.07 34.83 5.62
N GLY C 282 -31.78 36.11 5.43
CA GLY C 282 -30.50 36.67 5.84
C GLY C 282 -30.45 37.08 7.29
N ARG C 283 -31.59 37.04 7.98
CA ARG C 283 -31.67 37.38 9.38
C ARG C 283 -31.28 36.21 10.28
N VAL C 284 -31.31 35.01 9.69
CA VAL C 284 -31.04 33.77 10.42
C VAL C 284 -29.67 33.76 11.08
N ARG C 285 -28.62 33.99 10.28
CA ARG C 285 -27.26 33.97 10.82
C ARG C 285 -27.01 35.02 11.91
N PRO C 286 -27.42 36.29 11.68
CA PRO C 286 -27.26 37.24 12.79
C PRO C 286 -28.00 36.82 14.05
N LEU C 287 -29.25 36.40 13.89
CA LEU C 287 -30.06 35.98 15.04
C LEU C 287 -29.40 34.82 15.81
N VAL C 288 -29.03 33.77 15.10
CA VAL C 288 -28.47 32.57 15.73
C VAL C 288 -27.09 32.82 16.34
N TYR C 289 -26.24 33.59 15.64
CA TYR C 289 -24.94 33.94 16.19
C TYR C 289 -25.07 34.75 17.48
N THR C 290 -25.94 35.75 17.44
CA THR C 290 -26.18 36.61 18.60
C THR C 290 -26.71 35.81 19.78
N LEU C 291 -27.73 34.99 19.52
CA LEU C 291 -28.35 34.20 20.58
C LEU C 291 -27.43 33.11 21.12
N ARG C 292 -26.52 32.64 20.28
CA ARG C 292 -25.51 31.68 20.71
C ARG C 292 -24.53 32.36 21.65
N ALA C 293 -24.05 33.53 21.26
CA ALA C 293 -23.14 34.28 22.11
C ALA C 293 -23.79 34.63 23.44
N TRP C 294 -25.08 34.95 23.39
CA TRP C 294 -25.84 35.29 24.59
C TRP C 294 -26.04 34.10 25.50
N ALA C 295 -26.40 32.96 24.92
CA ALA C 295 -26.62 31.73 25.69
C ALA C 295 -25.33 31.25 26.33
N GLN C 296 -24.26 31.23 25.54
CA GLN C 296 -22.94 30.85 26.04
C GLN C 296 -22.45 31.84 27.08
N GLY C 297 -22.91 33.08 26.97
CA GLY C 297 -22.54 34.11 27.94
C GLY C 297 -23.27 33.95 29.26
N ARG C 298 -24.52 33.48 29.21
CA ARG C 298 -25.34 33.34 30.40
C ARG C 298 -25.25 31.93 31.01
N GLY C 299 -24.50 31.05 30.34
CA GLY C 299 -24.33 29.70 30.83
C GLY C 299 -25.55 28.84 30.58
N LEU C 300 -26.35 29.21 29.59
CA LEU C 300 -27.52 28.43 29.21
C LEU C 300 -27.17 27.41 28.14
N SER C 301 -25.95 27.51 27.63
CA SER C 301 -25.46 26.62 26.58
C SER C 301 -24.22 25.86 27.02
N GLY C 302 -24.20 24.55 26.79
CA GLY C 302 -23.08 23.73 27.19
C GLY C 302 -23.25 22.25 26.89
N SER C 303 -22.30 21.44 27.35
CA SER C 303 -22.31 20.00 27.10
C SER C 303 -22.94 19.23 28.26
N GLY C 304 -23.33 19.96 29.30
CA GLY C 304 -23.94 19.37 30.48
C GLY C 304 -25.44 19.39 30.36
N PRO C 305 -26.13 19.59 31.50
CA PRO C 305 -27.59 19.76 31.55
C PRO C 305 -28.06 20.95 30.70
N LEU C 306 -27.12 21.79 30.29
CA LEU C 306 -27.44 22.98 29.50
C LEU C 306 -27.85 22.64 28.07
N LEU C 307 -28.14 23.66 27.28
CA LEU C 307 -28.58 23.48 25.89
C LEU C 307 -27.41 23.24 24.96
N SER C 308 -27.53 22.24 24.10
CA SER C 308 -26.54 22.05 23.04
C SER C 308 -26.75 23.12 21.98
N ASN C 309 -25.70 23.47 21.27
CA ASN C 309 -25.78 24.52 20.25
C ASN C 309 -26.77 24.17 19.15
N TYR C 310 -26.86 22.88 18.83
CA TYR C 310 -27.81 22.41 17.82
C TYR C 310 -29.24 22.61 18.30
N ALA C 311 -29.49 22.33 19.57
CA ALA C 311 -30.81 22.53 20.16
C ALA C 311 -31.18 24.02 20.17
N LEU C 312 -30.21 24.87 20.48
CA LEU C 312 -30.44 26.30 20.50
C LEU C 312 -30.77 26.82 19.11
N THR C 313 -29.97 26.41 18.13
CA THR C 313 -30.20 26.80 16.74
C THR C 313 -31.58 26.35 16.26
N LEU C 314 -31.93 25.11 16.60
CA LEU C 314 -33.23 24.56 16.28
C LEU C 314 -34.35 25.38 16.92
N LEU C 315 -34.09 25.86 18.14
CA LEU C 315 -35.05 26.69 18.86
C LEU C 315 -35.27 28.01 18.14
N VAL C 316 -34.17 28.62 17.68
CA VAL C 316 -34.25 29.88 16.95
C VAL C 316 -35.00 29.70 15.64
N ILE C 317 -34.69 28.62 14.92
CA ILE C 317 -35.38 28.31 13.68
C ILE C 317 -36.88 28.14 13.91
N TYR C 318 -37.23 27.43 14.98
CA TYR C 318 -38.63 27.25 15.36
C TYR C 318 -39.30 28.59 15.62
N PHE C 319 -38.63 29.45 16.37
CA PHE C 319 -39.13 30.79 16.65
C PHE C 319 -39.41 31.55 15.36
N LEU C 320 -38.49 31.46 14.41
CA LEU C 320 -38.64 32.14 13.13
C LEU C 320 -39.76 31.51 12.31
N GLN C 321 -40.06 30.25 12.58
CA GLN C 321 -41.17 29.56 11.94
C GLN C 321 -42.50 30.01 12.52
N THR C 322 -42.48 30.46 13.77
CA THR C 322 -43.72 30.80 14.48
C THR C 322 -44.15 32.26 14.39
N ARG C 323 -43.42 33.08 13.64
CA ARG C 323 -43.77 34.50 13.52
C ARG C 323 -45.04 34.69 12.70
N ASP C 324 -45.71 35.82 12.88
CA ASP C 324 -47.02 36.05 12.28
C ASP C 324 -46.94 35.94 10.74
N PRO C 325 -46.15 36.80 10.06
CA PRO C 325 -45.72 36.19 8.80
C PRO C 325 -44.60 35.21 9.10
N PRO C 326 -44.60 34.03 8.46
CA PRO C 326 -43.49 33.12 8.72
C PRO C 326 -42.17 33.68 8.19
N VAL C 327 -41.14 33.69 9.03
CA VAL C 327 -39.82 34.11 8.57
C VAL C 327 -39.18 32.92 7.85
N LEU C 328 -39.37 31.74 8.42
CA LEU C 328 -38.92 30.50 7.80
C LEU C 328 -40.09 29.53 7.65
N PRO C 329 -40.10 28.78 6.53
CA PRO C 329 -41.16 27.79 6.29
C PRO C 329 -41.02 26.56 7.18
N THR C 330 -42.10 25.83 7.36
CA THR C 330 -42.05 24.58 8.13
C THR C 330 -41.39 23.50 7.30
N VAL C 331 -40.84 22.49 7.97
CA VAL C 331 -40.16 21.41 7.27
C VAL C 331 -41.15 20.57 6.45
N SER C 332 -42.41 20.56 6.90
CA SER C 332 -43.47 19.88 6.15
C SER C 332 -43.67 20.53 4.78
N GLN C 333 -43.56 21.85 4.75
CA GLN C 333 -43.68 22.60 3.50
C GLN C 333 -42.48 22.34 2.60
N LEU C 334 -41.30 22.22 3.21
CA LEU C 334 -40.08 21.91 2.47
C LEU C 334 -40.20 20.53 1.82
N THR C 335 -40.72 19.58 2.58
CA THR C 335 -40.95 18.23 2.06
C THR C 335 -42.03 18.26 0.99
N GLN C 336 -42.98 19.18 1.13
CA GLN C 336 -44.04 19.36 0.15
C GLN C 336 -43.49 19.91 -1.16
N LYS C 337 -42.39 20.67 -1.07
CA LYS C 337 -41.72 21.17 -2.27
C LYS C 337 -40.98 20.03 -2.96
N ALA C 338 -40.42 19.12 -2.16
CA ALA C 338 -39.98 17.81 -2.64
C ALA C 338 -39.03 17.87 -3.84
N GLY C 339 -39.50 17.30 -4.96
CA GLY C 339 -38.70 17.15 -6.16
C GLY C 339 -38.22 15.72 -6.29
N GLU C 340 -38.07 15.25 -7.53
CA GLU C 340 -37.63 13.90 -7.79
C GLU C 340 -36.11 13.79 -7.68
N GLY C 341 -35.64 12.71 -7.08
CA GLY C 341 -34.21 12.53 -6.86
C GLY C 341 -33.77 13.21 -5.58
N GLU C 342 -34.60 14.12 -5.08
CA GLU C 342 -34.35 14.81 -3.83
C GLU C 342 -34.96 14.02 -2.68
N GLN C 343 -35.74 13.00 -3.02
CA GLN C 343 -36.32 12.12 -2.02
C GLN C 343 -35.25 11.21 -1.44
N VAL C 344 -35.11 11.23 -0.12
CA VAL C 344 -34.07 10.45 0.54
C VAL C 344 -34.56 9.92 1.90
N GLU C 345 -34.09 8.72 2.26
CA GLU C 345 -34.43 8.12 3.53
C GLU C 345 -33.18 7.71 4.30
N VAL C 346 -33.07 8.20 5.54
CA VAL C 346 -31.95 7.85 6.41
C VAL C 346 -32.47 7.26 7.71
N ASP C 347 -32.05 6.03 8.01
CA ASP C 347 -32.43 5.34 9.25
C ASP C 347 -33.93 5.01 9.29
N GLY C 348 -34.64 5.39 8.22
CA GLY C 348 -36.08 5.17 8.14
C GLY C 348 -36.86 6.47 8.22
N TRP C 349 -36.17 7.54 8.61
CA TRP C 349 -36.75 8.88 8.60
C TRP C 349 -36.69 9.48 7.20
N ASP C 350 -37.59 10.41 6.91
CA ASP C 350 -37.62 11.05 5.60
C ASP C 350 -36.94 12.41 5.65
N CYS C 351 -35.75 12.47 5.04
CA CYS C 351 -34.93 13.66 5.10
C CYS C 351 -35.06 14.55 3.86
N SER C 352 -35.97 14.18 2.97
CA SER C 352 -36.12 14.88 1.68
C SER C 352 -36.56 16.33 1.80
N PHE C 353 -35.84 17.21 1.08
CA PHE C 353 -36.13 18.64 1.01
C PHE C 353 -35.15 19.32 0.03
N PRO C 354 -35.61 20.38 -0.66
CA PRO C 354 -34.87 21.02 -1.76
C PRO C 354 -33.44 21.46 -1.43
N ARG C 355 -32.58 21.46 -2.44
CA ARG C 355 -31.18 21.82 -2.27
C ARG C 355 -30.94 23.33 -2.25
N ASP C 356 -31.59 24.05 -3.14
CA ASP C 356 -31.35 25.49 -3.28
C ASP C 356 -32.56 26.32 -2.90
N ALA C 357 -32.31 27.53 -2.41
CA ALA C 357 -33.38 28.43 -1.98
C ALA C 357 -33.92 29.27 -3.14
N SER C 358 -33.37 29.06 -4.33
CA SER C 358 -33.81 29.76 -5.53
C SER C 358 -35.24 29.39 -5.89
N ARG C 359 -35.57 28.11 -5.67
CA ARG C 359 -36.90 27.59 -5.95
C ARG C 359 -37.94 28.19 -5.01
N LEU C 360 -37.52 28.44 -3.77
CA LEU C 360 -38.43 28.89 -2.72
C LEU C 360 -38.49 30.40 -2.63
N GLU C 361 -39.70 30.95 -2.69
CA GLU C 361 -39.89 32.40 -2.55
C GLU C 361 -39.59 32.82 -1.12
N PRO C 362 -38.95 34.00 -0.95
CA PRO C 362 -38.54 34.46 0.38
C PRO C 362 -39.72 34.83 1.27
N SER C 363 -39.41 35.22 2.50
CA SER C 363 -40.43 35.57 3.48
C SER C 363 -40.99 36.97 3.22
N ILE C 364 -42.26 37.15 3.57
CA ILE C 364 -42.89 38.47 3.48
C ILE C 364 -42.80 39.19 4.82
N ASN C 365 -42.18 38.54 5.79
CA ASN C 365 -41.97 39.14 7.11
C ASN C 365 -40.95 40.26 7.02
N VAL C 366 -41.37 41.47 7.40
CA VAL C 366 -40.54 42.66 7.22
C VAL C 366 -39.79 43.05 8.50
N GLU C 367 -40.02 42.31 9.58
CA GLU C 367 -39.46 42.67 10.88
C GLU C 367 -37.93 42.70 10.90
N PRO C 368 -37.35 43.80 11.39
CA PRO C 368 -35.90 44.01 11.53
C PRO C 368 -35.28 43.08 12.57
N LEU C 369 -33.95 42.98 12.53
CA LEU C 369 -33.19 42.10 13.41
C LEU C 369 -33.46 42.33 14.90
N SER C 370 -33.37 43.58 15.33
CA SER C 370 -33.57 43.93 16.74
C SER C 370 -34.94 43.51 17.24
N SER C 371 -35.97 43.83 16.45
CA SER C 371 -37.33 43.47 16.78
C SER C 371 -37.48 41.95 16.90
N LEU C 372 -36.78 41.21 16.04
CA LEU C 372 -36.84 39.76 16.07
C LEU C 372 -36.11 39.19 17.29
N LEU C 373 -35.07 39.89 17.74
CA LEU C 373 -34.34 39.50 18.94
C LEU C 373 -35.22 39.67 20.19
N ALA C 374 -35.75 40.88 20.34
CA ALA C 374 -36.62 41.19 21.47
C ALA C 374 -37.85 40.29 21.47
N GLN C 375 -38.42 40.09 20.28
CA GLN C 375 -39.60 39.23 20.14
C GLN C 375 -39.24 37.78 20.44
N PHE C 376 -38.01 37.38 20.14
CA PHE C 376 -37.52 36.07 20.54
C PHE C 376 -37.58 35.92 22.04
N PHE C 377 -36.82 36.75 22.75
CA PHE C 377 -36.78 36.71 24.21
C PHE C 377 -38.19 36.71 24.81
N SER C 378 -39.01 37.64 24.34
CA SER C 378 -40.42 37.72 24.73
C SER C 378 -41.13 36.39 24.56
N ALA C 379 -41.19 35.90 23.32
CA ALA C 379 -41.91 34.67 22.99
C ALA C 379 -41.46 33.46 23.81
N VAL C 380 -40.16 33.20 23.86
CA VAL C 380 -39.67 32.06 24.62
C VAL C 380 -39.91 32.22 26.12
N SER C 381 -39.98 33.47 26.58
CA SER C 381 -40.36 33.72 27.96
C SER C 381 -41.84 33.42 28.14
N SER C 382 -42.61 33.58 27.08
CA SER C 382 -44.06 33.41 27.10
C SER C 382 -44.49 31.95 27.03
N TRP C 383 -43.80 31.16 26.22
CA TRP C 383 -44.18 29.77 25.97
C TRP C 383 -44.22 28.93 27.23
N ASP C 384 -45.13 27.95 27.24
CA ASP C 384 -45.15 26.94 28.27
C ASP C 384 -44.33 25.75 27.78
N LEU C 385 -43.17 25.54 28.39
CA LEU C 385 -42.16 24.64 27.83
C LEU C 385 -42.45 23.16 28.06
N ARG C 386 -42.80 22.80 29.29
CA ARG C 386 -43.00 21.39 29.62
C ARG C 386 -44.32 20.85 29.06
N GLY C 387 -45.34 21.70 29.04
CA GLY C 387 -46.66 21.29 28.60
C GLY C 387 -46.88 21.35 27.11
N SER C 388 -45.85 21.71 26.35
CA SER C 388 -45.97 21.76 24.91
C SER C 388 -44.70 21.27 24.20
N LEU C 389 -44.88 20.44 23.18
CA LEU C 389 -43.79 19.94 22.37
C LEU C 389 -43.63 20.80 21.12
N LEU C 390 -42.48 21.44 20.98
CA LEU C 390 -42.23 22.32 19.86
C LEU C 390 -41.84 21.52 18.61
N SER C 391 -42.65 21.64 17.57
CA SER C 391 -42.47 20.89 16.34
C SER C 391 -42.02 21.81 15.20
N LEU C 392 -40.78 21.61 14.75
CA LEU C 392 -40.24 22.37 13.62
C LEU C 392 -40.83 21.88 12.31
N ARG C 393 -41.16 20.59 12.27
CA ARG C 393 -41.74 19.98 11.09
C ARG C 393 -43.11 20.59 10.79
N GLU C 394 -43.93 20.73 11.83
CA GLU C 394 -45.25 21.34 11.67
C GLU C 394 -45.24 22.82 11.98
N GLY C 395 -44.07 23.33 12.40
CA GLY C 395 -43.92 24.74 12.73
C GLY C 395 -44.90 25.21 13.78
N GLN C 396 -45.23 24.33 14.72
CA GLN C 396 -46.26 24.63 15.71
C GLN C 396 -45.87 24.14 17.10
N ALA C 397 -46.63 24.57 18.10
CA ALA C 397 -46.47 24.02 19.44
C ALA C 397 -47.59 23.04 19.70
N LEU C 398 -47.25 21.75 19.72
CA LEU C 398 -48.24 20.71 19.89
C LEU C 398 -48.49 20.48 21.38
N PRO C 399 -49.74 20.65 21.82
CA PRO C 399 -50.07 20.47 23.24
C PRO C 399 -49.75 19.06 23.71
N VAL C 400 -49.04 18.96 24.83
CA VAL C 400 -48.68 17.66 25.37
C VAL C 400 -49.92 17.02 26.00
N ALA C 401 -50.47 17.66 27.02
CA ALA C 401 -51.80 17.29 27.49
C ALA C 401 -52.83 18.10 26.72
N GLY C 402 -53.82 17.42 26.14
CA GLY C 402 -53.98 15.99 26.26
C GLY C 402 -53.55 15.18 25.04
N GLY C 403 -52.68 15.77 24.22
CA GLY C 403 -52.19 15.09 23.03
C GLY C 403 -51.12 14.07 23.37
N LEU C 404 -50.27 13.74 22.41
CA LEU C 404 -50.40 14.23 21.04
C LEU C 404 -50.63 13.06 20.08
N PRO C 405 -51.81 13.03 19.44
CA PRO C 405 -52.12 11.98 18.47
C PRO C 405 -51.26 12.06 17.23
N SER C 406 -50.66 13.23 17.01
CA SER C 406 -49.83 13.47 15.83
C SER C 406 -48.53 12.65 15.84
N ASN C 407 -47.81 12.70 16.96
CA ASN C 407 -46.51 12.06 17.05
C ASN C 407 -46.56 10.67 17.68
N LEU C 408 -46.91 10.62 18.95
CA LEU C 408 -47.19 9.35 19.65
C LEU C 408 -45.96 8.46 19.85
N TRP C 409 -44.80 8.92 19.37
CA TRP C 409 -43.56 8.14 19.42
C TRP C 409 -43.21 7.65 20.83
N GLU C 410 -42.89 6.35 20.92
CA GLU C 410 -42.57 5.72 22.19
C GLU C 410 -41.19 6.11 22.70
N GLY C 411 -40.31 6.54 21.79
CA GLY C 411 -38.95 6.87 22.15
C GLY C 411 -38.72 8.35 22.36
N LEU C 412 -39.81 9.12 22.36
CA LEU C 412 -39.71 10.58 22.51
C LEU C 412 -39.84 10.96 23.97
N ARG C 413 -38.75 11.46 24.54
CA ARG C 413 -38.72 11.82 25.96
C ARG C 413 -39.06 13.28 26.17
N LEU C 414 -40.10 13.53 26.97
CA LEU C 414 -40.54 14.89 27.23
C LEU C 414 -40.15 15.34 28.63
N GLY C 415 -39.18 16.26 28.69
CA GLY C 415 -38.72 16.81 29.95
C GLY C 415 -39.25 18.21 30.16
N PRO C 416 -38.48 19.04 30.90
CA PRO C 416 -38.79 20.45 31.16
C PRO C 416 -38.82 21.28 29.89
N LEU C 417 -38.07 20.85 28.88
CA LEU C 417 -38.05 21.53 27.58
C LEU C 417 -38.15 20.52 26.45
N ASN C 418 -39.15 20.71 25.59
CA ASN C 418 -39.42 19.77 24.51
C ASN C 418 -39.23 20.39 23.13
N LEU C 419 -38.22 19.92 22.41
CA LEU C 419 -37.93 20.41 21.07
C LEU C 419 -37.67 19.25 20.13
N GLN C 420 -38.54 19.08 19.13
CA GLN C 420 -38.48 17.93 18.25
C GLN C 420 -37.56 18.14 17.07
N ASP C 421 -36.67 17.19 16.83
CA ASP C 421 -35.80 17.22 15.66
C ASP C 421 -36.64 17.11 14.40
N PRO C 422 -36.32 17.93 13.38
CA PRO C 422 -37.11 18.00 12.15
C PRO C 422 -37.13 16.70 11.34
N PHE C 423 -36.17 15.82 11.60
CA PHE C 423 -36.05 14.59 10.82
C PHE C 423 -36.26 13.35 11.67
N ASP C 424 -35.41 13.14 12.67
CA ASP C 424 -35.66 12.07 13.62
C ASP C 424 -36.72 12.55 14.60
N LEU C 425 -37.87 11.88 14.59
CA LEU C 425 -39.04 12.38 15.32
C LEU C 425 -39.14 11.79 16.73
N SER C 426 -38.30 10.80 17.02
CA SER C 426 -38.28 10.20 18.34
C SER C 426 -37.25 10.91 19.22
N HIS C 427 -36.53 11.86 18.63
CA HIS C 427 -35.46 12.54 19.35
C HIS C 427 -35.83 13.95 19.79
N ASN C 428 -35.83 14.16 21.11
CA ASN C 428 -35.95 15.49 21.67
C ASN C 428 -34.55 16.06 21.89
N VAL C 429 -34.18 17.08 21.13
CA VAL C 429 -32.83 17.62 21.19
C VAL C 429 -32.58 18.33 22.53
N ALA C 430 -33.65 18.72 23.19
CA ALA C 430 -33.57 19.39 24.47
C ALA C 430 -33.77 18.44 25.66
N ALA C 431 -33.89 17.15 25.37
CA ALA C 431 -34.21 16.15 26.39
C ALA C 431 -33.21 16.11 27.55
N ASN C 432 -32.00 16.60 27.31
CA ASN C 432 -30.96 16.60 28.33
C ASN C 432 -31.08 17.78 29.28
N VAL C 433 -31.99 18.70 28.96
CA VAL C 433 -32.17 19.91 29.76
C VAL C 433 -33.00 19.64 31.00
N THR C 434 -32.44 19.95 32.17
CA THR C 434 -33.14 19.76 33.44
C THR C 434 -34.12 20.90 33.70
N SER C 435 -34.80 20.85 34.83
CA SER C 435 -35.80 21.85 35.17
C SER C 435 -35.18 23.21 35.47
N ARG C 436 -34.06 23.20 36.19
CA ARG C 436 -33.42 24.44 36.59
C ARG C 436 -32.81 25.17 35.40
N VAL C 437 -32.34 24.41 34.41
CA VAL C 437 -31.78 25.00 33.21
C VAL C 437 -32.86 25.72 32.41
N ALA C 438 -34.01 25.06 32.26
CA ALA C 438 -35.16 25.65 31.58
C ALA C 438 -35.65 26.89 32.33
N GLY C 439 -35.65 26.80 33.65
CA GLY C 439 -36.04 27.92 34.49
C GLY C 439 -35.14 29.12 34.28
N ARG C 440 -33.84 28.89 34.35
CA ARG C 440 -32.86 29.95 34.11
C ARG C 440 -32.95 30.46 32.68
N LEU C 441 -33.46 29.62 31.78
CA LEU C 441 -33.60 30.02 30.39
C LEU C 441 -34.72 31.02 30.29
N GLN C 442 -35.94 30.62 30.62
CA GLN C 442 -37.09 31.52 30.58
C GLN C 442 -36.87 32.79 31.40
N ASN C 443 -36.15 32.66 32.52
CA ASN C 443 -35.86 33.84 33.35
C ASN C 443 -34.86 34.80 32.71
N CYS C 444 -33.77 34.26 32.17
CA CYS C 444 -32.79 35.08 31.48
C CYS C 444 -33.41 35.75 30.26
N CYS C 445 -34.33 35.03 29.61
CA CYS C 445 -35.06 35.57 28.46
C CYS C 445 -36.01 36.67 28.92
N ARG C 446 -36.55 36.53 30.12
CA ARG C 446 -37.43 37.55 30.69
C ARG C 446 -36.65 38.83 30.96
N ALA C 447 -35.48 38.67 31.58
CA ALA C 447 -34.61 39.80 31.89
C ALA C 447 -34.11 40.49 30.62
N ALA C 448 -33.74 39.69 29.63
CA ALA C 448 -33.24 40.20 28.35
C ALA C 448 -34.34 40.95 27.61
N ALA C 449 -35.55 40.39 27.62
CA ALA C 449 -36.70 41.02 26.98
C ALA C 449 -37.04 42.33 27.66
N ASN C 450 -36.94 42.36 28.98
CA ASN C 450 -37.18 43.60 29.73
C ASN C 450 -36.09 44.62 29.48
N TYR C 451 -34.89 44.15 29.14
CA TYR C 451 -33.80 45.04 28.79
C TYR C 451 -33.99 45.63 27.40
N ALA C 452 -34.55 44.82 26.50
CA ALA C 452 -34.74 45.23 25.11
C ALA C 452 -35.75 46.37 24.98
N ARG C 453 -36.56 46.57 26.02
CA ARG C 453 -37.55 47.64 26.03
C ARG C 453 -36.97 48.92 26.62
N SER C 454 -35.69 48.89 26.97
CA SER C 454 -35.03 50.03 27.57
C SER C 454 -34.35 50.92 26.53
N LEU C 455 -33.74 52.01 26.99
CA LEU C 455 -33.10 52.97 26.10
C LEU C 455 -31.71 52.49 25.66
N GLN C 456 -31.02 51.80 26.56
CA GLN C 456 -29.65 51.36 26.31
C GLN C 456 -29.56 50.36 25.15
N TYR C 457 -30.68 49.73 24.84
CA TYR C 457 -30.74 48.73 23.77
C TYR C 457 -31.07 49.36 22.42
N GLN C 458 -32.26 49.92 22.32
CA GLN C 458 -32.78 50.46 21.07
C GLN C 458 -31.90 51.57 20.48
N ARG C 459 -31.24 52.33 21.35
CA ARG C 459 -30.46 53.48 20.92
C ARG C 459 -28.96 53.24 21.09
N ARG C 460 -28.16 53.87 20.23
CA ARG C 460 -26.71 53.78 20.31
C ARG C 460 -26.22 54.57 21.52
N SER C 461 -24.91 54.55 21.76
CA SER C 461 -24.32 55.31 22.85
C SER C 461 -23.28 56.29 22.34
N SER C 462 -23.27 57.49 22.91
CA SER C 462 -22.37 58.55 22.47
C SER C 462 -20.90 58.18 22.56
N ARG C 463 -20.37 58.09 23.77
CA ARG C 463 -18.93 57.84 23.95
C ARG C 463 -18.62 56.78 25.00
N GLY C 464 -18.05 55.66 24.56
CA GLY C 464 -17.41 54.71 25.44
C GLY C 464 -18.30 53.74 26.20
N ARG C 465 -19.58 54.07 26.30
CA ARG C 465 -20.52 53.26 27.10
C ARG C 465 -20.98 52.03 26.33
N ASP C 466 -21.36 50.99 27.07
CA ASP C 466 -21.87 49.77 26.46
C ASP C 466 -23.35 49.91 26.13
N TRP C 467 -23.70 49.71 24.86
CA TRP C 467 -25.07 49.81 24.42
C TRP C 467 -25.47 48.57 23.62
N GLY C 468 -26.74 48.51 23.22
CA GLY C 468 -27.20 47.48 22.31
C GLY C 468 -26.94 46.05 22.73
N LEU C 469 -26.23 45.32 21.86
CA LEU C 469 -25.91 43.92 22.07
C LEU C 469 -24.92 43.69 23.22
N LEU C 470 -24.17 44.73 23.58
CA LEU C 470 -23.07 44.58 24.52
C LEU C 470 -23.48 44.13 25.94
N PRO C 471 -24.51 44.76 26.54
CA PRO C 471 -24.90 44.26 27.87
C PRO C 471 -25.43 42.82 27.85
N LEU C 472 -25.89 42.37 26.69
CA LEU C 472 -26.39 41.00 26.55
C LEU C 472 -25.25 39.99 26.45
N LEU C 473 -24.25 40.31 25.63
CA LEU C 473 -23.16 39.36 25.36
C LEU C 473 -22.14 39.29 26.49
N GLN C 474 -22.01 40.38 27.25
CA GLN C 474 -21.09 40.41 28.38
C GLN C 474 -21.53 39.46 29.49
N PRO C 475 -20.60 38.63 29.97
CA PRO C 475 -20.87 37.65 31.03
C PRO C 475 -21.16 38.30 32.37
N ASP D 93 -3.98 46.09 1.15
CA ASP D 93 -4.17 47.38 0.50
C ASP D 93 -3.03 48.34 0.84
N SER D 94 -2.68 49.21 -0.11
CA SER D 94 -1.60 50.16 0.07
C SER D 94 -2.04 51.35 0.93
N HIS D 95 -3.26 51.82 0.72
CA HIS D 95 -3.82 52.92 1.50
C HIS D 95 -3.95 52.53 2.97
N GLN D 96 -4.49 51.34 3.22
CA GLN D 96 -4.63 50.81 4.57
C GLN D 96 -3.27 50.72 5.26
N LEU D 97 -2.26 50.32 4.49
CA LEU D 97 -0.90 50.24 5.01
C LEU D 97 -0.38 51.63 5.38
N ALA D 98 -0.64 52.60 4.51
CA ALA D 98 -0.19 53.97 4.74
C ALA D 98 -0.80 54.55 6.01
N LYS D 99 -2.12 54.46 6.13
CA LYS D 99 -2.79 54.96 7.32
C LYS D 99 -2.38 54.18 8.56
N ALA D 100 -2.09 52.89 8.40
CA ALA D 100 -1.66 52.07 9.52
C ALA D 100 -0.30 52.53 10.05
N LEU D 101 0.63 52.76 9.14
CA LEU D 101 1.97 53.24 9.51
C LEU D 101 1.93 54.63 10.11
N ALA D 102 1.10 55.50 9.52
CA ALA D 102 1.05 56.89 9.94
C ALA D 102 0.49 57.05 11.36
N GLU D 103 -0.31 56.10 11.81
CA GLU D 103 -1.01 56.22 13.07
C GLU D 103 -0.30 55.60 14.27
N ALA D 104 0.83 54.92 14.04
CA ALA D 104 1.42 54.12 15.10
C ALA D 104 2.78 54.61 15.59
N ALA D 105 2.79 55.18 16.79
CA ALA D 105 3.99 55.37 17.62
C ALA D 105 5.20 55.93 16.86
N ASP D 106 6.28 55.15 16.89
CA ASP D 106 7.56 55.54 16.27
C ASP D 106 7.91 54.66 15.07
N VAL D 107 9.10 54.87 14.52
CA VAL D 107 9.56 54.14 13.34
C VAL D 107 9.62 52.62 13.54
N GLY D 108 10.17 52.20 14.69
CA GLY D 108 10.25 50.78 15.01
C GLY D 108 8.87 50.13 15.02
N ALA D 109 7.92 50.80 15.66
CA ALA D 109 6.55 50.32 15.73
C ALA D 109 5.93 50.29 14.34
N GLN D 110 6.37 51.20 13.47
CA GLN D 110 5.93 51.19 12.08
C GLN D 110 6.45 49.96 11.36
N MET D 111 7.70 49.61 11.61
CA MET D 111 8.30 48.45 10.98
C MET D 111 7.61 47.16 11.43
N ILE D 112 7.38 47.05 12.74
CA ILE D 112 6.67 45.89 13.29
C ILE D 112 5.25 45.82 12.73
N LYS D 113 4.60 46.97 12.65
CA LYS D 113 3.26 47.07 12.07
C LYS D 113 3.25 46.55 10.64
N LEU D 114 4.26 46.96 9.87
CA LEU D 114 4.42 46.53 8.49
C LEU D 114 4.58 45.02 8.41
N VAL D 115 5.41 44.47 9.30
CA VAL D 115 5.58 43.01 9.38
C VAL D 115 4.25 42.31 9.61
N GLY D 116 3.63 42.59 10.75
CA GLY D 116 2.38 41.95 11.12
C GLY D 116 1.27 42.10 10.10
N LEU D 117 1.26 43.24 9.40
CA LEU D 117 0.23 43.51 8.41
C LEU D 117 0.51 42.75 7.11
N ARG D 118 1.78 42.68 6.73
CA ARG D 118 2.18 42.05 5.48
C ARG D 118 2.25 40.52 5.56
N GLU D 119 2.63 40.02 6.73
CA GLU D 119 2.91 38.60 6.91
C GLU D 119 1.67 37.71 6.81
N LEU D 120 1.90 36.42 6.57
CA LEU D 120 0.83 35.44 6.49
C LEU D 120 0.16 35.23 7.84
N SER D 121 -1.04 34.65 7.79
CA SER D 121 -1.82 34.35 8.99
C SER D 121 -1.72 32.86 9.30
N GLU D 122 -1.81 32.52 10.58
CA GLU D 122 -1.65 31.14 11.03
C GLU D 122 -2.50 30.16 10.22
N ALA D 123 -3.72 30.57 9.87
CA ALA D 123 -4.59 29.74 9.06
C ALA D 123 -3.98 29.46 7.69
N GLU D 124 -3.38 30.48 7.08
CA GLU D 124 -2.76 30.33 5.76
C GLU D 124 -1.50 29.47 5.84
N ARG D 125 -0.71 29.69 6.89
CA ARG D 125 0.48 28.88 7.15
C ARG D 125 0.11 27.41 7.24
N GLN D 126 -0.73 27.08 8.22
CA GLN D 126 -1.20 25.72 8.43
C GLN D 126 -1.89 25.15 7.19
N LEU D 127 -2.48 26.02 6.38
CA LEU D 127 -3.06 25.60 5.10
C LEU D 127 -1.98 25.08 4.17
N ARG D 128 -0.91 25.86 4.02
CA ARG D 128 0.24 25.44 3.23
C ARG D 128 0.81 24.13 3.77
N SER D 129 0.91 24.03 5.08
CA SER D 129 1.42 22.83 5.73
C SER D 129 0.57 21.61 5.37
N LEU D 130 -0.75 21.78 5.40
CA LEU D 130 -1.67 20.70 5.07
C LEU D 130 -1.58 20.32 3.60
N VAL D 131 -1.35 21.30 2.74
CA VAL D 131 -1.14 21.02 1.32
C VAL D 131 0.09 20.15 1.13
N VAL D 132 1.18 20.54 1.81
CA VAL D 132 2.42 19.79 1.78
C VAL D 132 2.21 18.36 2.27
N ALA D 133 1.48 18.22 3.36
CA ALA D 133 1.18 16.91 3.94
C ALA D 133 0.36 16.05 2.98
N LEU D 134 -0.59 16.68 2.30
CA LEU D 134 -1.44 15.98 1.34
C LEU D 134 -0.62 15.46 0.16
N MET D 135 0.20 16.33 -0.42
CA MET D 135 1.06 15.94 -1.54
C MET D 135 2.03 14.85 -1.11
N GLN D 136 2.48 14.94 0.14
CA GLN D 136 3.33 13.92 0.75
C GLN D 136 2.64 12.56 0.75
N GLU D 137 1.44 12.53 1.31
CA GLU D 137 0.66 11.30 1.42
C GLU D 137 0.33 10.71 0.04
N VAL D 138 0.15 11.57 -0.95
CA VAL D 138 -0.14 11.10 -2.30
C VAL D 138 1.09 10.52 -2.98
N PHE D 139 2.22 11.23 -2.86
CA PHE D 139 3.46 10.77 -3.49
C PHE D 139 4.00 9.51 -2.82
N THR D 140 3.66 9.31 -1.55
CA THR D 140 4.15 8.15 -0.80
C THR D 140 3.66 6.84 -1.40
N GLU D 141 2.47 6.87 -1.99
CA GLU D 141 1.85 5.68 -2.59
C GLU D 141 2.75 5.04 -3.65
N PHE D 142 3.45 5.89 -4.40
CA PHE D 142 4.32 5.43 -5.48
C PHE D 142 5.77 5.29 -5.02
N PHE D 143 6.35 6.41 -4.60
CA PHE D 143 7.73 6.43 -4.10
C PHE D 143 7.74 6.29 -2.58
N PRO D 144 8.16 5.11 -2.07
CA PRO D 144 8.19 4.86 -0.63
C PRO D 144 9.26 5.67 0.07
N GLY D 145 8.92 6.25 1.22
CA GLY D 145 9.86 7.01 2.01
C GLY D 145 10.20 8.37 1.43
N CYS D 146 9.50 8.77 0.38
CA CYS D 146 9.73 10.07 -0.24
C CYS D 146 9.25 11.17 0.70
N VAL D 147 9.91 12.33 0.66
CA VAL D 147 9.54 13.43 1.54
C VAL D 147 9.42 14.76 0.78
N VAL D 148 8.33 15.48 1.03
CA VAL D 148 8.11 16.79 0.43
C VAL D 148 8.56 17.89 1.38
N HIS D 149 9.57 18.67 0.98
CA HIS D 149 10.11 19.72 1.82
C HIS D 149 9.78 21.12 1.29
N PRO D 150 8.96 21.87 2.03
CA PRO D 150 8.67 23.25 1.64
C PRO D 150 9.92 24.11 1.75
N PHE D 151 10.12 25.02 0.81
CA PHE D 151 11.26 25.93 0.86
C PHE D 151 10.90 27.30 0.31
N GLY D 152 11.79 28.27 0.56
CA GLY D 152 11.61 29.60 0.03
C GLY D 152 10.75 30.49 0.89
N SER D 153 10.01 31.38 0.22
CA SER D 153 9.23 32.43 0.88
C SER D 153 8.31 31.93 1.98
N SER D 154 7.77 30.72 1.82
CA SER D 154 6.80 30.19 2.78
C SER D 154 7.40 29.95 4.16
N ILE D 155 8.45 29.14 4.24
CA ILE D 155 8.97 28.71 5.55
C ILE D 155 10.17 29.49 6.10
N ASN D 156 10.63 30.52 5.38
CA ASN D 156 11.75 31.31 5.87
C ASN D 156 11.29 32.45 6.78
N SER D 157 9.98 32.47 7.03
CA SER D 157 9.33 33.44 7.91
C SER D 157 9.46 34.88 7.41
N PHE D 158 9.77 35.02 6.12
CA PHE D 158 9.72 36.31 5.44
C PHE D 158 8.44 36.38 4.59
N ASP D 159 7.61 35.35 4.73
CA ASP D 159 6.41 35.18 3.92
C ASP D 159 5.46 36.37 3.92
N VAL D 160 4.84 36.59 2.76
CA VAL D 160 3.84 37.64 2.59
C VAL D 160 2.57 37.03 2.00
N HIS D 161 1.48 37.79 2.03
CA HIS D 161 0.18 37.32 1.52
C HIS D 161 0.25 36.81 0.09
N GLY D 162 -0.27 35.60 -0.12
CA GLY D 162 -0.37 35.02 -1.45
C GLY D 162 0.96 34.65 -2.08
N CYS D 163 1.98 34.44 -1.27
CA CYS D 163 3.30 34.08 -1.78
C CYS D 163 3.28 32.65 -2.33
N ASP D 164 4.20 32.37 -3.26
CA ASP D 164 4.27 31.06 -3.89
C ASP D 164 4.64 29.97 -2.89
N LEU D 165 4.10 28.78 -3.08
CA LEU D 165 4.48 27.61 -2.30
C LEU D 165 5.42 26.74 -3.13
N ASP D 166 6.69 26.73 -2.76
CA ASP D 166 7.69 25.97 -3.51
C ASP D 166 8.12 24.73 -2.73
N LEU D 167 8.11 23.58 -3.41
CA LEU D 167 8.37 22.31 -2.76
C LEU D 167 9.54 21.55 -3.39
N PHE D 168 10.24 20.79 -2.55
CA PHE D 168 11.32 19.93 -3.01
C PHE D 168 10.96 18.48 -2.75
N LEU D 169 10.93 17.68 -3.81
CA LEU D 169 10.56 16.28 -3.69
C LEU D 169 11.81 15.41 -3.53
N ASP D 170 11.98 14.83 -2.35
CA ASP D 170 13.11 13.97 -2.07
C ASP D 170 12.71 12.51 -2.22
N LEU D 171 13.41 11.80 -3.10
CA LEU D 171 13.09 10.41 -3.40
C LEU D 171 14.20 9.47 -2.94
N GLU D 214 18.09 11.50 -18.18
CA GLU D 214 16.68 11.11 -18.16
C GLU D 214 15.96 11.68 -16.95
N GLY D 215 16.50 12.76 -16.38
CA GLY D 215 15.87 13.43 -15.26
C GLY D 215 14.55 14.05 -15.68
N ALA D 216 14.48 14.45 -16.95
CA ALA D 216 13.27 15.04 -17.51
C ALA D 216 12.12 14.03 -17.53
N ALA D 217 12.47 12.75 -17.65
CA ALA D 217 11.48 11.68 -17.63
C ALA D 217 10.80 11.58 -16.27
N MET D 218 11.61 11.50 -15.21
CA MET D 218 11.12 11.46 -13.85
C MET D 218 10.35 12.75 -13.52
N LEU D 219 10.81 13.85 -14.12
CA LEU D 219 10.13 15.13 -13.98
C LEU D 219 8.72 15.07 -14.58
N GLU D 220 8.62 14.44 -15.75
CA GLU D 220 7.32 14.26 -16.39
C GLU D 220 6.43 13.34 -15.57
N LEU D 221 7.05 12.35 -14.92
CA LEU D 221 6.32 11.44 -14.06
C LEU D 221 5.72 12.19 -12.87
N VAL D 222 6.54 13.02 -12.24
CA VAL D 222 6.08 13.87 -11.14
C VAL D 222 4.95 14.78 -11.63
N GLY D 223 5.10 15.27 -12.86
CA GLY D 223 4.06 16.08 -13.47
C GLY D 223 2.75 15.34 -13.62
N SER D 224 2.83 14.06 -13.96
CA SER D 224 1.65 13.23 -14.17
C SER D 224 0.98 12.91 -12.85
N ILE D 225 1.79 12.60 -11.84
CA ILE D 225 1.28 12.33 -10.50
C ILE D 225 0.59 13.58 -9.94
N LEU D 226 1.19 14.74 -10.17
CA LEU D 226 0.56 16.00 -9.78
C LEU D 226 -0.73 16.24 -10.57
N ARG D 227 -0.73 15.79 -11.82
CA ARG D 227 -1.88 15.99 -12.70
C ARG D 227 -3.10 15.19 -12.26
N GLY D 228 -2.95 13.87 -12.18
CA GLY D 228 -4.08 12.98 -11.96
C GLY D 228 -4.26 12.29 -10.62
N CYS D 229 -3.33 12.49 -9.69
CA CYS D 229 -3.38 11.74 -8.44
C CYS D 229 -3.76 12.62 -7.25
N VAL D 230 -2.86 13.52 -6.85
CA VAL D 230 -3.14 14.42 -5.73
C VAL D 230 -4.33 15.31 -6.06
N PRO D 231 -5.33 15.32 -5.17
CA PRO D 231 -6.61 16.01 -5.40
C PRO D 231 -6.53 17.53 -5.29
N GLY D 232 -7.29 18.22 -6.13
CA GLY D 232 -7.41 19.66 -6.04
C GLY D 232 -6.42 20.47 -6.86
N VAL D 233 -5.30 19.83 -7.21
CA VAL D 233 -4.24 20.56 -7.92
C VAL D 233 -4.44 20.46 -9.43
N TYR D 234 -4.20 21.58 -10.11
CA TYR D 234 -4.33 21.69 -11.55
C TYR D 234 -3.26 22.64 -12.08
N ARG D 235 -3.36 23.01 -13.36
CA ARG D 235 -2.36 23.88 -13.99
C ARG D 235 -0.95 23.30 -13.91
N VAL D 236 -0.82 22.01 -14.19
CA VAL D 236 0.49 21.36 -14.11
C VAL D 236 1.27 21.55 -15.40
N GLN D 237 2.42 22.21 -15.30
CA GLN D 237 3.28 22.45 -16.46
C GLN D 237 4.71 22.06 -16.16
N THR D 238 5.29 21.22 -17.01
CA THR D 238 6.65 20.75 -16.81
C THR D 238 7.66 21.71 -17.45
N VAL D 239 8.65 22.14 -16.66
CA VAL D 239 9.68 23.06 -17.13
C VAL D 239 11.08 22.48 -16.94
N PRO D 240 11.51 21.59 -17.85
CA PRO D 240 12.89 21.09 -17.90
C PRO D 240 13.86 22.13 -18.44
N SER D 241 13.33 23.13 -19.13
CA SER D 241 14.15 24.08 -19.88
C SER D 241 14.89 25.07 -18.99
N ALA D 242 14.39 25.27 -17.77
CA ALA D 242 15.00 26.22 -16.84
C ALA D 242 16.38 25.75 -16.39
N ARG D 243 17.18 26.67 -15.89
CA ARG D 243 18.49 26.35 -15.30
C ARG D 243 18.32 25.23 -14.28
N ARG D 244 17.57 25.52 -13.23
CA ARG D 244 17.09 24.48 -12.34
C ARG D 244 15.69 24.06 -12.77
N PRO D 245 15.57 22.84 -13.34
CA PRO D 245 14.30 22.32 -13.85
C PRO D 245 13.27 22.21 -12.74
N VAL D 246 11.99 22.12 -13.08
CA VAL D 246 10.94 22.23 -12.08
C VAL D 246 9.55 21.96 -12.68
N VAL D 247 8.57 21.69 -11.81
CA VAL D 247 7.21 21.48 -12.25
C VAL D 247 6.26 22.49 -11.63
N LYS D 248 5.72 23.38 -12.44
CA LYS D 248 4.77 24.38 -11.97
C LYS D 248 3.39 23.77 -11.72
N PHE D 249 2.81 24.08 -10.56
CA PHE D 249 1.50 23.55 -10.21
C PHE D 249 0.65 24.61 -9.52
N ALA D 250 -0.66 24.35 -9.44
CA ALA D 250 -1.57 25.23 -8.71
C ALA D 250 -2.64 24.41 -8.00
N HIS D 251 -2.90 24.73 -6.74
CA HIS D 251 -3.94 24.05 -5.99
C HIS D 251 -5.22 24.88 -5.97
N ARG D 252 -6.28 24.33 -6.58
CA ARG D 252 -7.52 25.07 -6.79
C ARG D 252 -8.29 25.39 -5.50
N PRO D 253 -8.52 24.41 -4.61
CA PRO D 253 -9.31 24.75 -3.42
C PRO D 253 -8.64 25.81 -2.54
N SER D 254 -7.34 25.68 -2.30
CA SER D 254 -6.61 26.62 -1.47
C SER D 254 -6.23 27.87 -2.23
N GLY D 255 -6.37 27.81 -3.56
CA GLY D 255 -6.01 28.92 -4.42
C GLY D 255 -4.50 29.15 -4.45
N LEU D 256 -3.75 28.12 -4.10
CA LEU D 256 -2.30 28.22 -4.05
C LEU D 256 -1.67 27.88 -5.39
N HIS D 257 -0.35 27.95 -5.44
CA HIS D 257 0.43 27.67 -6.65
C HIS D 257 1.92 27.78 -6.35
N GLY D 258 2.74 27.24 -7.24
CA GLY D 258 4.17 27.30 -7.04
C GLY D 258 4.95 26.29 -7.87
N ASP D 259 6.16 25.99 -7.41
CA ASP D 259 7.07 25.13 -8.15
C ASP D 259 7.46 23.90 -7.34
N VAL D 260 7.54 22.76 -7.99
CA VAL D 260 8.01 21.53 -7.36
C VAL D 260 9.32 21.10 -8.03
N SER D 261 10.41 21.21 -7.27
CA SER D 261 11.74 20.89 -7.79
C SER D 261 12.17 19.49 -7.38
N LEU D 262 12.53 18.68 -8.37
CA LEU D 262 13.00 17.33 -8.11
C LEU D 262 14.33 17.37 -7.38
N SER D 263 15.30 18.11 -7.92
CA SER D 263 16.50 18.38 -7.14
C SER D 263 16.79 19.86 -6.95
N ASN D 264 16.47 20.37 -5.76
CA ASN D 264 17.20 21.47 -5.16
C ASN D 264 17.32 21.12 -3.69
N ARG D 265 18.52 20.75 -3.24
CA ARG D 265 18.63 20.30 -1.87
C ARG D 265 19.10 21.40 -0.91
N LEU D 266 19.58 22.50 -1.45
CA LEU D 266 20.14 23.57 -0.63
C LEU D 266 19.06 24.50 -0.07
N ALA D 267 17.99 24.69 -0.85
CA ALA D 267 16.93 25.65 -0.52
C ALA D 267 16.32 25.40 0.87
N LEU D 268 16.24 24.14 1.24
CA LEU D 268 15.75 23.74 2.56
C LEU D 268 16.57 24.40 3.65
N HIS D 269 17.88 24.19 3.59
CA HIS D 269 18.80 24.67 4.60
C HIS D 269 18.99 26.19 4.52
N ASN D 270 18.81 26.75 3.32
CA ASN D 270 18.81 28.20 3.19
C ASN D 270 17.65 28.81 3.95
N SER D 271 16.46 28.26 3.72
CA SER D 271 15.25 28.72 4.38
C SER D 271 15.33 28.52 5.90
N ARG D 272 15.83 27.36 6.31
CA ARG D 272 15.97 27.08 7.74
C ARG D 272 16.98 28.03 8.37
N PHE D 273 18.00 28.37 7.61
CA PHE D 273 19.00 29.33 8.08
C PHE D 273 18.37 30.71 8.28
N LEU D 274 17.57 31.13 7.30
CA LEU D 274 16.90 32.43 7.38
C LEU D 274 15.95 32.48 8.57
N SER D 275 15.14 31.44 8.74
CA SER D 275 14.20 31.38 9.86
C SER D 275 14.94 31.37 11.19
N LEU D 276 16.05 30.65 11.25
CA LEU D 276 16.88 30.61 12.44
C LEU D 276 17.43 32.00 12.75
N ALA D 277 17.81 32.73 11.71
CA ALA D 277 18.28 34.10 11.86
C ALA D 277 17.17 34.98 12.41
N SER D 278 15.94 34.69 12.00
CA SER D 278 14.79 35.41 12.51
C SER D 278 14.53 35.07 13.98
N GLU D 279 14.88 33.85 14.38
CA GLU D 279 14.71 33.43 15.76
C GLU D 279 15.81 33.95 16.68
N LEU D 280 16.99 34.21 16.11
CA LEU D 280 18.15 34.63 16.89
C LEU D 280 17.99 36.04 17.44
N ASP D 281 17.40 36.93 16.63
CA ASP D 281 17.17 38.30 17.07
C ASP D 281 15.83 38.81 16.54
N GLY D 282 15.06 39.47 17.39
CA GLY D 282 13.73 39.93 17.03
C GLY D 282 13.73 41.16 16.13
N ARG D 283 14.91 41.67 15.83
CA ARG D 283 15.04 42.86 14.98
C ARG D 283 15.24 42.48 13.51
N VAL D 284 15.38 41.19 13.24
CA VAL D 284 15.68 40.73 11.89
C VAL D 284 14.48 40.86 10.96
N ARG D 285 13.33 40.31 11.38
CA ARG D 285 12.12 40.35 10.55
C ARG D 285 11.64 41.77 10.22
N PRO D 286 11.63 42.69 11.21
CA PRO D 286 11.25 44.05 10.82
C PRO D 286 12.16 44.67 9.77
N LEU D 287 13.47 44.50 9.95
CA LEU D 287 14.44 45.03 9.00
C LEU D 287 14.29 44.44 7.60
N VAL D 288 14.18 43.12 7.53
CA VAL D 288 14.08 42.44 6.25
C VAL D 288 12.77 42.78 5.53
N TYR D 289 11.67 42.78 6.27
CA TYR D 289 10.37 43.15 5.68
C TYR D 289 10.37 44.59 5.17
N THR D 290 10.84 45.50 6.02
CA THR D 290 10.90 46.91 5.68
C THR D 290 11.77 47.16 4.45
N LEU D 291 12.95 46.56 4.44
CA LEU D 291 13.89 46.76 3.34
C LEU D 291 13.42 46.08 2.06
N ARG D 292 12.70 44.97 2.19
CA ARG D 292 12.08 44.33 1.03
C ARG D 292 11.07 45.28 0.42
N ALA D 293 10.20 45.84 1.27
CA ALA D 293 9.20 46.80 0.82
C ALA D 293 9.85 48.00 0.15
N TRP D 294 10.93 48.49 0.74
CA TRP D 294 11.65 49.64 0.23
C TRP D 294 12.25 49.36 -1.15
N ALA D 295 12.96 48.24 -1.26
CA ALA D 295 13.62 47.86 -2.51
C ALA D 295 12.60 47.61 -3.61
N GLN D 296 11.50 46.95 -3.27
CA GLN D 296 10.44 46.70 -4.24
C GLN D 296 9.78 48.01 -4.65
N GLY D 297 9.78 48.97 -3.75
CA GLY D 297 9.24 50.29 -4.04
C GLY D 297 10.13 51.08 -4.97
N ARG D 298 11.44 50.91 -4.83
CA ARG D 298 12.41 51.64 -5.64
C ARG D 298 12.85 50.84 -6.85
N GLY D 299 12.26 49.66 -7.03
CA GLY D 299 12.56 48.82 -8.19
C GLY D 299 13.97 48.27 -8.20
N LEU D 300 14.55 48.07 -7.01
CA LEU D 300 15.89 47.53 -6.89
C LEU D 300 15.87 46.01 -6.75
N SER D 301 14.68 45.44 -6.60
CA SER D 301 14.54 44.01 -6.42
C SER D 301 13.50 43.42 -7.37
N GLY D 302 13.87 42.35 -8.07
CA GLY D 302 12.97 41.72 -9.02
C GLY D 302 13.56 40.45 -9.65
N SER D 303 12.91 39.99 -10.71
CA SER D 303 13.30 38.75 -11.37
C SER D 303 14.25 39.00 -12.54
N GLY D 304 14.55 40.27 -12.80
CA GLY D 304 15.46 40.64 -13.87
C GLY D 304 16.87 40.75 -13.34
N PRO D 305 17.67 41.66 -13.91
CA PRO D 305 19.02 41.89 -13.36
C PRO D 305 18.96 42.72 -12.09
N LEU D 306 18.11 42.31 -11.14
CA LEU D 306 17.94 43.03 -9.88
C LEU D 306 18.27 42.11 -8.73
N LEU D 307 18.17 42.61 -7.51
CA LEU D 307 18.40 41.78 -6.33
C LEU D 307 17.22 40.86 -6.10
N SER D 308 17.49 39.56 -6.02
CA SER D 308 16.44 38.62 -5.62
C SER D 308 16.15 38.87 -4.15
N ASN D 309 14.92 38.58 -3.72
CA ASN D 309 14.55 38.77 -2.32
C ASN D 309 15.46 37.98 -1.39
N TYR D 310 15.94 36.84 -1.87
CA TYR D 310 16.90 36.03 -1.12
C TYR D 310 18.23 36.75 -1.01
N ALA D 311 18.67 37.37 -2.10
CA ALA D 311 19.91 38.14 -2.10
C ALA D 311 19.81 39.33 -1.17
N LEU D 312 18.69 40.05 -1.24
CA LEU D 312 18.46 41.20 -0.38
C LEU D 312 18.45 40.80 1.09
N THR D 313 17.77 39.69 1.39
CA THR D 313 17.72 39.17 2.74
C THR D 313 19.11 38.80 3.25
N LEU D 314 19.88 38.12 2.41
CA LEU D 314 21.26 37.77 2.73
C LEU D 314 22.10 39.00 2.98
N LEU D 315 21.78 40.07 2.27
CA LEU D 315 22.49 41.34 2.43
C LEU D 315 22.17 41.97 3.78
N VAL D 316 20.89 41.93 4.16
CA VAL D 316 20.47 42.45 5.46
C VAL D 316 21.11 41.67 6.60
N ILE D 317 21.11 40.35 6.47
CA ILE D 317 21.74 39.47 7.45
C ILE D 317 23.24 39.75 7.56
N TYR D 318 23.89 39.91 6.40
CA TYR D 318 25.30 40.24 6.37
C TYR D 318 25.56 41.54 7.12
N PHE D 319 24.78 42.57 6.80
CA PHE D 319 24.90 43.87 7.47
C PHE D 319 24.74 43.71 8.99
N LEU D 320 23.78 42.90 9.41
CA LEU D 320 23.56 42.67 10.83
C LEU D 320 24.73 41.93 11.48
N GLN D 321 25.44 41.13 10.69
CA GLN D 321 26.60 40.41 11.19
C GLN D 321 27.80 41.34 11.39
N THR D 322 27.82 42.44 10.66
CA THR D 322 28.99 43.34 10.62
C THR D 322 28.94 44.51 11.60
N ARG D 323 27.92 44.57 12.45
CA ARG D 323 27.78 45.71 13.35
C ARG D 323 28.81 45.68 14.47
N ASP D 324 28.85 46.71 15.31
CA ASP D 324 29.92 46.83 16.29
C ASP D 324 29.85 45.69 17.31
N PRO D 325 28.75 45.54 18.06
CA PRO D 325 28.53 44.14 18.42
C PRO D 325 27.81 43.44 17.27
N PRO D 326 28.05 42.14 17.07
CA PRO D 326 27.26 41.45 16.05
C PRO D 326 25.81 41.27 16.48
N VAL D 327 24.87 41.57 15.59
CA VAL D 327 23.46 41.29 15.86
C VAL D 327 23.18 39.83 15.57
N LEU D 328 23.75 39.34 14.48
CA LEU D 328 23.67 37.93 14.13
C LEU D 328 25.08 37.35 14.02
N PRO D 329 25.25 36.08 14.43
CA PRO D 329 26.55 35.41 14.35
C PRO D 329 26.92 35.04 12.93
N THR D 330 28.21 34.81 12.68
CA THR D 330 28.65 34.36 11.37
C THR D 330 28.28 32.89 11.19
N VAL D 331 28.11 32.46 9.95
CA VAL D 331 27.71 31.09 9.65
C VAL D 331 28.77 30.10 10.14
N SER D 332 30.02 30.56 10.22
CA SER D 332 31.09 29.74 10.77
C SER D 332 30.87 29.52 12.26
N GLN D 333 30.41 30.56 12.95
CA GLN D 333 30.10 30.47 14.37
C GLN D 333 28.95 29.49 14.61
N LEU D 334 27.96 29.54 13.71
CA LEU D 334 26.81 28.67 13.80
C LEU D 334 27.18 27.21 13.55
N THR D 335 27.99 26.98 12.52
CA THR D 335 28.38 25.63 12.17
C THR D 335 29.36 25.09 13.21
N GLN D 336 30.01 25.98 13.94
CA GLN D 336 30.87 25.58 15.03
C GLN D 336 30.04 25.24 16.27
N LYS D 337 28.95 25.97 16.45
CA LYS D 337 28.05 25.76 17.57
C LYS D 337 26.99 24.70 17.26
N ALA D 338 27.08 24.12 16.07
CA ALA D 338 26.11 23.14 15.59
C ALA D 338 26.01 21.93 16.53
N GLY D 339 27.14 21.28 16.78
CA GLY D 339 27.15 20.10 17.62
C GLY D 339 26.93 18.82 16.82
N GLU D 340 27.40 17.71 17.36
CA GLU D 340 27.30 16.42 16.68
C GLU D 340 25.86 15.99 16.47
N GLY D 341 25.59 15.36 15.32
CA GLY D 341 24.26 14.89 14.99
C GLY D 341 23.44 15.91 14.23
N GLU D 342 23.80 17.18 14.37
CA GLU D 342 23.17 18.25 13.61
C GLU D 342 24.01 18.57 12.38
N GLN D 343 25.10 17.84 12.21
CA GLN D 343 26.00 18.02 11.08
C GLN D 343 25.43 17.36 9.82
N VAL D 344 25.32 18.15 8.75
CA VAL D 344 24.74 17.67 7.51
C VAL D 344 25.53 18.18 6.30
N GLU D 345 25.83 17.29 5.36
CA GLU D 345 26.51 17.66 4.13
C GLU D 345 25.57 17.56 2.93
N VAL D 346 25.39 18.67 2.23
CA VAL D 346 24.55 18.70 1.04
C VAL D 346 25.32 19.19 -0.18
N ASP D 347 25.38 18.35 -1.21
CA ASP D 347 26.15 18.62 -2.42
C ASP D 347 27.61 18.93 -2.11
N GLY D 348 28.13 18.30 -1.06
CA GLY D 348 29.51 18.50 -0.65
C GLY D 348 29.67 19.69 0.30
N TRP D 349 28.65 20.53 0.36
CA TRP D 349 28.68 21.71 1.21
C TRP D 349 28.19 21.40 2.61
N ASP D 350 28.81 22.02 3.61
CA ASP D 350 28.40 21.82 4.99
C ASP D 350 27.27 22.76 5.37
N CYS D 351 26.11 22.16 5.66
CA CYS D 351 24.90 22.91 6.00
C CYS D 351 24.63 23.00 7.50
N SER D 352 25.56 22.51 8.31
CA SER D 352 25.32 22.36 9.75
C SER D 352 25.08 23.68 10.49
N PHE D 353 23.94 23.78 11.15
CA PHE D 353 23.64 24.85 12.11
C PHE D 353 22.71 24.32 13.20
N PRO D 354 22.70 24.95 14.38
CA PRO D 354 21.82 24.55 15.48
C PRO D 354 20.34 24.54 15.09
N ARG D 355 19.56 23.69 15.76
CA ARG D 355 18.13 23.53 15.43
C ARG D 355 17.29 24.66 16.01
N ASP D 356 17.56 25.02 17.27
CA ASP D 356 16.81 26.09 17.91
C ASP D 356 17.74 27.15 18.51
N ALA D 357 17.28 28.39 18.52
CA ALA D 357 18.08 29.52 18.98
C ALA D 357 18.25 29.55 20.50
N SER D 358 17.54 28.65 21.19
CA SER D 358 17.58 28.60 22.65
C SER D 358 18.98 28.30 23.18
N ARG D 359 19.71 27.44 22.48
CA ARG D 359 21.04 27.03 22.90
C ARG D 359 22.05 28.15 22.72
N LEU D 360 21.78 29.03 21.76
CA LEU D 360 22.71 30.11 21.41
C LEU D 360 22.50 31.36 22.24
N GLU D 361 23.60 32.03 22.57
CA GLU D 361 23.56 33.24 23.38
C GLU D 361 23.02 34.43 22.58
N PRO D 362 22.26 35.31 23.24
CA PRO D 362 21.67 36.51 22.63
C PRO D 362 22.72 37.53 22.21
N SER D 363 22.32 38.46 21.35
CA SER D 363 23.22 39.53 20.91
C SER D 363 23.33 40.61 21.99
N ILE D 364 24.52 41.19 22.13
CA ILE D 364 24.74 42.27 23.08
C ILE D 364 24.56 43.63 22.41
N ASN D 365 24.14 43.60 21.15
CA ASN D 365 23.89 44.83 20.39
C ASN D 365 22.56 45.45 20.77
N VAL D 366 22.60 46.68 21.27
CA VAL D 366 21.43 47.34 21.83
C VAL D 366 20.74 48.29 20.84
N GLU D 367 21.29 48.42 19.65
CA GLU D 367 20.78 49.35 18.64
C GLU D 367 19.30 49.12 18.31
N PRO D 368 18.49 50.18 18.38
CA PRO D 368 17.07 50.16 18.03
C PRO D 368 16.84 49.99 16.53
N LEU D 369 15.62 49.62 16.15
CA LEU D 369 15.29 49.31 14.75
C LEU D 369 15.57 50.46 13.80
N SER D 370 15.17 51.68 14.18
CA SER D 370 15.36 52.86 13.34
C SER D 370 16.85 53.09 13.10
N SER D 371 17.62 53.04 14.17
CA SER D 371 19.07 53.23 14.10
C SER D 371 19.70 52.18 13.19
N LEU D 372 19.20 50.95 13.27
CA LEU D 372 19.72 49.87 12.45
C LEU D 372 19.39 50.04 10.98
N LEU D 373 18.19 50.56 10.71
CA LEU D 373 17.77 50.81 9.34
C LEU D 373 18.62 51.91 8.70
N ALA D 374 18.72 53.03 9.42
CA ALA D 374 19.54 54.16 8.99
C ALA D 374 20.98 53.72 8.77
N GLN D 375 21.49 52.95 9.73
CA GLN D 375 22.86 52.44 9.69
C GLN D 375 23.04 51.50 8.50
N PHE D 376 21.99 50.78 8.12
CA PHE D 376 22.03 49.93 6.94
C PHE D 376 22.19 50.76 5.70
N PHE D 377 21.29 51.74 5.54
CA PHE D 377 21.33 52.62 4.38
C PHE D 377 22.69 53.29 4.23
N SER D 378 23.23 53.84 5.32
CA SER D 378 24.53 54.48 5.26
C SER D 378 25.64 53.47 4.96
N ALA D 379 25.52 52.28 5.52
CA ALA D 379 26.48 51.20 5.28
C ALA D 379 26.59 50.88 3.81
N VAL D 380 25.52 50.35 3.23
CA VAL D 380 25.54 49.95 1.83
C VAL D 380 25.73 51.14 0.90
N SER D 381 25.42 52.34 1.40
CA SER D 381 25.73 53.57 0.67
C SER D 381 27.22 53.62 0.37
N SER D 382 28.03 53.73 1.41
CA SER D 382 29.48 53.73 1.25
C SER D 382 30.08 52.39 1.60
N TRP D 383 30.46 51.65 0.56
CA TRP D 383 31.11 50.36 0.66
C TRP D 383 31.81 50.12 -0.67
N ASP D 384 32.81 49.25 -0.70
CA ASP D 384 33.32 48.84 -2.00
C ASP D 384 32.62 47.56 -2.39
N LEU D 385 31.70 47.66 -3.33
CA LEU D 385 30.89 46.51 -3.75
C LEU D 385 31.61 45.65 -4.77
N ARG D 386 32.25 46.29 -5.74
CA ARG D 386 32.96 45.58 -6.78
C ARG D 386 34.29 45.02 -6.25
N GLY D 387 34.81 45.65 -5.21
CA GLY D 387 36.10 45.26 -4.67
C GLY D 387 36.02 44.35 -3.47
N SER D 388 34.82 43.94 -3.10
CA SER D 388 34.65 43.09 -1.93
C SER D 388 33.68 41.94 -2.16
N LEU D 389 34.10 40.75 -1.73
CA LEU D 389 33.21 39.59 -1.66
C LEU D 389 32.63 39.54 -0.26
N LEU D 390 31.33 39.76 -0.15
CA LEU D 390 30.68 39.78 1.17
C LEU D 390 30.44 38.35 1.63
N SER D 391 31.05 38.00 2.75
CA SER D 391 31.01 36.63 3.25
C SER D 391 30.16 36.54 4.52
N LEU D 392 29.07 35.78 4.43
CA LEU D 392 28.23 35.51 5.59
C LEU D 392 28.88 34.45 6.45
N ARG D 393 29.64 33.57 5.82
CA ARG D 393 30.33 32.51 6.53
C ARG D 393 31.40 33.09 7.44
N GLU D 394 32.24 33.96 6.88
CA GLU D 394 33.28 34.63 7.64
C GLU D 394 32.72 35.84 8.39
N GLY D 395 31.55 36.31 7.97
CA GLY D 395 30.93 37.48 8.56
C GLY D 395 31.81 38.72 8.36
N GLN D 396 32.13 39.02 7.10
CA GLN D 396 33.18 39.99 6.81
C GLN D 396 33.28 40.27 5.31
N ALA D 397 33.94 41.37 4.95
CA ALA D 397 34.13 41.71 3.54
C ALA D 397 35.53 41.35 3.09
N LEU D 398 35.62 40.32 2.24
CA LEU D 398 36.90 39.86 1.73
C LEU D 398 37.36 40.73 0.56
N PRO D 399 38.51 41.38 0.71
CA PRO D 399 39.03 42.20 -0.40
C PRO D 399 39.42 41.32 -1.60
N VAL D 400 38.92 41.68 -2.79
CA VAL D 400 39.15 40.89 -3.98
C VAL D 400 40.54 41.14 -4.53
N ALA D 401 41.10 42.30 -4.19
CA ALA D 401 42.44 42.70 -4.65
C ALA D 401 43.48 41.66 -4.27
N GLY D 402 43.73 41.51 -2.97
CA GLY D 402 44.70 40.55 -2.48
C GLY D 402 44.11 39.16 -2.40
N GLY D 403 42.78 39.09 -2.34
CA GLY D 403 42.09 37.82 -2.25
C GLY D 403 42.16 37.01 -3.53
N LEU D 404 41.53 35.83 -3.53
CA LEU D 404 40.84 35.31 -2.35
C LEU D 404 41.37 33.93 -1.99
N PRO D 405 42.49 33.88 -1.25
CA PRO D 405 43.14 32.59 -0.93
C PRO D 405 42.23 31.66 -0.15
N SER D 406 41.24 32.22 0.52
CA SER D 406 40.27 31.44 1.29
C SER D 406 39.20 30.81 0.41
N ASN D 407 38.81 31.52 -0.65
CA ASN D 407 37.73 31.05 -1.51
C ASN D 407 38.24 30.42 -2.80
N LEU D 408 38.68 31.25 -3.74
CA LEU D 408 39.35 30.78 -4.95
C LEU D 408 38.52 29.79 -5.77
N TRP D 409 37.19 29.89 -5.68
CA TRP D 409 36.31 28.99 -6.40
C TRP D 409 36.22 29.35 -7.88
N GLU D 410 36.36 28.35 -8.75
CA GLU D 410 36.27 28.57 -10.18
C GLU D 410 34.90 29.06 -10.61
N GLY D 411 33.86 28.56 -9.94
CA GLY D 411 32.50 28.89 -10.30
C GLY D 411 31.95 30.14 -9.64
N LEU D 412 32.83 30.90 -8.99
CA LEU D 412 32.40 32.13 -8.33
C LEU D 412 32.55 33.33 -9.25
N ARG D 413 31.41 33.90 -9.63
CA ARG D 413 31.39 35.04 -10.54
C ARG D 413 31.49 36.34 -9.75
N LEU D 414 32.42 37.21 -10.15
CA LEU D 414 32.60 38.47 -9.44
C LEU D 414 32.17 39.67 -10.29
N GLY D 415 31.05 40.26 -9.90
CA GLY D 415 30.50 41.39 -10.61
C GLY D 415 30.61 42.70 -9.85
N PRO D 416 29.70 43.65 -10.14
CA PRO D 416 29.59 44.95 -9.47
C PRO D 416 29.14 44.80 -8.03
N LEU D 417 28.46 43.69 -7.73
CA LEU D 417 28.01 43.38 -6.37
C LEU D 417 28.27 41.91 -6.07
N ASN D 418 29.01 41.65 -5.00
CA ASN D 418 29.38 40.28 -4.67
C ASN D 418 28.87 39.85 -3.30
N LEU D 419 27.93 38.92 -3.31
CA LEU D 419 27.34 38.41 -2.08
C LEU D 419 27.38 36.88 -2.08
N GLN D 420 28.17 36.31 -1.18
CA GLN D 420 28.37 34.87 -1.16
C GLN D 420 27.30 34.14 -0.37
N ASP D 421 26.81 33.04 -0.93
CA ASP D 421 25.84 32.18 -0.26
C ASP D 421 26.49 31.56 0.98
N PRO D 422 25.73 31.47 2.08
CA PRO D 422 26.28 30.94 3.35
C PRO D 422 26.71 29.48 3.29
N PHE D 423 26.22 28.75 2.29
CA PHE D 423 26.46 27.31 2.22
C PHE D 423 27.19 26.92 0.94
N ASP D 424 26.59 27.21 -0.21
CA ASP D 424 27.31 27.03 -1.47
C ASP D 424 28.26 28.22 -1.60
N LEU D 425 29.56 27.93 -1.59
CA LEU D 425 30.57 28.99 -1.51
C LEU D 425 31.03 29.43 -2.89
N SER D 426 30.61 28.69 -3.92
CA SER D 426 30.95 29.05 -5.28
C SER D 426 29.84 29.90 -5.91
N HIS D 427 28.76 30.11 -5.16
CA HIS D 427 27.62 30.84 -5.68
C HIS D 427 27.52 32.27 -5.15
N ASN D 428 27.60 33.22 -6.07
CA ASN D 428 27.31 34.62 -5.77
C ASN D 428 25.85 34.91 -6.10
N VAL D 429 25.04 35.17 -5.07
CA VAL D 429 23.62 35.39 -5.26
C VAL D 429 23.34 36.72 -5.95
N ALA D 430 24.34 37.60 -5.93
CA ALA D 430 24.23 38.92 -6.56
C ALA D 430 24.86 38.94 -7.96
N ALA D 431 25.33 37.79 -8.42
CA ALA D 431 26.07 37.69 -9.67
C ALA D 431 25.27 38.17 -10.89
N ASN D 432 23.95 38.22 -10.76
CA ASN D 432 23.09 38.66 -11.84
C ASN D 432 22.94 40.18 -11.92
N VAL D 433 23.39 40.86 -10.88
CA VAL D 433 23.18 42.30 -10.76
C VAL D 433 24.17 43.09 -11.63
N THR D 434 23.62 43.87 -12.56
CA THR D 434 24.41 44.69 -13.46
C THR D 434 24.99 45.92 -12.75
N SER D 435 26.01 46.51 -13.36
CA SER D 435 26.65 47.72 -12.84
C SER D 435 25.63 48.85 -12.63
N ARG D 436 24.69 48.96 -13.56
CA ARG D 436 23.65 49.98 -13.50
C ARG D 436 22.77 49.80 -12.26
N VAL D 437 22.34 48.57 -12.02
CA VAL D 437 21.45 48.27 -10.89
C VAL D 437 22.17 48.42 -9.56
N ALA D 438 23.44 48.04 -9.51
CA ALA D 438 24.24 48.21 -8.32
C ALA D 438 24.43 49.70 -8.04
N GLY D 439 24.65 50.47 -9.10
CA GLY D 439 24.80 51.91 -8.98
C GLY D 439 23.54 52.56 -8.45
N ARG D 440 22.40 52.19 -9.03
CA ARG D 440 21.12 52.73 -8.57
C ARG D 440 20.87 52.32 -7.12
N LEU D 441 21.33 51.13 -6.77
CA LEU D 441 21.21 50.64 -5.40
C LEU D 441 21.97 51.55 -4.44
N GLN D 442 23.25 51.78 -4.71
CA GLN D 442 24.06 52.61 -3.82
C GLN D 442 23.60 54.06 -3.78
N ASN D 443 23.09 54.56 -4.91
CA ASN D 443 22.56 55.91 -4.95
C ASN D 443 21.30 56.05 -4.10
N CYS D 444 20.34 55.16 -4.33
CA CYS D 444 19.11 55.14 -3.56
C CYS D 444 19.38 54.96 -2.08
N CYS D 445 20.39 54.16 -1.75
CA CYS D 445 20.76 53.92 -0.37
C CYS D 445 21.43 55.14 0.25
N ARG D 446 22.16 55.91 -0.57
CA ARG D 446 22.78 57.13 -0.10
C ARG D 446 21.72 58.19 0.20
N ALA D 447 20.75 58.31 -0.70
CA ALA D 447 19.65 59.25 -0.51
C ALA D 447 18.81 58.86 0.70
N ALA D 448 18.47 57.58 0.80
CA ALA D 448 17.69 57.07 1.91
C ALA D 448 18.44 57.22 3.23
N ALA D 449 19.77 57.16 3.17
CA ALA D 449 20.60 57.37 4.36
C ALA D 449 20.55 58.83 4.76
N ASN D 450 20.60 59.72 3.77
CA ASN D 450 20.49 61.15 4.04
C ASN D 450 19.15 61.50 4.66
N TYR D 451 18.08 60.85 4.20
CA TYR D 451 16.76 61.05 4.80
C TYR D 451 16.68 60.41 6.18
N ALA D 452 17.44 59.34 6.38
CA ALA D 452 17.39 58.59 7.63
C ALA D 452 17.97 59.39 8.79
N ARG D 453 18.76 60.41 8.46
CA ARG D 453 19.35 61.27 9.48
C ARG D 453 18.49 62.53 9.68
N SER D 454 17.39 62.60 8.95
CA SER D 454 16.48 63.75 9.04
C SER D 454 15.58 63.68 10.27
N LEU D 455 15.13 64.84 10.74
CA LEU D 455 14.18 64.90 11.85
C LEU D 455 12.83 64.34 11.43
N GLN D 456 12.53 64.45 10.15
CA GLN D 456 11.30 63.91 9.58
C GLN D 456 11.22 62.41 9.78
N TYR D 457 12.37 61.75 9.68
CA TYR D 457 12.46 60.31 9.90
C TYR D 457 12.45 59.99 11.39
N GLN D 458 13.12 60.83 12.18
CA GLN D 458 13.32 60.56 13.60
C GLN D 458 12.10 60.87 14.46
N ARG D 459 11.38 61.95 14.16
CA ARG D 459 10.22 62.31 14.96
C ARG D 459 8.90 61.96 14.27
N ARG D 460 7.80 62.14 15.00
CA ARG D 460 6.45 61.99 14.43
C ARG D 460 6.00 63.26 13.74
N SER D 461 5.07 63.12 12.80
CA SER D 461 4.47 64.29 12.16
C SER D 461 3.36 64.86 13.03
N SER D 462 3.46 66.14 13.34
CA SER D 462 2.49 66.81 14.19
C SER D 462 1.20 67.13 13.42
N ARG D 463 1.35 67.68 12.23
CA ARG D 463 0.22 68.12 11.42
C ARG D 463 -0.30 67.03 10.49
N GLY D 464 0.27 65.83 10.60
CA GLY D 464 -0.16 64.71 9.80
C GLY D 464 0.52 64.59 8.45
N ARG D 465 1.73 65.15 8.35
CA ARG D 465 2.54 64.99 7.14
C ARG D 465 3.13 63.58 7.09
N ASP D 466 3.94 63.32 6.08
CA ASP D 466 4.62 62.03 5.98
C ASP D 466 5.85 62.02 6.90
N TRP D 467 5.88 61.06 7.81
CA TRP D 467 6.97 60.98 8.78
C TRP D 467 7.54 59.56 8.87
N GLY D 468 8.80 59.48 9.29
CA GLY D 468 9.43 58.19 9.54
C GLY D 468 9.53 57.31 8.31
N LEU D 469 8.95 56.11 8.42
CA LEU D 469 9.06 55.08 7.40
C LEU D 469 8.26 55.42 6.13
N LEU D 470 7.33 56.36 6.24
CA LEU D 470 6.37 56.62 5.18
C LEU D 470 6.98 57.18 3.88
N PRO D 471 7.86 58.20 3.96
CA PRO D 471 8.45 58.68 2.70
C PRO D 471 9.39 57.66 2.03
N LEU D 472 9.87 56.68 2.79
CA LEU D 472 10.75 55.66 2.24
C LEU D 472 9.98 54.63 1.42
N LEU D 473 8.71 54.45 1.76
CA LEU D 473 7.90 53.42 1.09
C LEU D 473 7.05 53.98 -0.06
N GLN D 474 7.15 55.28 -0.31
CA GLN D 474 6.43 55.89 -1.42
C GLN D 474 7.21 55.75 -2.72
N PRO D 475 6.50 55.40 -3.82
CA PRO D 475 7.12 55.22 -5.13
C PRO D 475 7.64 56.52 -5.73
MG MG E . 5.78 -22.24 12.37
MG MG F . 0.84 1.41 -2.36
MG MG G . 3.24 -12.44 -26.52
MG MG H . -6.97 9.34 -5.67
MG MG I . -17.87 17.78 19.58
MG MG J . -2.24 7.04 -0.17
MG MG K . 7.73 31.29 -7.68
#